data_3KZZ
# 
_entry.id   3KZZ 
# 
_audit_conform.dict_name       mmcif_pdbx.dic 
_audit_conform.dict_version    5.380 
_audit_conform.dict_location   http://mmcif.pdb.org/dictionaries/ascii/mmcif_pdbx.dic 
# 
loop_
_database_2.database_id 
_database_2.database_code 
_database_2.pdbx_database_accession 
_database_2.pdbx_DOI 
PDB   3KZZ         pdb_00003kzz 10.2210/pdb3kzz/pdb 
RCSB  RCSB056659   ?            ?                   
WWPDB D_1000056659 ?            ?                   
# 
loop_
_pdbx_database_related.db_name 
_pdbx_database_related.db_id 
_pdbx_database_related.details 
_pdbx_database_related.content_type 
PDB 3KZY SNAP-tag              unspecified 
PDB 3L00 'benzylated SNAP-tag' unspecified 
# 
_pdbx_database_status.status_code                     REL 
_pdbx_database_status.entry_id                        3KZZ 
_pdbx_database_status.recvd_initial_deposition_date   2009-12-09 
_pdbx_database_status.deposit_site                    RCSB 
_pdbx_database_status.process_site                    PDBJ 
_pdbx_database_status.status_code_sf                  REL 
_pdbx_database_status.status_code_mr                  ? 
_pdbx_database_status.SG_entry                        ? 
_pdbx_database_status.status_code_cs                  ? 
_pdbx_database_status.pdb_format_compatible           Y 
_pdbx_database_status.status_code_nmr_data            ? 
_pdbx_database_status.methods_development_category    ? 
# 
loop_
_audit_author.name 
_audit_author.pdbx_ordinal 
'Schmitt, S.'  1 
'Pojer, F.'    2 
'Schiltz, M.'  3 
'Johnsson, K.' 4 
# 
_citation.id                        primary 
_citation.title                     'SNAP-tag structure' 
_citation.journal_abbrev            'To be Published' 
_citation.journal_volume            ? 
_citation.page_first                ? 
_citation.page_last                 ? 
_citation.year                      ? 
_citation.journal_id_ASTM           ? 
_citation.country                   ? 
_citation.journal_id_ISSN           ? 
_citation.journal_id_CSD            0353 
_citation.book_publisher            ? 
_citation.pdbx_database_id_PubMed   ? 
_citation.pdbx_database_id_DOI      ? 
# 
loop_
_citation_author.citation_id 
_citation_author.name 
_citation_author.ordinal 
_citation_author.identifier_ORCID 
primary 'Schmitt, S.'   1 ? 
primary 'Mollwitz, B.'  2 ? 
primary 'Pojer, F.'     3 ? 
primary 'Bannwarth, M.' 4 ? 
primary 'Schiltz, M.'   5 ? 
primary 'Johnsson, K.'  6 ? 
# 
_cell.entry_id           3KZZ 
_cell.length_a           77.160 
_cell.length_b           77.160 
_cell.length_c           64.810 
_cell.angle_alpha        90.00 
_cell.angle_beta         90.00 
_cell.angle_gamma        90.00 
_cell.Z_PDB              8 
_cell.pdbx_unique_axis   ? 
_cell.length_a_esd       ? 
_cell.length_b_esd       ? 
_cell.length_c_esd       ? 
_cell.angle_alpha_esd    ? 
_cell.angle_beta_esd     ? 
_cell.angle_gamma_esd    ? 
# 
_symmetry.entry_id                         3KZZ 
_symmetry.space_group_name_H-M             'P 43 2 2' 
_symmetry.pdbx_full_space_group_name_H-M   ? 
_symmetry.cell_setting                     ? 
_symmetry.Int_Tables_number                95 
_symmetry.space_group_name_Hall            ? 
# 
loop_
_entity.id 
_entity.type 
_entity.src_method 
_entity.pdbx_description 
_entity.formula_weight 
_entity.pdbx_number_of_molecules 
_entity.pdbx_ec 
_entity.pdbx_mutation 
_entity.pdbx_fragment 
_entity.details 
1 polymer     man SNAP-tag                         19405.201 1   2.1.1.63 C145A ? ? 
2 non-polymer syn 'ZINC ION'                       65.409    1   ?        ?     ? ? 
3 non-polymer syn '6-(benzyloxy)-9H-purin-2-amine' 241.249   1   ?        ?     ? ? 
4 water       nat water                            18.015    114 ?        ?     ? ? 
# 
_entity_poly.entity_id                      1 
_entity_poly.type                           'polypeptide(L)' 
_entity_poly.nstd_linkage                   no 
_entity_poly.nstd_monomer                   no 
_entity_poly.pdbx_seq_one_letter_code       
;GPGSDKDCEMKRTTLDSPLGKLELSGCEQGLHEIIFLGKGTSAADAVEVPAPAAVLGGPEPLMQATAWLNAYFHQPEAIE
EFPVPALHHPVFQQESFTRQVLWKLLKVVKFGEVISYSHLAALAGNPAATAAVKTALSGNPVPILIPAHRVVQGDLDVGG
YEGGLAVKEWLLAHEGHRLGKR
;
_entity_poly.pdbx_seq_one_letter_code_can   
;GPGSDKDCEMKRTTLDSPLGKLELSGCEQGLHEIIFLGKGTSAADAVEVPAPAAVLGGPEPLMQATAWLNAYFHQPEAIE
EFPVPALHHPVFQQESFTRQVLWKLLKVVKFGEVISYSHLAALAGNPAATAAVKTALSGNPVPILIPAHRVVQGDLDVGG
YEGGLAVKEWLLAHEGHRLGKR
;
_entity_poly.pdbx_strand_id                 A 
_entity_poly.pdbx_target_identifier         ? 
# 
loop_
_entity_poly_seq.entity_id 
_entity_poly_seq.num 
_entity_poly_seq.mon_id 
_entity_poly_seq.hetero 
1 1   GLY n 
1 2   PRO n 
1 3   GLY n 
1 4   SER n 
1 5   ASP n 
1 6   LYS n 
1 7   ASP n 
1 8   CYS n 
1 9   GLU n 
1 10  MET n 
1 11  LYS n 
1 12  ARG n 
1 13  THR n 
1 14  THR n 
1 15  LEU n 
1 16  ASP n 
1 17  SER n 
1 18  PRO n 
1 19  LEU n 
1 20  GLY n 
1 21  LYS n 
1 22  LEU n 
1 23  GLU n 
1 24  LEU n 
1 25  SER n 
1 26  GLY n 
1 27  CYS n 
1 28  GLU n 
1 29  GLN n 
1 30  GLY n 
1 31  LEU n 
1 32  HIS n 
1 33  GLU n 
1 34  ILE n 
1 35  ILE n 
1 36  PHE n 
1 37  LEU n 
1 38  GLY n 
1 39  LYS n 
1 40  GLY n 
1 41  THR n 
1 42  SER n 
1 43  ALA n 
1 44  ALA n 
1 45  ASP n 
1 46  ALA n 
1 47  VAL n 
1 48  GLU n 
1 49  VAL n 
1 50  PRO n 
1 51  ALA n 
1 52  PRO n 
1 53  ALA n 
1 54  ALA n 
1 55  VAL n 
1 56  LEU n 
1 57  GLY n 
1 58  GLY n 
1 59  PRO n 
1 60  GLU n 
1 61  PRO n 
1 62  LEU n 
1 63  MET n 
1 64  GLN n 
1 65  ALA n 
1 66  THR n 
1 67  ALA n 
1 68  TRP n 
1 69  LEU n 
1 70  ASN n 
1 71  ALA n 
1 72  TYR n 
1 73  PHE n 
1 74  HIS n 
1 75  GLN n 
1 76  PRO n 
1 77  GLU n 
1 78  ALA n 
1 79  ILE n 
1 80  GLU n 
1 81  GLU n 
1 82  PHE n 
1 83  PRO n 
1 84  VAL n 
1 85  PRO n 
1 86  ALA n 
1 87  LEU n 
1 88  HIS n 
1 89  HIS n 
1 90  PRO n 
1 91  VAL n 
1 92  PHE n 
1 93  GLN n 
1 94  GLN n 
1 95  GLU n 
1 96  SER n 
1 97  PHE n 
1 98  THR n 
1 99  ARG n 
1 100 GLN n 
1 101 VAL n 
1 102 LEU n 
1 103 TRP n 
1 104 LYS n 
1 105 LEU n 
1 106 LEU n 
1 107 LYS n 
1 108 VAL n 
1 109 VAL n 
1 110 LYS n 
1 111 PHE n 
1 112 GLY n 
1 113 GLU n 
1 114 VAL n 
1 115 ILE n 
1 116 SER n 
1 117 TYR n 
1 118 SER n 
1 119 HIS n 
1 120 LEU n 
1 121 ALA n 
1 122 ALA n 
1 123 LEU n 
1 124 ALA n 
1 125 GLY n 
1 126 ASN n 
1 127 PRO n 
1 128 ALA n 
1 129 ALA n 
1 130 THR n 
1 131 ALA n 
1 132 ALA n 
1 133 VAL n 
1 134 LYS n 
1 135 THR n 
1 136 ALA n 
1 137 LEU n 
1 138 SER n 
1 139 GLY n 
1 140 ASN n 
1 141 PRO n 
1 142 VAL n 
1 143 PRO n 
1 144 ILE n 
1 145 LEU n 
1 146 ILE n 
1 147 PRO n 
1 148 ALA n 
1 149 HIS n 
1 150 ARG n 
1 151 VAL n 
1 152 VAL n 
1 153 GLN n 
1 154 GLY n 
1 155 ASP n 
1 156 LEU n 
1 157 ASP n 
1 158 VAL n 
1 159 GLY n 
1 160 GLY n 
1 161 TYR n 
1 162 GLU n 
1 163 GLY n 
1 164 GLY n 
1 165 LEU n 
1 166 ALA n 
1 167 VAL n 
1 168 LYS n 
1 169 GLU n 
1 170 TRP n 
1 171 LEU n 
1 172 LEU n 
1 173 ALA n 
1 174 HIS n 
1 175 GLU n 
1 176 GLY n 
1 177 HIS n 
1 178 ARG n 
1 179 LEU n 
1 180 GLY n 
1 181 LYS n 
1 182 ARG n 
# 
_entity_src_gen.entity_id                          1 
_entity_src_gen.pdbx_src_id                        1 
_entity_src_gen.pdbx_alt_source_flag               sample 
_entity_src_gen.pdbx_seq_type                      ? 
_entity_src_gen.pdbx_beg_seq_num                   ? 
_entity_src_gen.pdbx_end_seq_num                   ? 
_entity_src_gen.gene_src_common_name               ? 
_entity_src_gen.gene_src_genus                     ? 
_entity_src_gen.pdbx_gene_src_gene                 ? 
_entity_src_gen.gene_src_species                   ? 
_entity_src_gen.gene_src_strain                    ? 
_entity_src_gen.gene_src_tissue                    ? 
_entity_src_gen.gene_src_tissue_fraction           ? 
_entity_src_gen.gene_src_details                   ? 
_entity_src_gen.pdbx_gene_src_fragment             ? 
_entity_src_gen.pdbx_gene_src_scientific_name      'Homo sapiens' 
_entity_src_gen.pdbx_gene_src_ncbi_taxonomy_id     9606 
_entity_src_gen.pdbx_gene_src_variant              ? 
_entity_src_gen.pdbx_gene_src_cell_line            ? 
_entity_src_gen.pdbx_gene_src_atcc                 ? 
_entity_src_gen.pdbx_gene_src_organ                ? 
_entity_src_gen.pdbx_gene_src_organelle            ? 
_entity_src_gen.pdbx_gene_src_cell                 ? 
_entity_src_gen.pdbx_gene_src_cellular_location    ? 
_entity_src_gen.host_org_common_name               ? 
_entity_src_gen.pdbx_host_org_scientific_name      'Escherichia coli' 
_entity_src_gen.pdbx_host_org_ncbi_taxonomy_id     562 
_entity_src_gen.host_org_genus                     ? 
_entity_src_gen.pdbx_host_org_gene                 ? 
_entity_src_gen.pdbx_host_org_organ                ? 
_entity_src_gen.host_org_species                   ? 
_entity_src_gen.pdbx_host_org_tissue               ? 
_entity_src_gen.pdbx_host_org_tissue_fraction      ? 
_entity_src_gen.pdbx_host_org_strain               'BL21 (DE3)' 
_entity_src_gen.pdbx_host_org_variant              ? 
_entity_src_gen.pdbx_host_org_cell_line            ? 
_entity_src_gen.pdbx_host_org_atcc                 ? 
_entity_src_gen.pdbx_host_org_culture_collection   ? 
_entity_src_gen.pdbx_host_org_cell                 ? 
_entity_src_gen.pdbx_host_org_organelle            ? 
_entity_src_gen.pdbx_host_org_cellular_location    ? 
_entity_src_gen.pdbx_host_org_vector_type          plasmid 
_entity_src_gen.pdbx_host_org_vector               ? 
_entity_src_gen.host_org_details                   ? 
_entity_src_gen.expression_system_id               ? 
_entity_src_gen.plasmid_name                       pRSET 
_entity_src_gen.plasmid_details                    ? 
_entity_src_gen.pdbx_description                   ? 
# 
_struct_ref.id                         1 
_struct_ref.db_name                    PDB 
_struct_ref.db_code                    3KZZ 
_struct_ref.pdbx_db_accession          3KZZ 
_struct_ref.entity_id                  1 
_struct_ref.pdbx_align_begin           ? 
_struct_ref.pdbx_seq_one_letter_code   ? 
_struct_ref.pdbx_db_isoform            ? 
# 
_struct_ref_seq.align_id                      1 
_struct_ref_seq.ref_id                        1 
_struct_ref_seq.pdbx_PDB_id_code              3KZZ 
_struct_ref_seq.pdbx_strand_id                A 
_struct_ref_seq.seq_align_beg                 1 
_struct_ref_seq.pdbx_seq_align_beg_ins_code   ? 
_struct_ref_seq.seq_align_end                 182 
_struct_ref_seq.pdbx_seq_align_end_ins_code   ? 
_struct_ref_seq.pdbx_db_accession             3KZZ 
_struct_ref_seq.db_align_beg                  -2 
_struct_ref_seq.pdbx_db_align_beg_ins_code    ? 
_struct_ref_seq.db_align_end                  179 
_struct_ref_seq.pdbx_db_align_end_ins_code    ? 
_struct_ref_seq.pdbx_auth_seq_align_beg       -2 
_struct_ref_seq.pdbx_auth_seq_align_end       179 
# 
loop_
_chem_comp.id 
_chem_comp.type 
_chem_comp.mon_nstd_flag 
_chem_comp.name 
_chem_comp.pdbx_synonyms 
_chem_comp.formula 
_chem_comp.formula_weight 
ALA 'L-peptide linking' y ALANINE                          ?                'C3 H7 N O2'     89.093  
ARG 'L-peptide linking' y ARGININE                         ?                'C6 H15 N4 O2 1' 175.209 
ASN 'L-peptide linking' y ASPARAGINE                       ?                'C4 H8 N2 O3'    132.118 
ASP 'L-peptide linking' y 'ASPARTIC ACID'                  ?                'C4 H7 N O4'     133.103 
CYS 'L-peptide linking' y CYSTEINE                         ?                'C3 H7 N O2 S'   121.158 
GLN 'L-peptide linking' y GLUTAMINE                        ?                'C5 H10 N2 O3'   146.144 
GLU 'L-peptide linking' y 'GLUTAMIC ACID'                  ?                'C5 H9 N O4'     147.129 
GLY 'peptide linking'   y GLYCINE                          ?                'C2 H5 N O2'     75.067  
HIS 'L-peptide linking' y HISTIDINE                        ?                'C6 H10 N3 O2 1' 156.162 
HOH non-polymer         . WATER                            ?                'H2 O'           18.015  
ILE 'L-peptide linking' y ISOLEUCINE                       ?                'C6 H13 N O2'    131.173 
LEU 'L-peptide linking' y LEUCINE                          ?                'C6 H13 N O2'    131.173 
LYS 'L-peptide linking' y LYSINE                           ?                'C6 H15 N2 O2 1' 147.195 
MET 'L-peptide linking' y METHIONINE                       ?                'C5 H11 N O2 S'  149.211 
OBG non-polymer         . '6-(benzyloxy)-9H-purin-2-amine' o6-benzylguanine 'C12 H11 N5 O'   241.249 
PHE 'L-peptide linking' y PHENYLALANINE                    ?                'C9 H11 N O2'    165.189 
PRO 'L-peptide linking' y PROLINE                          ?                'C5 H9 N O2'     115.130 
SER 'L-peptide linking' y SERINE                           ?                'C3 H7 N O3'     105.093 
THR 'L-peptide linking' y THREONINE                        ?                'C4 H9 N O3'     119.119 
TRP 'L-peptide linking' y TRYPTOPHAN                       ?                'C11 H12 N2 O2'  204.225 
TYR 'L-peptide linking' y TYROSINE                         ?                'C9 H11 N O3'    181.189 
VAL 'L-peptide linking' y VALINE                           ?                'C5 H11 N O2'    117.146 
ZN  non-polymer         . 'ZINC ION'                       ?                'Zn 2'           65.409  
# 
_exptl.entry_id          3KZZ 
_exptl.method            'X-RAY DIFFRACTION' 
_exptl.crystals_number   1 
# 
_exptl_crystal.id                    1 
_exptl_crystal.density_meas          ? 
_exptl_crystal.density_Matthews      2.49 
_exptl_crystal.density_percent_sol   50.51 
_exptl_crystal.description           ? 
_exptl_crystal.F_000                 ? 
_exptl_crystal.preparation           ? 
# 
_exptl_crystal_grow.crystal_id      1 
_exptl_crystal_grow.method          'VAPOR DIFFUSION, HANGING DROP' 
_exptl_crystal_grow.temp            291 
_exptl_crystal_grow.temp_details    ? 
_exptl_crystal_grow.pH              6.5 
_exptl_crystal_grow.pdbx_details    
'32% PEG3350, 100 mM BisTris pH 6.5, 400 mM NaCl , VAPOR DIFFUSION, HANGING DROP, temperature 291K' 
_exptl_crystal_grow.pdbx_pH_range   ? 
# 
_diffrn.id                     1 
_diffrn.ambient_temp           100 
_diffrn.ambient_temp_details   ? 
_diffrn.crystal_id             1 
# 
_diffrn_detector.diffrn_id              1 
_diffrn_detector.detector               CCD 
_diffrn_detector.type                   'MAR CCD 165 mm' 
_diffrn_detector.pdbx_collection_date   2009-01-29 
_diffrn_detector.details                ? 
# 
_diffrn_radiation.diffrn_id                        1 
_diffrn_radiation.wavelength_id                    1 
_diffrn_radiation.pdbx_monochromatic_or_laue_m_l   M 
_diffrn_radiation.monochromator                    
'double crystal monochromator (with either Si (111) or Si (311)) between two cylindrical parabolic mirrors.' 
_diffrn_radiation.pdbx_diffrn_protocol             'SINGLE WAVELENGTH' 
_diffrn_radiation.pdbx_scattering_type             x-ray 
# 
_diffrn_radiation_wavelength.id           1 
_diffrn_radiation_wavelength.wavelength   0.979653 
_diffrn_radiation_wavelength.wt           1.0 
# 
_diffrn_source.diffrn_id                   1 
_diffrn_source.source                      SYNCHROTRON 
_diffrn_source.type                        'ESRF BEAMLINE BM30A' 
_diffrn_source.pdbx_synchrotron_site       ESRF 
_diffrn_source.pdbx_synchrotron_beamline   BM30A 
_diffrn_source.pdbx_wavelength             ? 
_diffrn_source.pdbx_wavelength_list        0.979653 
# 
_reflns.entry_id                     3KZZ 
_reflns.observed_criterion_sigma_I   0 
_reflns.observed_criterion_sigma_F   0 
_reflns.d_resolution_low             50 
_reflns.d_resolution_high            1.89 
_reflns.number_obs                   16100 
_reflns.number_all                   16155 
_reflns.percent_possible_obs         99.7 
_reflns.pdbx_Rmerge_I_obs            0.061 
_reflns.pdbx_Rsym_value              ? 
_reflns.pdbx_netI_over_sigmaI        32.17 
_reflns.B_iso_Wilson_estimate        29.640 
_reflns.pdbx_redundancy              9.2 
_reflns.R_free_details               ? 
_reflns.limit_h_max                  ? 
_reflns.limit_h_min                  ? 
_reflns.limit_k_max                  ? 
_reflns.limit_k_min                  ? 
_reflns.limit_l_max                  ? 
_reflns.limit_l_min                  ? 
_reflns.observed_criterion_F_max     ? 
_reflns.observed_criterion_F_min     ? 
_reflns.pdbx_chi_squared             ? 
_reflns.pdbx_scaling_rejects         ? 
_reflns.pdbx_diffrn_id               1 
_reflns.pdbx_ordinal                 1 
# 
_reflns_shell.d_res_high             1.89 
_reflns_shell.d_res_low              2.01 
_reflns_shell.percent_possible_all   98.7 
_reflns_shell.Rmerge_I_obs           0.278 
_reflns_shell.pdbx_Rsym_value        ? 
_reflns_shell.meanI_over_sigI_obs    6.11 
_reflns_shell.pdbx_redundancy        9.2 
_reflns_shell.percent_possible_obs   ? 
_reflns_shell.number_unique_all      2505 
_reflns_shell.number_measured_all    ? 
_reflns_shell.number_measured_obs    ? 
_reflns_shell.number_unique_obs      ? 
_reflns_shell.pdbx_chi_squared       ? 
_reflns_shell.pdbx_diffrn_id         ? 
_reflns_shell.pdbx_ordinal           1 
# 
_refine.entry_id                                 3KZZ 
_refine.ls_number_reflns_obs                     15293 
_refine.ls_number_reflns_all                     16098 
_refine.pdbx_ls_sigma_I                          ? 
_refine.pdbx_ls_sigma_F                          ? 
_refine.pdbx_data_cutoff_high_absF               ? 
_refine.pdbx_data_cutoff_low_absF                ? 
_refine.pdbx_data_cutoff_high_rms_absF           ? 
_refine.ls_d_res_low                             38.58 
_refine.ls_d_res_high                            1.89 
_refine.ls_percent_reflns_obs                    100.00 
_refine.ls_R_factor_obs                          0.18884 
_refine.ls_R_factor_all                          ? 
_refine.ls_R_factor_R_work                       0.18710 
_refine.ls_R_factor_R_free                       0.22215 
_refine.ls_R_factor_R_free_error                 ? 
_refine.ls_R_factor_R_free_error_details         ? 
_refine.ls_percent_reflns_R_free                 5.0 
_refine.ls_number_reflns_R_free                  805 
_refine.ls_number_parameters                     ? 
_refine.ls_number_restraints                     ? 
_refine.occupancy_min                            ? 
_refine.occupancy_max                            ? 
_refine.correlation_coeff_Fo_to_Fc               0.952 
_refine.correlation_coeff_Fo_to_Fc_free          0.931 
_refine.B_iso_mean                               25.838 
_refine.aniso_B[1][1]                            0.00 
_refine.aniso_B[2][2]                            0.00 
_refine.aniso_B[3][3]                            0.00 
_refine.aniso_B[1][2]                            0.00 
_refine.aniso_B[1][3]                            0.00 
_refine.aniso_B[2][3]                            0.00 
_refine.solvent_model_details                    MASK 
_refine.solvent_model_param_ksol                 ? 
_refine.solvent_model_param_bsol                 ? 
_refine.pdbx_solvent_vdw_probe_radii             1.40 
_refine.pdbx_solvent_ion_probe_radii             0.80 
_refine.pdbx_solvent_shrinkage_radii             0.80 
_refine.pdbx_ls_cross_valid_method               THROUGHOUT 
_refine.details                                  'HYDROGENS HAVE BEEN ADDED IN THE RIDING POSITIONS' 
_refine.pdbx_starting_model                      'PDB ENTRY 3KZY' 
_refine.pdbx_method_to_determine_struct          'MOLECULAR REPLACEMENT' 
_refine.pdbx_isotropic_thermal_model             isotropic 
_refine.pdbx_stereochemistry_target_values       'MAXIMUM LIKELIHOOD' 
_refine.pdbx_stereochem_target_val_spec_case     ? 
_refine.pdbx_R_Free_selection_details            RANDOM 
_refine.pdbx_overall_ESU_R                       0.134 
_refine.pdbx_overall_ESU_R_Free                  0.128 
_refine.overall_SU_ML                            0.082 
_refine.overall_SU_B                             2.679 
_refine.ls_redundancy_reflns_obs                 ? 
_refine.B_iso_min                                ? 
_refine.B_iso_max                                ? 
_refine.overall_SU_R_Cruickshank_DPI             ? 
_refine.overall_SU_R_free                        ? 
_refine.ls_wR_factor_R_free                      ? 
_refine.ls_wR_factor_R_work                      ? 
_refine.overall_FOM_free_R_set                   ? 
_refine.overall_FOM_work_R_set                   ? 
_refine.pdbx_overall_phase_error                 ? 
_refine.pdbx_refine_id                           'X-RAY DIFFRACTION' 
_refine.pdbx_diffrn_id                           1 
_refine.pdbx_TLS_residual_ADP_flag               ? 
_refine.pdbx_overall_SU_R_free_Cruickshank_DPI   ? 
_refine.pdbx_overall_SU_R_Blow_DPI               ? 
_refine.pdbx_overall_SU_R_free_Blow_DPI          ? 
# 
_refine_hist.pdbx_refine_id                   'X-RAY DIFFRACTION' 
_refine_hist.cycle_id                         LAST 
_refine_hist.pdbx_number_atoms_protein        1215 
_refine_hist.pdbx_number_atoms_nucleic_acid   0 
_refine_hist.pdbx_number_atoms_ligand         19 
_refine_hist.number_atoms_solvent             114 
_refine_hist.number_atoms_total               1348 
_refine_hist.d_res_high                       1.89 
_refine_hist.d_res_low                        38.58 
# 
loop_
_refine_ls_restr.type 
_refine_ls_restr.dev_ideal 
_refine_ls_restr.dev_ideal_target 
_refine_ls_restr.weight 
_refine_ls_restr.number 
_refine_ls_restr.pdbx_refine_id 
_refine_ls_restr.pdbx_restraint_function 
r_bond_refined_d             0.015  0.022  ? 1279 'X-RAY DIFFRACTION' ? 
r_bond_other_d               ?      ?      ? ?    'X-RAY DIFFRACTION' ? 
r_angle_refined_deg          1.483  1.983  ? 1742 'X-RAY DIFFRACTION' ? 
r_angle_other_deg            ?      ?      ? ?    'X-RAY DIFFRACTION' ? 
r_dihedral_angle_1_deg       5.969  5.000  ? 160  'X-RAY DIFFRACTION' ? 
r_dihedral_angle_2_deg       38.978 24.340 ? 53   'X-RAY DIFFRACTION' ? 
r_dihedral_angle_3_deg       13.180 15.000 ? 203  'X-RAY DIFFRACTION' ? 
r_dihedral_angle_4_deg       23.877 15.000 ? 5    'X-RAY DIFFRACTION' ? 
r_chiral_restr               0.097  0.200  ? 190  'X-RAY DIFFRACTION' ? 
r_gen_planes_refined         0.008  0.021  ? 979  'X-RAY DIFFRACTION' ? 
r_gen_planes_other           ?      ?      ? ?    'X-RAY DIFFRACTION' ? 
r_nbd_refined                ?      ?      ? ?    'X-RAY DIFFRACTION' ? 
r_nbd_other                  ?      ?      ? ?    'X-RAY DIFFRACTION' ? 
r_nbtor_refined              ?      ?      ? ?    'X-RAY DIFFRACTION' ? 
r_nbtor_other                ?      ?      ? ?    'X-RAY DIFFRACTION' ? 
r_xyhbond_nbd_refined        ?      ?      ? ?    'X-RAY DIFFRACTION' ? 
r_xyhbond_nbd_other          ?      ?      ? ?    'X-RAY DIFFRACTION' ? 
r_metal_ion_refined          ?      ?      ? ?    'X-RAY DIFFRACTION' ? 
r_metal_ion_other            ?      ?      ? ?    'X-RAY DIFFRACTION' ? 
r_symmetry_vdw_refined       ?      ?      ? ?    'X-RAY DIFFRACTION' ? 
r_symmetry_vdw_other         ?      ?      ? ?    'X-RAY DIFFRACTION' ? 
r_symmetry_hbond_refined     ?      ?      ? ?    'X-RAY DIFFRACTION' ? 
r_symmetry_hbond_other       ?      ?      ? ?    'X-RAY DIFFRACTION' ? 
r_symmetry_metal_ion_refined ?      ?      ? ?    'X-RAY DIFFRACTION' ? 
r_symmetry_metal_ion_other   ?      ?      ? ?    'X-RAY DIFFRACTION' ? 
r_mcbond_it                  0.902  1.500  ? 790  'X-RAY DIFFRACTION' ? 
r_mcbond_other               ?      ?      ? ?    'X-RAY DIFFRACTION' ? 
r_mcangle_it                 1.576  2.000  ? 1266 'X-RAY DIFFRACTION' ? 
r_scbond_it                  2.295  3.000  ? 489  'X-RAY DIFFRACTION' ? 
r_scangle_it                 3.689  4.500  ? 474  'X-RAY DIFFRACTION' ? 
r_rigid_bond_restr           ?      ?      ? ?    'X-RAY DIFFRACTION' ? 
r_sphericity_free            ?      ?      ? ?    'X-RAY DIFFRACTION' ? 
r_sphericity_bonded          ?      ?      ? ?    'X-RAY DIFFRACTION' ? 
# 
_refine_ls_shell.pdbx_total_number_of_bins_used   20 
_refine_ls_shell.d_res_high                       1.893 
_refine_ls_shell.d_res_low                        1.943 
_refine_ls_shell.number_reflns_R_work             1082 
_refine_ls_shell.R_factor_R_work                  0.216 
_refine_ls_shell.percent_reflns_obs               100.00 
_refine_ls_shell.R_factor_R_free                  0.227 
_refine_ls_shell.R_factor_R_free_error            ? 
_refine_ls_shell.percent_reflns_R_free            ? 
_refine_ls_shell.number_reflns_R_free             57 
_refine_ls_shell.number_reflns_all                ? 
_refine_ls_shell.R_factor_all                     ? 
_refine_ls_shell.number_reflns_obs                ? 
_refine_ls_shell.redundancy_reflns_obs            ? 
_refine_ls_shell.pdbx_refine_id                   'X-RAY DIFFRACTION' 
# 
_struct.entry_id                  3KZZ 
_struct.title                     'Crystal structure of SNAP-tag bound to its substrate benzylguanine' 
_struct.pdbx_model_details        ? 
_struct.pdbx_CASP_flag            ? 
_struct.pdbx_model_type_details   ? 
# 
_struct_keywords.entry_id        3KZZ 
_struct_keywords.pdbx_keywords   TRANSFERASE 
_struct_keywords.text            'protein tag, protein engineering, benzylguanine, substrate binding, TRANSFERASE' 
# 
loop_
_struct_asym.id 
_struct_asym.pdbx_blank_PDB_chainid_flag 
_struct_asym.pdbx_modified 
_struct_asym.entity_id 
_struct_asym.details 
A N N 1 ? 
B N N 2 ? 
C N N 3 ? 
D N N 4 ? 
# 
_struct_biol.id        1 
_struct_biol.details   ? 
# 
loop_
_struct_conf.conf_type_id 
_struct_conf.id 
_struct_conf.pdbx_PDB_helix_id 
_struct_conf.beg_label_comp_id 
_struct_conf.beg_label_asym_id 
_struct_conf.beg_label_seq_id 
_struct_conf.pdbx_beg_PDB_ins_code 
_struct_conf.end_label_comp_id 
_struct_conf.end_label_asym_id 
_struct_conf.end_label_seq_id 
_struct_conf.pdbx_end_PDB_ins_code 
_struct_conf.beg_auth_comp_id 
_struct_conf.beg_auth_asym_id 
_struct_conf.beg_auth_seq_id 
_struct_conf.end_auth_comp_id 
_struct_conf.end_auth_asym_id 
_struct_conf.end_auth_seq_id 
_struct_conf.pdbx_PDB_helix_class 
_struct_conf.details 
_struct_conf.pdbx_PDB_helix_length 
HELX_P HELX_P1 1 GLU A 60  ? GLN A 75  ? GLU A 57  GLN A 72  1 ? 16 
HELX_P HELX_P2 2 PRO A 76  ? PHE A 82  ? PRO A 73  PHE A 79  5 ? 7  
HELX_P HELX_P3 3 HIS A 89  ? GLN A 94  ? HIS A 86  GLN A 91  1 ? 6  
HELX_P HELX_P4 4 SER A 96  ? VAL A 109 ? SER A 93  VAL A 106 1 ? 14 
HELX_P HELX_P5 5 TYR A 117 ? ALA A 124 ? TYR A 114 ALA A 121 1 ? 8  
HELX_P HELX_P6 6 ALA A 129 ? GLY A 139 ? ALA A 126 GLY A 136 1 ? 11 
HELX_P HELX_P7 7 PRO A 147 ? HIS A 149 ? PRO A 144 HIS A 146 5 ? 3  
HELX_P HELX_P8 8 GLY A 164 ? GLU A 175 ? GLY A 161 GLU A 172 1 ? 12 
# 
_struct_conf_type.id          HELX_P 
_struct_conf_type.criteria    ? 
_struct_conf_type.reference   ? 
# 
loop_
_struct_conn.id 
_struct_conn.conn_type_id 
_struct_conn.pdbx_leaving_atom_flag 
_struct_conn.pdbx_PDB_id 
_struct_conn.ptnr1_label_asym_id 
_struct_conn.ptnr1_label_comp_id 
_struct_conn.ptnr1_label_seq_id 
_struct_conn.ptnr1_label_atom_id 
_struct_conn.pdbx_ptnr1_label_alt_id 
_struct_conn.pdbx_ptnr1_PDB_ins_code 
_struct_conn.pdbx_ptnr1_standard_comp_id 
_struct_conn.ptnr1_symmetry 
_struct_conn.ptnr2_label_asym_id 
_struct_conn.ptnr2_label_comp_id 
_struct_conn.ptnr2_label_seq_id 
_struct_conn.ptnr2_label_atom_id 
_struct_conn.pdbx_ptnr2_label_alt_id 
_struct_conn.pdbx_ptnr2_PDB_ins_code 
_struct_conn.ptnr1_auth_asym_id 
_struct_conn.ptnr1_auth_comp_id 
_struct_conn.ptnr1_auth_seq_id 
_struct_conn.ptnr2_auth_asym_id 
_struct_conn.ptnr2_auth_comp_id 
_struct_conn.ptnr2_auth_seq_id 
_struct_conn.ptnr2_symmetry 
_struct_conn.pdbx_ptnr3_label_atom_id 
_struct_conn.pdbx_ptnr3_label_seq_id 
_struct_conn.pdbx_ptnr3_label_comp_id 
_struct_conn.pdbx_ptnr3_label_asym_id 
_struct_conn.pdbx_ptnr3_label_alt_id 
_struct_conn.pdbx_ptnr3_PDB_ins_code 
_struct_conn.details 
_struct_conn.pdbx_dist_value 
_struct_conn.pdbx_value_order 
_struct_conn.pdbx_role 
metalc1 metalc ? ? A CYS 8  SG  ? ? ? 1_555 B ZN . ZN ? ? A CYS 5  A ZN 180 1_555 ? ? ? ? ? ? ? 2.349 ? ? 
metalc2 metalc ? ? A CYS 27 SG  ? ? ? 1_555 B ZN . ZN ? ? A CYS 24 A ZN 180 1_555 ? ? ? ? ? ? ? 2.309 ? ? 
metalc3 metalc ? ? A HIS 32 NE2 ? ? ? 1_555 B ZN . ZN ? ? A HIS 29 A ZN 180 1_555 ? ? ? ? ? ? ? 2.103 ? ? 
metalc4 metalc ? ? A HIS 88 ND1 ? ? ? 1_555 B ZN . ZN ? ? A HIS 85 A ZN 180 1_555 ? ? ? ? ? ? ? 1.978 ? ? 
# 
_struct_conn_type.id          metalc 
_struct_conn_type.criteria    ? 
_struct_conn_type.reference   ? 
# 
loop_
_struct_sheet.id 
_struct_sheet.type 
_struct_sheet.number_strands 
_struct_sheet.details 
A ? 3 ? 
B ? 2 ? 
# 
loop_
_struct_sheet_order.sheet_id 
_struct_sheet_order.range_id_1 
_struct_sheet_order.range_id_2 
_struct_sheet_order.offset 
_struct_sheet_order.sense 
A 1 2 ? anti-parallel 
A 2 3 ? anti-parallel 
B 1 2 ? parallel      
# 
loop_
_struct_sheet_range.sheet_id 
_struct_sheet_range.id 
_struct_sheet_range.beg_label_comp_id 
_struct_sheet_range.beg_label_asym_id 
_struct_sheet_range.beg_label_seq_id 
_struct_sheet_range.pdbx_beg_PDB_ins_code 
_struct_sheet_range.end_label_comp_id 
_struct_sheet_range.end_label_asym_id 
_struct_sheet_range.end_label_seq_id 
_struct_sheet_range.pdbx_end_PDB_ins_code 
_struct_sheet_range.beg_auth_comp_id 
_struct_sheet_range.beg_auth_asym_id 
_struct_sheet_range.beg_auth_seq_id 
_struct_sheet_range.end_auth_comp_id 
_struct_sheet_range.end_auth_asym_id 
_struct_sheet_range.end_auth_seq_id 
A 1 LYS A 11  ? LEU A 15  ? LYS A 8   LEU A 12  
A 2 LYS A 21  ? CYS A 27  ? LYS A 18  CYS A 24  
A 3 GLY A 30  ? GLY A 38  ? GLY A 27  GLY A 35  
B 1 ILE A 115 ? SER A 116 ? ILE A 112 SER A 113 
B 2 VAL A 151 ? VAL A 152 ? VAL A 148 VAL A 149 
# 
loop_
_pdbx_struct_sheet_hbond.sheet_id 
_pdbx_struct_sheet_hbond.range_id_1 
_pdbx_struct_sheet_hbond.range_id_2 
_pdbx_struct_sheet_hbond.range_1_label_atom_id 
_pdbx_struct_sheet_hbond.range_1_label_comp_id 
_pdbx_struct_sheet_hbond.range_1_label_asym_id 
_pdbx_struct_sheet_hbond.range_1_label_seq_id 
_pdbx_struct_sheet_hbond.range_1_PDB_ins_code 
_pdbx_struct_sheet_hbond.range_1_auth_atom_id 
_pdbx_struct_sheet_hbond.range_1_auth_comp_id 
_pdbx_struct_sheet_hbond.range_1_auth_asym_id 
_pdbx_struct_sheet_hbond.range_1_auth_seq_id 
_pdbx_struct_sheet_hbond.range_2_label_atom_id 
_pdbx_struct_sheet_hbond.range_2_label_comp_id 
_pdbx_struct_sheet_hbond.range_2_label_asym_id 
_pdbx_struct_sheet_hbond.range_2_label_seq_id 
_pdbx_struct_sheet_hbond.range_2_PDB_ins_code 
_pdbx_struct_sheet_hbond.range_2_auth_atom_id 
_pdbx_struct_sheet_hbond.range_2_auth_comp_id 
_pdbx_struct_sheet_hbond.range_2_auth_asym_id 
_pdbx_struct_sheet_hbond.range_2_auth_seq_id 
A 1 2 N LEU A 15  ? N LEU A 12  O LEU A 22  ? O LEU A 19  
A 2 3 N GLU A 23  ? N GLU A 20  O ILE A 35  ? O ILE A 32  
B 1 2 N ILE A 115 ? N ILE A 112 O VAL A 152 ? O VAL A 149 
# 
loop_
_struct_site.id 
_struct_site.pdbx_evidence_code 
_struct_site.pdbx_auth_asym_id 
_struct_site.pdbx_auth_comp_id 
_struct_site.pdbx_auth_seq_id 
_struct_site.pdbx_auth_ins_code 
_struct_site.pdbx_num_residues 
_struct_site.details 
AC1 Software A ZN  180 ? 4  'BINDING SITE FOR RESIDUE ZN A 180'  
AC2 Software A OBG 181 ? 10 'BINDING SITE FOR RESIDUE OBG A 181' 
# 
loop_
_struct_site_gen.id 
_struct_site_gen.site_id 
_struct_site_gen.pdbx_num_res 
_struct_site_gen.label_comp_id 
_struct_site_gen.label_asym_id 
_struct_site_gen.label_seq_id 
_struct_site_gen.pdbx_auth_ins_code 
_struct_site_gen.auth_comp_id 
_struct_site_gen.auth_asym_id 
_struct_site_gen.auth_seq_id 
_struct_site_gen.label_atom_id 
_struct_site_gen.label_alt_id 
_struct_site_gen.symmetry 
_struct_site_gen.details 
1  AC1 4  CYS A 8   ? CYS A 5   . ? 1_555 ? 
2  AC1 4  CYS A 27  ? CYS A 24  . ? 1_555 ? 
3  AC1 4  HIS A 32  ? HIS A 29  . ? 1_555 ? 
4  AC1 4  HIS A 88  ? HIS A 85  . ? 1_555 ? 
5  AC2 10 TYR A 117 ? TYR A 114 . ? 1_555 ? 
6  AC2 10 LEU A 137 ? LEU A 134 . ? 1_555 ? 
7  AC2 10 ASN A 140 ? ASN A 137 . ? 1_555 ? 
8  AC2 10 ALA A 148 ? ALA A 145 . ? 1_555 ? 
9  AC2 10 VAL A 151 ? VAL A 148 . ? 1_555 ? 
10 AC2 10 GLY A 160 ? GLY A 157 . ? 1_555 ? 
11 AC2 10 TYR A 161 ? TYR A 158 . ? 1_555 ? 
12 AC2 10 GLU A 162 ? GLU A 159 . ? 1_555 ? 
13 AC2 10 LYS A 168 ? LYS A 165 . ? 1_555 ? 
14 AC2 10 HOH D .   ? HOH A 248 . ? 1_555 ? 
# 
_atom_sites.entry_id                    3KZZ 
_atom_sites.fract_transf_matrix[1][1]   0.00495045 
_atom_sites.fract_transf_matrix[1][2]   -0.00553507 
_atom_sites.fract_transf_matrix[1][3]   -0.01062157 
_atom_sites.fract_transf_matrix[2][1]   -0.01122183 
_atom_sites.fract_transf_matrix[2][2]   -0.00616053 
_atom_sites.fract_transf_matrix[2][3]   -0.00201986 
_atom_sites.fract_transf_matrix[3][1]   -0.00498415 
_atom_sites.fract_transf_matrix[3][2]   0.01186845 
_atom_sites.fract_transf_matrix[3][3]   -0.00850783 
_atom_sites.fract_transf_vector[1]      -0.204369 
_atom_sites.fract_transf_vector[2]      -0.306423 
_atom_sites.fract_transf_vector[3]      -0.084001 
# 
loop_
_atom_type.symbol 
C  
N  
O  
S  
ZN 
# 
loop_
_atom_site.group_PDB 
_atom_site.id 
_atom_site.type_symbol 
_atom_site.label_atom_id 
_atom_site.label_alt_id 
_atom_site.label_comp_id 
_atom_site.label_asym_id 
_atom_site.label_entity_id 
_atom_site.label_seq_id 
_atom_site.pdbx_PDB_ins_code 
_atom_site.Cartn_x 
_atom_site.Cartn_y 
_atom_site.Cartn_z 
_atom_site.occupancy 
_atom_site.B_iso_or_equiv 
_atom_site.pdbx_formal_charge 
_atom_site.auth_seq_id 
_atom_site.auth_comp_id 
_atom_site.auth_asym_id 
_atom_site.auth_atom_id 
_atom_site.pdbx_PDB_model_num 
ATOM   1    N  N   . ASP A 1 7   ? -21.061 0.856   9.066   1.00 56.30 ? 4   ASP A N   1 
ATOM   2    C  CA  . ASP A 1 7   ? -21.203 -0.561  9.498   1.00 56.14 ? 4   ASP A CA  1 
ATOM   3    C  C   . ASP A 1 7   ? -19.821 -1.190  9.718   1.00 55.52 ? 4   ASP A C   1 
ATOM   4    O  O   . ASP A 1 7   ? -18.796 -0.525  9.512   1.00 55.93 ? 4   ASP A O   1 
ATOM   5    C  CB  . ASP A 1 7   ? -22.019 -1.349  8.465   1.00 56.44 ? 4   ASP A CB  1 
ATOM   6    C  CG  . ASP A 1 7   ? -22.627 -2.622  9.042   1.00 58.04 ? 4   ASP A CG  1 
ATOM   7    O  OD1 . ASP A 1 7   ? -21.877 -3.600  9.276   1.00 59.09 ? 4   ASP A OD1 1 
ATOM   8    O  OD2 . ASP A 1 7   ? -23.863 -2.653  9.253   1.00 59.32 ? 4   ASP A OD2 1 
ATOM   9    N  N   . CYS A 1 8   ? -19.818 -2.465  10.124  1.00 54.49 ? 5   CYS A N   1 
ATOM   10   C  CA  . CYS A 1 8   ? -18.625 -3.253  10.484  1.00 52.71 ? 5   CYS A CA  1 
ATOM   11   C  C   . CYS A 1 8   ? -18.234 -3.020  11.926  1.00 53.34 ? 5   CYS A C   1 
ATOM   12   O  O   . CYS A 1 8   ? -18.164 -1.877  12.382  1.00 53.69 ? 5   CYS A O   1 
ATOM   13   C  CB  . CYS A 1 8   ? -17.428 -3.003  9.555   1.00 52.46 ? 5   CYS A CB  1 
ATOM   14   S  SG  . CYS A 1 8   ? -17.460 -3.959  8.021   1.00 44.68 ? 5   CYS A SG  1 
ATOM   15   N  N   . GLU A 1 9   ? -17.972 -4.108  12.640  1.00 53.78 ? 6   GLU A N   1 
ATOM   16   C  CA  . GLU A 1 9   ? -17.498 -3.999  14.014  1.00 54.53 ? 6   GLU A CA  1 
ATOM   17   C  C   . GLU A 1 9   ? -16.009 -3.652  14.054  1.00 54.40 ? 6   GLU A C   1 
ATOM   18   O  O   . GLU A 1 9   ? -15.147 -4.530  13.965  1.00 54.44 ? 6   GLU A O   1 
ATOM   19   C  CB  . GLU A 1 9   ? -17.828 -5.263  14.828  1.00 54.91 ? 6   GLU A CB  1 
ATOM   20   C  CG  . GLU A 1 9   ? -19.300 -5.343  15.292  1.00 56.70 ? 6   GLU A CG  1 
ATOM   21   C  CD  . GLU A 1 9   ? -19.775 -4.095  16.066  1.00 59.00 ? 6   GLU A CD  1 
ATOM   22   O  OE1 . GLU A 1 9   ? -20.997 -3.802  16.009  1.00 60.55 ? 6   GLU A OE1 1 
ATOM   23   O  OE2 . GLU A 1 9   ? -18.944 -3.413  16.729  1.00 58.60 ? 6   GLU A OE2 1 
ATOM   24   N  N   . MET A 1 10  ? -15.738 -2.357  14.213  1.00 54.46 ? 7   MET A N   1 
ATOM   25   C  CA  . MET A 1 10  ? -14.400 -1.785  14.069  1.00 54.27 ? 7   MET A CA  1 
ATOM   26   C  C   . MET A 1 10  ? -13.535 -1.831  15.330  1.00 54.46 ? 7   MET A C   1 
ATOM   27   O  O   . MET A 1 10  ? -13.921 -1.315  16.385  1.00 54.62 ? 7   MET A O   1 
ATOM   28   C  CB  . MET A 1 10  ? -14.507 -0.335  13.587  1.00 54.42 ? 7   MET A CB  1 
ATOM   29   C  CG  . MET A 1 10  ? -15.203 -0.156  12.226  1.00 53.98 ? 7   MET A CG  1 
ATOM   30   S  SD  . MET A 1 10  ? -14.468 -1.112  10.865  1.00 52.78 ? 7   MET A SD  1 
ATOM   31   C  CE  . MET A 1 10  ? -12.761 -0.537  10.924  1.00 50.07 ? 7   MET A CE  1 
ATOM   32   N  N   . LYS A 1 11  ? -12.365 -2.455  15.198  1.00 54.20 ? 8   LYS A N   1 
ATOM   33   C  CA  . LYS A 1 11  ? -11.300 -2.367  16.187  1.00 54.11 ? 8   LYS A CA  1 
ATOM   34   C  C   . LYS A 1 11  ? -10.148 -1.500  15.656  1.00 54.10 ? 8   LYS A C   1 
ATOM   35   O  O   . LYS A 1 11  ? -9.789  -1.584  14.477  1.00 53.58 ? 8   LYS A O   1 
ATOM   36   C  CB  . LYS A 1 11  ? -10.762 -3.757  16.543  1.00 53.99 ? 8   LYS A CB  1 
ATOM   37   C  CG  . LYS A 1 11  ? -10.117 -3.788  17.929  1.00 54.77 ? 8   LYS A CG  1 
ATOM   38   C  CD  . LYS A 1 11  ? -8.977  -4.775  18.042  1.00 54.15 ? 8   LYS A CD  1 
ATOM   39   C  CE  . LYS A 1 11  ? -8.033  -4.347  19.165  1.00 54.06 ? 8   LYS A CE  1 
ATOM   40   N  NZ  . LYS A 1 11  ? -6.855  -5.258  19.320  1.00 53.17 ? 8   LYS A NZ  1 
ATOM   41   N  N   . ARG A 1 12  ? -9.575  -0.674  16.530  1.00 53.80 ? 9   ARG A N   1 
ATOM   42   C  CA  . ARG A 1 12  ? -8.406  0.118   16.172  1.00 53.70 ? 9   ARG A CA  1 
ATOM   43   C  C   . ARG A 1 12  ? -7.198  -0.360  16.964  1.00 53.53 ? 9   ARG A C   1 
ATOM   44   O  O   . ARG A 1 12  ? -7.336  -0.973  18.029  1.00 53.73 ? 9   ARG A O   1 
ATOM   45   C  CB  . ARG A 1 12  ? -8.673  1.615   16.360  1.00 53.77 ? 9   ARG A CB  1 
ATOM   46   C  CG  . ARG A 1 12  ? -10.049 2.005   15.849  1.00 55.24 ? 9   ARG A CG  1 
ATOM   47   C  CD  . ARG A 1 12  ? -10.153 3.416   15.310  1.00 57.90 ? 9   ARG A CD  1 
ATOM   48   N  NE  . ARG A 1 12  ? -11.498 3.604   14.777  1.00 60.92 ? 9   ARG A NE  1 
ATOM   49   C  CZ  . ARG A 1 12  ? -11.799 3.876   13.508  1.00 62.94 ? 9   ARG A CZ  1 
ATOM   50   N  NH1 . ARG A 1 12  ? -10.847 4.048   12.596  1.00 63.64 ? 9   ARG A NH1 1 
ATOM   51   N  NH2 . ARG A 1 12  ? -13.071 4.005   13.155  1.00 63.91 ? 9   ARG A NH2 1 
ATOM   52   N  N   . THR A 1 13  ? -6.014  -0.116  16.417  1.00 52.89 ? 10  THR A N   1 
ATOM   53   C  CA  . THR A 1 13  ? -4.758  -0.513  17.062  1.00 52.34 ? 10  THR A CA  1 
ATOM   54   C  C   . THR A 1 13  ? -3.618  0.383   16.581  1.00 51.57 ? 10  THR A C   1 
ATOM   55   O  O   . THR A 1 13  ? -3.727  1.032   15.539  1.00 51.20 ? 10  THR A O   1 
ATOM   56   C  CB  . THR A 1 13  ? -4.418  -1.995  16.828  1.00 52.24 ? 10  THR A CB  1 
ATOM   57   O  OG1 . THR A 1 13  ? -3.135  -2.274  17.386  1.00 53.04 ? 10  THR A OG1 1 
ATOM   58   C  CG2 . THR A 1 13  ? -4.373  -2.321  15.352  1.00 53.34 ? 10  THR A CG2 1 
ATOM   59   N  N   . THR A 1 14  ? -2.536  0.440   17.347  1.00 50.56 ? 11  THR A N   1 
ATOM   60   C  CA  . THR A 1 14  ? -1.480  1.388   17.039  1.00 49.64 ? 11  THR A CA  1 
ATOM   61   C  C   . THR A 1 14  ? -0.115  0.715   16.989  1.00 49.16 ? 11  THR A C   1 
ATOM   62   O  O   . THR A 1 14  ? 0.109   -0.321  17.615  1.00 49.48 ? 11  THR A O   1 
ATOM   63   C  CB  . THR A 1 14  ? -1.545  2.607   17.981  1.00 49.77 ? 11  THR A CB  1 
ATOM   64   O  OG1 . THR A 1 14  ? -2.819  3.240   17.817  1.00 49.35 ? 11  THR A OG1 1 
ATOM   65   C  CG2 . THR A 1 14  ? -0.472  3.623   17.661  1.00 49.96 ? 11  THR A CG2 1 
ATOM   66   N  N   . LEU A 1 15  ? 0.780   1.290   16.196  1.00 47.81 ? 12  LEU A N   1 
ATOM   67   C  CA  . LEU A 1 15  ? 2.083   0.708   15.979  1.00 46.82 ? 12  LEU A CA  1 
ATOM   68   C  C   . LEU A 1 15  ? 3.098   1.822   15.739  1.00 46.00 ? 12  LEU A C   1 
ATOM   69   O  O   . LEU A 1 15  ? 2.835   2.761   14.970  1.00 45.31 ? 12  LEU A O   1 
ATOM   70   C  CB  . LEU A 1 15  ? 2.005   -0.240  14.785  1.00 47.39 ? 12  LEU A CB  1 
ATOM   71   C  CG  . LEU A 1 15  ? 3.228   -0.972  14.253  1.00 47.91 ? 12  LEU A CG  1 
ATOM   72   C  CD1 . LEU A 1 15  ? 3.695   -2.096  15.202  1.00 49.90 ? 12  LEU A CD1 1 
ATOM   73   C  CD2 . LEU A 1 15  ? 2.899   -1.511  12.874  1.00 48.19 ? 12  LEU A CD2 1 
ATOM   74   N  N   . ASP A 1 16  ? 4.240   1.730   16.418  1.00 44.33 ? 13  ASP A N   1 
ATOM   75   C  CA  . ASP A 1 16  ? 5.361   2.634   16.154  1.00 43.20 ? 13  ASP A CA  1 
ATOM   76   C  C   . ASP A 1 16  ? 6.051   2.189   14.879  1.00 41.65 ? 13  ASP A C   1 
ATOM   77   O  O   . ASP A 1 16  ? 6.054   1.004   14.543  1.00 42.23 ? 13  ASP A O   1 
ATOM   78   C  CB  . ASP A 1 16  ? 6.366   2.644   17.319  1.00 43.44 ? 13  ASP A CB  1 
ATOM   79   C  CG  . ASP A 1 16  ? 5.883   3.460   18.506  1.00 44.67 ? 13  ASP A CG  1 
ATOM   80   O  OD1 . ASP A 1 16  ? 5.441   4.620   18.323  1.00 45.96 ? 13  ASP A OD1 1 
ATOM   81   O  OD2 . ASP A 1 16  ? 5.962   2.942   19.639  1.00 46.81 ? 13  ASP A OD2 1 
ATOM   82   N  N   . SER A 1 17  ? 6.630   3.144   14.169  1.00 39.78 ? 14  SER A N   1 
ATOM   83   C  CA  . SER A 1 17  ? 7.309   2.870   12.912  1.00 37.90 ? 14  SER A CA  1 
ATOM   84   C  C   . SER A 1 17  ? 8.298   4.003   12.694  1.00 36.84 ? 14  SER A C   1 
ATOM   85   O  O   . SER A 1 17  ? 8.173   5.059   13.332  1.00 36.18 ? 14  SER A O   1 
ATOM   86   C  CB  . SER A 1 17  ? 6.282   2.828   11.765  1.00 37.58 ? 14  SER A CB  1 
ATOM   87   O  OG  . SER A 1 17  ? 5.972   4.138   11.312  1.00 37.13 ? 14  SER A OG  1 
ATOM   88   N  N   . PRO A 1 18  ? 9.277   3.806   11.793  1.00 36.02 ? 15  PRO A N   1 
ATOM   89   C  CA  . PRO A 1 18  ? 10.200  4.899   11.507  1.00 35.56 ? 15  PRO A CA  1 
ATOM   90   C  C   . PRO A 1 18  ? 9.497   6.108   10.910  1.00 34.92 ? 15  PRO A C   1 
ATOM   91   O  O   . PRO A 1 18  ? 10.083  7.190   10.838  1.00 34.85 ? 15  PRO A O   1 
ATOM   92   C  CB  . PRO A 1 18  ? 11.163  4.287   10.489  1.00 35.73 ? 15  PRO A CB  1 
ATOM   93   C  CG  . PRO A 1 18  ? 11.121  2.823   10.786  1.00 36.40 ? 15  PRO A CG  1 
ATOM   94   C  CD  . PRO A 1 18  ? 9.719   2.535   11.186  1.00 35.47 ? 15  PRO A CD  1 
ATOM   95   N  N   . LEU A 1 19  ? 8.251   5.924   10.487  1.00 34.53 ? 16  LEU A N   1 
ATOM   96   C  CA  . LEU A 1 19  ? 7.494   7.003   9.871   1.00 34.15 ? 16  LEU A CA  1 
ATOM   97   C  C   . LEU A 1 19  ? 6.505   7.600   10.871  1.00 34.84 ? 16  LEU A C   1 
ATOM   98   O  O   . LEU A 1 19  ? 5.633   8.378   10.497  1.00 34.44 ? 16  LEU A O   1 
ATOM   99   C  CB  . LEU A 1 19  ? 6.781   6.510   8.602   1.00 33.37 ? 16  LEU A CB  1 
ATOM   100  C  CG  . LEU A 1 19  ? 7.645   6.234   7.369   1.00 31.58 ? 16  LEU A CG  1 
ATOM   101  C  CD1 . LEU A 1 19  ? 6.812   5.557   6.295   1.00 28.67 ? 16  LEU A CD1 1 
ATOM   102  C  CD2 . LEU A 1 19  ? 8.313   7.514   6.825   1.00 31.92 ? 16  LEU A CD2 1 
ATOM   103  N  N   . GLY A 1 20  ? 6.680   7.250   12.146  1.00 35.27 ? 17  GLY A N   1 
ATOM   104  C  CA  . GLY A 1 20  ? 5.791   7.717   13.202  1.00 36.31 ? 17  GLY A CA  1 
ATOM   105  C  C   . GLY A 1 20  ? 4.734   6.685   13.496  1.00 36.86 ? 17  GLY A C   1 
ATOM   106  O  O   . GLY A 1 20  ? 4.783   5.560   12.974  1.00 36.89 ? 17  GLY A O   1 
ATOM   107  N  N   . LYS A 1 21  ? 3.777   7.062   14.335  1.00 37.55 ? 18  LYS A N   1 
ATOM   108  C  CA  . LYS A 1 21  ? 2.713   6.163   14.752  1.00 38.49 ? 18  LYS A CA  1 
ATOM   109  C  C   . LYS A 1 21  ? 1.690   5.874   13.653  1.00 37.84 ? 18  LYS A C   1 
ATOM   110  O  O   . LYS A 1 21  ? 1.156   6.784   13.016  1.00 37.34 ? 18  LYS A O   1 
ATOM   111  C  CB  . LYS A 1 21  ? 1.998   6.689   16.003  1.00 38.91 ? 18  LYS A CB  1 
ATOM   112  C  CG  . LYS A 1 21  ? 2.770   6.421   17.293  1.00 42.69 ? 18  LYS A CG  1 
ATOM   113  C  CD  . LYS A 1 21  ? 1.836   6.264   18.502  1.00 45.90 ? 18  LYS A CD  1 
ATOM   114  C  CE  . LYS A 1 21  ? 2.545   5.544   19.654  1.00 47.67 ? 18  LYS A CE  1 
ATOM   115  N  NZ  . LYS A 1 21  ? 1.613   4.591   20.351  1.00 49.79 ? 18  LYS A NZ  1 
ATOM   116  N  N   . LEU A 1 22  ? 1.416   4.587   13.482  1.00 37.84 ? 19  LEU A N   1 
ATOM   117  C  CA  . LEU A 1 22  ? 0.443   4.098   12.516  1.00 38.16 ? 19  LEU A CA  1 
ATOM   118  C  C   . LEU A 1 22  ? -0.748  3.547   13.270  1.00 38.22 ? 19  LEU A C   1 
ATOM   119  O  O   . LEU A 1 22  ? -0.573  2.786   14.214  1.00 39.20 ? 19  LEU A O   1 
ATOM   120  C  CB  . LEU A 1 22  ? 1.069   2.986   11.659  1.00 37.98 ? 19  LEU A CB  1 
ATOM   121  C  CG  . LEU A 1 22  ? 2.372   3.408   10.968  1.00 37.99 ? 19  LEU A CG  1 
ATOM   122  C  CD1 . LEU A 1 22  ? 2.946   2.274   10.117  1.00 36.54 ? 19  LEU A CD1 1 
ATOM   123  C  CD2 . LEU A 1 22  ? 2.114   4.660   10.146  1.00 37.34 ? 19  LEU A CD2 1 
ATOM   124  N  N   . GLU A 1 23  ? -1.944  3.962   12.875  1.00 38.23 ? 20  GLU A N   1 
ATOM   125  C  CA  . GLU A 1 23  ? -3.178  3.422   13.426  1.00 38.41 ? 20  GLU A CA  1 
ATOM   126  C  C   . GLU A 1 23  ? -3.839  2.531   12.396  1.00 37.91 ? 20  GLU A C   1 
ATOM   127  O  O   . GLU A 1 23  ? -4.155  2.977   11.284  1.00 36.97 ? 20  GLU A O   1 
ATOM   128  C  CB  . GLU A 1 23  ? -4.148  4.537   13.797  1.00 38.99 ? 20  GLU A CB  1 
ATOM   129  C  CG  . GLU A 1 23  ? -5.399  4.058   14.539  1.00 41.90 ? 20  GLU A CG  1 
ATOM   130  C  CD  . GLU A 1 23  ? -6.482  5.114   14.531  1.00 45.40 ? 20  GLU A CD  1 
ATOM   131  O  OE1 . GLU A 1 23  ? -6.268  6.198   15.112  1.00 48.73 ? 20  GLU A OE1 1 
ATOM   132  O  OE2 . GLU A 1 23  ? -7.538  4.874   13.923  1.00 47.73 ? 20  GLU A OE2 1 
ATOM   133  N  N   . LEU A 1 24  ? -4.013  1.272   12.767  1.00 36.89 ? 21  LEU A N   1 
ATOM   134  C  CA  . LEU A 1 24  ? -4.686  0.308   11.927  1.00 37.36 ? 21  LEU A CA  1 
ATOM   135  C  C   . LEU A 1 24  ? -6.102  0.141   12.443  1.00 37.35 ? 21  LEU A C   1 
ATOM   136  O  O   . LEU A 1 24  ? -6.322  0.072   13.661  1.00 36.90 ? 21  LEU A O   1 
ATOM   137  C  CB  . LEU A 1 24  ? -3.948  -1.035  11.926  1.00 37.09 ? 21  LEU A CB  1 
ATOM   138  C  CG  . LEU A 1 24  ? -2.512  -1.059  11.395  1.00 38.86 ? 21  LEU A CG  1 
ATOM   139  C  CD1 . LEU A 1 24  ? -1.551  -0.329  12.326  1.00 40.98 ? 21  LEU A CD1 1 
ATOM   140  C  CD2 . LEU A 1 24  ? -2.061  -2.493  11.221  1.00 40.88 ? 21  LEU A CD2 1 
ATOM   141  N  N   . SER A 1 25  ? -7.061  0.115   11.523  1.00 36.75 ? 22  SER A N   1 
ATOM   142  C  CA  . SER A 1 25  ? -8.451  -0.171  11.874  1.00 36.57 ? 22  SER A CA  1 
ATOM   143  C  C   . SER A 1 25  ? -9.004  -1.309  11.017  1.00 37.06 ? 22  SER A C   1 
ATOM   144  O  O   . SER A 1 25  ? -8.652  -1.452  9.838   1.00 35.85 ? 22  SER A O   1 
ATOM   145  C  CB  . SER A 1 25  ? -9.321  1.083   11.797  1.00 36.63 ? 22  SER A CB  1 
ATOM   146  O  OG  . SER A 1 25  ? -9.344  1.640   10.491  1.00 38.47 ? 22  SER A OG  1 
ATOM   147  N  N   . GLY A 1 26  ? -9.848  -2.142  11.628  1.00 36.99 ? 23  GLY A N   1 
ATOM   148  C  CA  . GLY A 1 26  ? -10.292 -3.379  11.000  1.00 37.09 ? 23  GLY A CA  1 
ATOM   149  C  C   . GLY A 1 26  ? -11.526 -3.982  11.644  1.00 37.19 ? 23  GLY A C   1 
ATOM   150  O  O   . GLY A 1 26  ? -11.982 -3.529  12.703  1.00 37.88 ? 23  GLY A O   1 
ATOM   151  N  N   . CYS A 1 27  ? -12.074 -4.980  10.969  1.00 36.91 ? 24  CYS A N   1 
ATOM   152  C  CA  . CYS A 1 27  ? -13.172 -5.799  11.477  1.00 36.79 ? 24  CYS A CA  1 
ATOM   153  C  C   . CYS A 1 27  ? -12.735 -7.264  11.343  1.00 36.70 ? 24  CYS A C   1 
ATOM   154  O  O   . CYS A 1 27  ? -11.629 -7.518  10.877  1.00 35.60 ? 24  CYS A O   1 
ATOM   155  C  CB  . CYS A 1 27  ? -14.421 -5.529  10.655  1.00 36.83 ? 24  CYS A CB  1 
ATOM   156  S  SG  . CYS A 1 27  ? -14.396 -6.294  9.037   1.00 36.04 ? 24  CYS A SG  1 
ATOM   157  N  N   . GLU A 1 28  ? -13.588 -8.221  11.727  1.00 37.11 ? 25  GLU A N   1 
ATOM   158  C  CA  . GLU A 1 28  ? -13.248 -9.655  11.620  1.00 37.14 ? 25  GLU A CA  1 
ATOM   159  C  C   . GLU A 1 28  ? -13.105 -10.167 10.189  1.00 36.09 ? 25  GLU A C   1 
ATOM   160  O  O   . GLU A 1 28  ? -12.515 -11.224 9.948   1.00 36.19 ? 25  GLU A O   1 
ATOM   161  C  CB  . GLU A 1 28  ? -14.242 -10.549 12.401  1.00 38.15 ? 25  GLU A CB  1 
ATOM   162  C  CG  . GLU A 1 28  ? -15.647 -10.628 11.802  1.00 41.74 ? 25  GLU A CG  1 
ATOM   163  C  CD  . GLU A 1 28  ? -16.476 -11.832 12.312  1.00 47.28 ? 25  GLU A CD  1 
ATOM   164  O  OE1 . GLU A 1 28  ? -15.895 -12.838 12.780  1.00 49.17 ? 25  GLU A OE1 1 
ATOM   165  O  OE2 . GLU A 1 28  ? -17.725 -11.777 12.218  1.00 50.19 ? 25  GLU A OE2 1 
ATOM   166  N  N   . GLN A 1 29  ? -13.664 -9.435  9.234   1.00 35.04 ? 26  GLN A N   1 
ATOM   167  C  CA  . GLN A 1 29  ? -13.528 -9.810  7.838   1.00 34.03 ? 26  GLN A CA  1 
ATOM   168  C  C   . GLN A 1 29  ? -12.289 -9.228  7.149   1.00 32.71 ? 26  GLN A C   1 
ATOM   169  O  O   . GLN A 1 29  ? -11.882 -9.715  6.107   1.00 33.22 ? 26  GLN A O   1 
ATOM   170  C  CB  . GLN A 1 29  ? -14.797 -9.452  7.062   1.00 34.64 ? 26  GLN A CB  1 
ATOM   171  C  CG  . GLN A 1 29  ? -15.911 -10.478 7.278   1.00 35.46 ? 26  GLN A CG  1 
ATOM   172  C  CD  . GLN A 1 29  ? -17.156 -10.101 6.550   1.00 36.65 ? 26  GLN A CD  1 
ATOM   173  O  OE1 . GLN A 1 29  ? -17.935 -9.282  7.029   1.00 38.89 ? 26  GLN A OE1 1 
ATOM   174  N  NE2 . GLN A 1 29  ? -17.349 -10.672 5.373   1.00 36.15 ? 26  GLN A NE2 1 
ATOM   175  N  N   . GLY A 1 30  ? -11.700 -8.188  7.714   1.00 31.51 ? 27  GLY A N   1 
ATOM   176  C  CA  . GLY A 1 30  ? -10.471 -7.671  7.126   1.00 29.93 ? 27  GLY A CA  1 
ATOM   177  C  C   . GLY A 1 30  ? -9.999  -6.344  7.625   1.00 28.61 ? 27  GLY A C   1 
ATOM   178  O  O   . GLY A 1 30  ? -10.729 -5.604  8.279   1.00 28.47 ? 27  GLY A O   1 
ATOM   179  N  N   . LEU A 1 31  ? -8.726  -6.069  7.337   1.00 28.09 ? 28  LEU A N   1 
ATOM   180  C  CA  . LEU A 1 31  ? -8.161  -4.757  7.514   1.00 27.03 ? 28  LEU A CA  1 
ATOM   181  C  C   . LEU A 1 31  ? -8.969  -3.749  6.691   1.00 26.40 ? 28  LEU A C   1 
ATOM   182  O  O   . LEU A 1 31  ? -9.271  -4.005  5.524   1.00 26.77 ? 28  LEU A O   1 
ATOM   183  C  CB  . LEU A 1 31  ? -6.681  -4.768  7.062   1.00 26.61 ? 28  LEU A CB  1 
ATOM   184  C  CG  . LEU A 1 31  ? -5.944  -3.442  7.185   1.00 25.78 ? 28  LEU A CG  1 
ATOM   185  C  CD1 . LEU A 1 31  ? -5.683  -3.063  8.655   1.00 28.28 ? 28  LEU A CD1 1 
ATOM   186  C  CD2 . LEU A 1 31  ? -4.622  -3.538  6.421   1.00 24.99 ? 28  LEU A CD2 1 
ATOM   187  N  N   . HIS A 1 32  ? -9.304  -2.615  7.303   1.00 26.18 ? 29  HIS A N   1 
ATOM   188  C  CA  . HIS A 1 32  ? -9.966  -1.508  6.617   1.00 26.87 ? 29  HIS A CA  1 
ATOM   189  C  C   . HIS A 1 32  ? -9.001  -0.396  6.244   1.00 27.17 ? 29  HIS A C   1 
ATOM   190  O  O   . HIS A 1 32  ? -8.940  -0.019  5.092   1.00 26.18 ? 29  HIS A O   1 
ATOM   191  C  CB  . HIS A 1 32  ? -11.102 -0.916  7.471   1.00 27.26 ? 29  HIS A CB  1 
ATOM   192  C  CG  . HIS A 1 32  ? -12.404 -1.653  7.361   1.00 27.49 ? 29  HIS A CG  1 
ATOM   193  N  ND1 . HIS A 1 32  ? -13.604 -1.004  7.167   1.00 28.18 ? 29  HIS A ND1 1 
ATOM   194  C  CD2 . HIS A 1 32  ? -12.704 -2.971  7.465   1.00 27.50 ? 29  HIS A CD2 1 
ATOM   195  C  CE1 . HIS A 1 32  ? -14.581 -1.888  7.132   1.00 28.18 ? 29  HIS A CE1 1 
ATOM   196  N  NE2 . HIS A 1 32  ? -14.062 -3.088  7.313   1.00 27.81 ? 29  HIS A NE2 1 
ATOM   197  N  N   . GLU A 1 33  ? -8.272  0.150   7.227   1.00 27.44 ? 30  GLU A N   1 
ATOM   198  C  CA  . GLU A 1 33  ? -7.431  1.338   7.002   1.00 28.13 ? 30  GLU A CA  1 
ATOM   199  C  C   . GLU A 1 33  ? -6.076  1.266   7.702   1.00 28.06 ? 30  GLU A C   1 
ATOM   200  O  O   . GLU A 1 33  ? -5.943  0.646   8.780   1.00 27.23 ? 30  GLU A O   1 
ATOM   201  C  CB  . GLU A 1 33  ? -8.127  2.628   7.462   1.00 28.55 ? 30  GLU A CB  1 
ATOM   202  C  CG  . GLU A 1 33  ? -9.241  3.142   6.549   1.00 32.34 ? 30  GLU A CG  1 
ATOM   203  C  CD  . GLU A 1 33  ? -9.698  4.548   6.929   1.00 36.83 ? 30  GLU A CD  1 
ATOM   204  O  OE1 . GLU A 1 33  ? -10.521 4.664   7.843   1.00 37.36 ? 30  GLU A OE1 1 
ATOM   205  O  OE2 . GLU A 1 33  ? -9.248  5.542   6.315   1.00 37.28 ? 30  GLU A OE2 1 
ATOM   206  N  N   . ILE A 1 34  ? -5.081  1.917   7.094   1.00 27.69 ? 31  ILE A N   1 
ATOM   207  C  CA  . ILE A 1 34  ? -3.810  2.201   7.767   1.00 28.06 ? 31  ILE A CA  1 
ATOM   208  C  C   . ILE A 1 34  ? -3.684  3.704   7.704   1.00 29.80 ? 31  ILE A C   1 
ATOM   209  O  O   . ILE A 1 34  ? -3.640  4.275   6.619   1.00 28.73 ? 31  ILE A O   1 
ATOM   210  C  CB  . ILE A 1 34  ? -2.581  1.526   7.093   1.00 27.53 ? 31  ILE A CB  1 
ATOM   211  C  CG1 . ILE A 1 34  ? -2.727  0.001   7.091   1.00 25.61 ? 31  ILE A CG1 1 
ATOM   212  C  CG2 . ILE A 1 34  ? -1.250  1.958   7.804   1.00 24.83 ? 31  ILE A CG2 1 
ATOM   213  C  CD1 . ILE A 1 34  ? -1.671  -0.734  6.170   1.00 24.49 ? 31  ILE A CD1 1 
ATOM   214  N  N   . ILE A 1 35  ? -3.662  4.343   8.872   1.00 31.41 ? 32  ILE A N   1 
ATOM   215  C  CA  . ILE A 1 35  ? -3.596  5.791   8.956   1.00 33.90 ? 32  ILE A CA  1 
ATOM   216  C  C   . ILE A 1 35  ? -2.332  6.239   9.692   1.00 35.48 ? 32  ILE A C   1 
ATOM   217  O  O   . ILE A 1 35  ? -1.897  5.608   10.651  1.00 35.95 ? 32  ILE A O   1 
ATOM   218  C  CB  . ILE A 1 35  ? -4.887  6.367   9.605   1.00 34.20 ? 32  ILE A CB  1 
ATOM   219  C  CG1 . ILE A 1 35  ? -6.105  6.050   8.721   1.00 35.01 ? 32  ILE A CG1 1 
ATOM   220  C  CG2 . ILE A 1 35  ? -4.785  7.872   9.822   1.00 34.85 ? 32  ILE A CG2 1 
ATOM   221  C  CD1 . ILE A 1 35  ? -7.433  6.119   9.452   1.00 37.08 ? 32  ILE A CD1 1 
ATOM   222  N  N   . PHE A 1 36  ? -1.719  7.300   9.183   1.00 37.15 ? 33  PHE A N   1 
ATOM   223  C  CA  . PHE A 1 36  ? -0.548  7.911   9.799   1.00 39.53 ? 33  PHE A CA  1 
ATOM   224  C  C   . PHE A 1 36  ? -1.004  8.935   10.837  1.00 40.47 ? 33  PHE A C   1 
ATOM   225  O  O   . PHE A 1 36  ? -1.596  9.958   10.485  1.00 40.82 ? 33  PHE A O   1 
ATOM   226  C  CB  . PHE A 1 36  ? 0.310   8.588   8.726   1.00 39.38 ? 33  PHE A CB  1 
ATOM   227  C  CG  . PHE A 1 36  ? 0.973   7.619   7.794   1.00 41.04 ? 33  PHE A CG  1 
ATOM   228  C  CD1 . PHE A 1 36  ? 2.345   7.413   7.855   1.00 42.95 ? 33  PHE A CD1 1 
ATOM   229  C  CD2 . PHE A 1 36  ? 0.224   6.891   6.872   1.00 41.71 ? 33  PHE A CD2 1 
ATOM   230  C  CE1 . PHE A 1 36  ? 2.969   6.503   7.003   1.00 43.14 ? 33  PHE A CE1 1 
ATOM   231  C  CE2 . PHE A 1 36  ? 0.830   5.974   6.027   1.00 43.31 ? 33  PHE A CE2 1 
ATOM   232  C  CZ  . PHE A 1 36  ? 2.210   5.780   6.089   1.00 44.28 ? 33  PHE A CZ  1 
ATOM   233  N  N   . LEU A 1 37  ? -0.739  8.647   12.108  1.00 41.96 ? 34  LEU A N   1 
ATOM   234  C  CA  . LEU A 1 37  ? -1.100  9.556   13.195  1.00 43.80 ? 34  LEU A CA  1 
ATOM   235  C  C   . LEU A 1 37  ? -0.170  10.769  13.277  1.00 44.75 ? 34  LEU A C   1 
ATOM   236  O  O   . LEU A 1 37  ? -0.391  11.669  14.081  1.00 45.26 ? 34  LEU A O   1 
ATOM   237  C  CB  . LEU A 1 37  ? -1.134  8.809   14.531  1.00 44.02 ? 34  LEU A CB  1 
ATOM   238  C  CG  . LEU A 1 37  ? -2.161  7.677   14.678  1.00 44.64 ? 34  LEU A CG  1 
ATOM   239  C  CD1 . LEU A 1 37  ? -1.998  6.958   16.019  1.00 45.78 ? 34  LEU A CD1 1 
ATOM   240  C  CD2 . LEU A 1 37  ? -3.591  8.190   14.502  1.00 44.71 ? 34  LEU A CD2 1 
ATOM   241  N  N   . GLY A 1 38  ? 0.860   10.791  12.433  1.00 45.69 ? 35  GLY A N   1 
ATOM   242  C  CA  . GLY A 1 38  ? 1.830   11.895  12.386  1.00 46.62 ? 35  GLY A CA  1 
ATOM   243  C  C   . GLY A 1 38  ? 2.833   11.868  13.531  1.00 47.12 ? 35  GLY A C   1 
ATOM   244  O  O   . GLY A 1 38  ? 3.124   10.808  14.105  1.00 47.81 ? 35  GLY A O   1 
ATOM   245  N  N   . GLY A 1 57  ? -0.375  -11.526 17.234  1.00 45.89 ? 54  GLY A N   1 
ATOM   246  C  CA  . GLY A 1 57  ? 0.368   -12.615 16.588  1.00 45.48 ? 54  GLY A CA  1 
ATOM   247  C  C   . GLY A 1 57  ? -0.356  -13.586 15.653  1.00 45.15 ? 54  GLY A C   1 
ATOM   248  O  O   . GLY A 1 57  ? 0.304   -14.303 14.904  1.00 45.91 ? 54  GLY A O   1 
ATOM   249  N  N   . GLY A 1 58  ? -1.691  -13.623 15.673  1.00 44.78 ? 55  GLY A N   1 
ATOM   250  C  CA  . GLY A 1 58  ? -2.454  -14.718 15.031  1.00 44.09 ? 55  GLY A CA  1 
ATOM   251  C  C   . GLY A 1 58  ? -3.293  -14.482 13.777  1.00 43.79 ? 55  GLY A C   1 
ATOM   252  O  O   . GLY A 1 58  ? -2.920  -13.689 12.919  1.00 44.18 ? 55  GLY A O   1 
ATOM   253  N  N   . PRO A 1 59  ? -4.426  -15.200 13.642  1.00 43.31 ? 56  PRO A N   1 
ATOM   254  C  CA  . PRO A 1 59  ? -5.193  -15.169 12.388  1.00 42.96 ? 56  PRO A CA  1 
ATOM   255  C  C   . PRO A 1 59  ? -6.051  -13.924 12.088  1.00 41.88 ? 56  PRO A C   1 
ATOM   256  O  O   . PRO A 1 59  ? -6.378  -13.717 10.928  1.00 41.99 ? 56  PRO A O   1 
ATOM   257  C  CB  . PRO A 1 59  ? -6.073  -16.420 12.487  1.00 43.41 ? 56  PRO A CB  1 
ATOM   258  C  CG  . PRO A 1 59  ? -6.267  -16.591 13.937  1.00 42.99 ? 56  PRO A CG  1 
ATOM   259  C  CD  . PRO A 1 59  ? -4.957  -16.222 14.562  1.00 43.58 ? 56  PRO A CD  1 
ATOM   260  N  N   . GLU A 1 60  ? -6.387  -13.117 13.099  1.00 40.49 ? 57  GLU A N   1 
ATOM   261  C  CA  . GLU A 1 60  ? -7.192  -11.904 12.929  1.00 39.76 ? 57  GLU A CA  1 
ATOM   262  C  C   . GLU A 1 60  ? -6.518  -10.972 11.887  1.00 38.65 ? 57  GLU A C   1 
ATOM   263  O  O   . GLU A 1 60  ? -5.279  -10.882 11.832  1.00 37.13 ? 57  GLU A O   1 
ATOM   264  C  CB  . GLU A 1 60  ? -7.379  -11.211 14.288  1.00 40.52 ? 57  GLU A CB  1 
ATOM   265  C  CG  . GLU A 1 60  ? -8.177  -9.884  14.355  1.00 44.72 ? 57  GLU A CG  1 
ATOM   266  C  CD  . GLU A 1 60  ? -9.716  -10.048 14.350  1.00 48.90 ? 57  GLU A CD  1 
ATOM   267  O  OE1 . GLU A 1 60  ? -10.235 -11.188 14.408  1.00 52.21 ? 57  GLU A OE1 1 
ATOM   268  O  OE2 . GLU A 1 60  ? -10.415 -9.015  14.279  1.00 51.66 ? 57  GLU A OE2 1 
ATOM   269  N  N   . PRO A 1 61  ? -7.329  -10.314 11.030  1.00 37.40 ? 58  PRO A N   1 
ATOM   270  C  CA  . PRO A 1 61  ? -6.723  -9.467  9.991   1.00 36.67 ? 58  PRO A CA  1 
ATOM   271  C  C   . PRO A 1 61  ? -5.854  -8.366  10.575  1.00 35.74 ? 58  PRO A C   1 
ATOM   272  O  O   . PRO A 1 61  ? -4.782  -8.075  10.033  1.00 36.03 ? 58  PRO A O   1 
ATOM   273  C  CB  . PRO A 1 61  ? -7.940  -8.860  9.280   1.00 35.87 ? 58  PRO A CB  1 
ATOM   274  C  CG  . PRO A 1 61  ? -9.022  -9.878  9.486   1.00 37.59 ? 58  PRO A CG  1 
ATOM   275  C  CD  . PRO A 1 61  ? -8.795  -10.382 10.887  1.00 37.55 ? 58  PRO A CD  1 
ATOM   276  N  N   . LEU A 1 62  ? -6.312  -7.758  11.663  1.00 35.29 ? 59  LEU A N   1 
ATOM   277  C  CA  . LEU A 1 62  ? -5.595  -6.664  12.285  1.00 35.63 ? 59  LEU A CA  1 
ATOM   278  C  C   . LEU A 1 62  ? -4.239  -7.127  12.844  1.00 35.43 ? 59  LEU A C   1 
ATOM   279  O  O   . LEU A 1 62  ? -3.257  -6.365  12.832  1.00 35.06 ? 59  LEU A O   1 
ATOM   280  C  CB  . LEU A 1 62  ? -6.468  -6.022  13.373  1.00 37.22 ? 59  LEU A CB  1 
ATOM   281  C  CG  . LEU A 1 62  ? -6.511  -4.511  13.599  1.00 38.38 ? 59  LEU A CG  1 
ATOM   282  C  CD1 . LEU A 1 62  ? -6.621  -3.692  12.305  1.00 39.47 ? 59  LEU A CD1 1 
ATOM   283  C  CD2 . LEU A 1 62  ? -7.667  -4.172  14.536  1.00 40.36 ? 59  LEU A CD2 1 
ATOM   284  N  N   . MET A 1 63  ? -4.166  -8.385  13.290  1.00 34.34 ? 60  MET A N   1 
ATOM   285  C  CA  . MET A 1 63  ? -2.908  -8.911  13.828  1.00 34.04 ? 60  MET A CA  1 
ATOM   286  C  C   . MET A 1 63  ? -1.953  -9.301  12.702  1.00 32.49 ? 60  MET A C   1 
ATOM   287  O  O   . MET A 1 63  ? -0.759  -9.033  12.782  1.00 30.87 ? 60  MET A O   1 
ATOM   288  C  CB  . MET A 1 63  ? -3.150  -10.037 14.846  1.00 34.74 ? 60  MET A CB  1 
ATOM   289  C  CG  . MET A 1 63  ? -4.006  -9.532  16.051  1.00 37.13 ? 60  MET A CG  1 
ATOM   290  S  SD  . MET A 1 63  ? -3.289  -8.055  16.849  1.00 48.40 ? 60  MET A SD  1 
ATOM   291  C  CE  . MET A 1 63  ? -4.665  -6.890  16.841  1.00 45.61 ? 60  MET A CE  1 
ATOM   292  N  N   . GLN A 1 64  ? -2.493  -9.884  11.641  1.00 31.40 ? 61  GLN A N   1 
ATOM   293  C  CA  . GLN A 1 64  ? -1.706  -10.147 10.442  1.00 30.81 ? 61  GLN A CA  1 
ATOM   294  C  C   . GLN A 1 64  ? -1.149  -8.851  9.803   1.00 30.07 ? 61  GLN A C   1 
ATOM   295  O  O   . GLN A 1 64  ? -0.015  -8.843  9.320   1.00 29.35 ? 61  GLN A O   1 
ATOM   296  C  CB  . GLN A 1 64  ? -2.506  -10.949 9.434   1.00 31.14 ? 61  GLN A CB  1 
ATOM   297  C  CG  . GLN A 1 64  ? -2.575  -12.447 9.783   1.00 31.94 ? 61  GLN A CG  1 
ATOM   298  C  CD  . GLN A 1 64  ? -3.326  -13.244 8.753   1.00 34.55 ? 61  GLN A CD  1 
ATOM   299  O  OE1 . GLN A 1 64  ? -4.130  -12.697 7.993   1.00 34.84 ? 61  GLN A OE1 1 
ATOM   300  N  NE2 . GLN A 1 64  ? -3.076  -14.553 8.721   1.00 33.62 ? 61  GLN A NE2 1 
ATOM   301  N  N   . ALA A 1 65  ? -1.947  -7.784  9.822   1.00 29.39 ? 62  ALA A N   1 
ATOM   302  C  CA  . ALA A 1 65  ? -1.539  -6.482  9.290   1.00 29.14 ? 62  ALA A CA  1 
ATOM   303  C  C   . ALA A 1 65  ? -0.439  -5.860  10.157  1.00 29.24 ? 62  ALA A C   1 
ATOM   304  O  O   . ALA A 1 65  ? 0.540   -5.326  9.646   1.00 27.90 ? 62  ALA A O   1 
ATOM   305  C  CB  . ALA A 1 65  ? -2.746  -5.541  9.159   1.00 29.32 ? 62  ALA A CB  1 
ATOM   306  N  N   . THR A 1 66  ? -0.567  -5.966  11.481  1.00 28.51 ? 63  THR A N   1 
ATOM   307  C  CA  . THR A 1 66  ? 0.487   -5.453  12.349  1.00 28.56 ? 63  THR A CA  1 
ATOM   308  C  C   . THR A 1 66  ? 1.811   -6.180  12.125  1.00 27.76 ? 63  THR A C   1 
ATOM   309  O  O   . THR A 1 66  ? 2.882   -5.541  12.079  1.00 27.44 ? 63  THR A O   1 
ATOM   310  C  CB  . THR A 1 66  ? 0.086   -5.483  13.861  1.00 29.49 ? 63  THR A CB  1 
ATOM   311  O  OG1 . THR A 1 66  ? -1.183  -4.850  14.025  1.00 30.68 ? 63  THR A OG1 1 
ATOM   312  C  CG2 . THR A 1 66  ? 1.094   -4.705  14.684  1.00 30.63 ? 63  THR A CG2 1 
ATOM   313  N  N   . ALA A 1 67  ? 1.740   -7.509  11.980  1.00 26.48 ? 64  ALA A N   1 
ATOM   314  C  CA  . ALA A 1 67  ? 2.942   -8.313  11.822  1.00 25.82 ? 64  ALA A CA  1 
ATOM   315  C  C   . ALA A 1 67  ? 3.593   -8.014  10.470  1.00 24.77 ? 64  ALA A C   1 
ATOM   316  O  O   . ALA A 1 67  ? 4.828   -7.929  10.372  1.00 23.56 ? 64  ALA A O   1 
ATOM   317  C  CB  . ALA A 1 67  ? 2.630   -9.782  11.955  1.00 25.39 ? 64  ALA A CB  1 
ATOM   318  N  N   . TRP A 1 68  ? 2.754   -7.852  9.447   1.00 23.07 ? 65  TRP A N   1 
ATOM   319  C  CA  . TRP A 1 68  ? 3.241   -7.553  8.080   1.00 22.71 ? 65  TRP A CA  1 
ATOM   320  C  C   . TRP A 1 68  ? 4.002   -6.213  8.086   1.00 21.83 ? 65  TRP A C   1 
ATOM   321  O  O   . TRP A 1 68  ? 5.151   -6.137  7.631   1.00 21.76 ? 65  TRP A O   1 
ATOM   322  C  CB  . TRP A 1 68  ? 2.072   -7.550  7.065   1.00 22.52 ? 65  TRP A CB  1 
ATOM   323  C  CG  . TRP A 1 68  ? 2.576   -7.521  5.637   1.00 21.37 ? 65  TRP A CG  1 
ATOM   324  C  CD1 . TRP A 1 68  ? 2.758   -8.571  4.812   1.00 22.38 ? 65  TRP A CD1 1 
ATOM   325  C  CD2 . TRP A 1 68  ? 3.021   -6.356  4.926   1.00 21.13 ? 65  TRP A CD2 1 
ATOM   326  N  NE1 . TRP A 1 68  ? 3.276   -8.140  3.595   1.00 23.68 ? 65  TRP A NE1 1 
ATOM   327  C  CE2 . TRP A 1 68  ? 3.446   -6.782  3.646   1.00 21.81 ? 65  TRP A CE2 1 
ATOM   328  C  CE3 . TRP A 1 68  ? 3.083   -4.998  5.247   1.00 20.26 ? 65  TRP A CE3 1 
ATOM   329  C  CZ2 . TRP A 1 68  ? 3.925   -5.885  2.667   1.00 22.49 ? 65  TRP A CZ2 1 
ATOM   330  C  CZ3 . TRP A 1 68  ? 3.564   -4.097  4.270   1.00 17.99 ? 65  TRP A CZ3 1 
ATOM   331  C  CH2 . TRP A 1 68  ? 4.009   -4.565  3.012   1.00 21.08 ? 65  TRP A CH2 1 
ATOM   332  N  N   . LEU A 1 69  ? 3.398   -5.180  8.674   1.00 22.33 ? 66  LEU A N   1 
ATOM   333  C  CA  . LEU A 1 69  ? 4.025   -3.853  8.671   1.00 22.41 ? 66  LEU A CA  1 
ATOM   334  C  C   . LEU A 1 69  ? 5.283   -3.835  9.521   1.00 22.87 ? 66  LEU A C   1 
ATOM   335  O  O   . LEU A 1 69  ? 6.244   -3.146  9.196   1.00 21.83 ? 66  LEU A O   1 
ATOM   336  C  CB  . LEU A 1 69  ? 3.084   -2.781  9.189   1.00 22.53 ? 66  LEU A CB  1 
ATOM   337  C  CG  . LEU A 1 69  ? 1.980   -2.249  8.288   1.00 24.22 ? 66  LEU A CG  1 
ATOM   338  C  CD1 . LEU A 1 69  ? 1.060   -1.347  9.126   1.00 24.90 ? 66  LEU A CD1 1 
ATOM   339  C  CD2 . LEU A 1 69  ? 2.551   -1.481  7.061   1.00 22.72 ? 66  LEU A CD2 1 
ATOM   340  N  N   . ASN A 1 70  ? 5.276   -4.587  10.621  1.00 22.92 ? 67  ASN A N   1 
ATOM   341  C  CA  A ASN A 1 70  ? 6.478   -4.634  11.441  1.00 24.39 ? 67  ASN A CA  1 
ATOM   342  C  CA  B ASN A 1 70  ? 6.491   -4.595  11.441  0.00 23.41 ? 67  ASN A CA  1 
ATOM   343  C  C   . ASN A 1 70  ? 7.605   -5.322  10.691  1.00 23.01 ? 67  ASN A C   1 
ATOM   344  O  O   . ASN A 1 70  ? 8.753   -4.871  10.767  1.00 23.47 ? 67  ASN A O   1 
ATOM   345  C  CB  A ASN A 1 70  ? 6.226   -5.282  12.809  1.00 25.80 ? 67  ASN A CB  1 
ATOM   346  C  CB  B ASN A 1 70  ? 6.250   -5.188  12.854  0.00 24.38 ? 67  ASN A CB  1 
ATOM   347  C  CG  A ASN A 1 70  ? 7.509   -5.446  13.601  1.00 31.41 ? 67  ASN A CG  1 
ATOM   348  C  CG  B ASN A 1 70  ? 5.834   -4.142  13.890  0.00 26.59 ? 67  ASN A CG  1 
ATOM   349  O  OD1 A ASN A 1 70  ? 8.054   -4.470  14.120  1.00 36.62 ? 67  ASN A OD1 1 
ATOM   350  O  OD1 B ASN A 1 70  ? 6.392   -3.036  13.971  0.00 28.44 ? 67  ASN A OD1 1 
ATOM   351  N  ND2 A ASN A 1 70  ? 8.026   -6.681  13.662  1.00 35.65 ? 67  ASN A ND2 1 
ATOM   352  N  ND2 B ASN A 1 70  ? 4.872   -4.514  14.736  0.00 28.27 ? 67  ASN A ND2 1 
ATOM   353  N  N   . ALA A 1 71  ? 7.285   -6.397  9.956   1.00 21.30 ? 68  ALA A N   1 
ATOM   354  C  CA  . ALA A 1 71  ? 8.255   -7.080  9.123   1.00 22.00 ? 68  ALA A CA  1 
ATOM   355  C  C   . ALA A 1 71  ? 8.765   -6.158  8.003   1.00 21.84 ? 68  ALA A C   1 
ATOM   356  O  O   . ALA A 1 71  ? 9.961   -6.147  7.696   1.00 21.39 ? 68  ALA A O   1 
ATOM   357  C  CB  . ALA A 1 71  ? 7.667   -8.343  8.523   1.00 22.19 ? 68  ALA A CB  1 
ATOM   358  N  N   . TYR A 1 72  ? 7.850   -5.398  7.402   1.00 20.56 ? 69  TYR A N   1 
ATOM   359  C  CA  . TYR A 1 72  ? 8.209   -4.459  6.330   1.00 20.66 ? 69  TYR A CA  1 
ATOM   360  C  C   . TYR A 1 72  ? 9.338   -3.544  6.790   1.00 20.63 ? 69  TYR A C   1 
ATOM   361  O  O   . TYR A 1 72  ? 10.307  -3.293  6.051   1.00 21.01 ? 69  TYR A O   1 
ATOM   362  C  CB  . TYR A 1 72  ? 6.994   -3.609  5.917   1.00 20.09 ? 69  TYR A CB  1 
ATOM   363  C  CG  . TYR A 1 72  ? 7.362   -2.618  4.849   1.00 19.03 ? 69  TYR A CG  1 
ATOM   364  C  CD1 . TYR A 1 72  ? 7.419   -3.009  3.476   1.00 17.25 ? 69  TYR A CD1 1 
ATOM   365  C  CD2 . TYR A 1 72  ? 7.710   -1.309  5.193   1.00 16.74 ? 69  TYR A CD2 1 
ATOM   366  C  CE1 . TYR A 1 72  ? 7.816   -2.077  2.488   1.00 17.87 ? 69  TYR A CE1 1 
ATOM   367  C  CE2 . TYR A 1 72  ? 8.092   -0.385  4.228   1.00 18.24 ? 69  TYR A CE2 1 
ATOM   368  C  CZ  . TYR A 1 72  ? 8.147   -0.767  2.890   1.00 19.23 ? 69  TYR A CZ  1 
ATOM   369  O  OH  . TYR A 1 72  ? 8.555   0.193   1.967   1.00 16.95 ? 69  TYR A OH  1 
ATOM   370  N  N   . PHE A 1 73  ? 9.209   -3.033  8.013   1.00 21.58 ? 70  PHE A N   1 
ATOM   371  C  CA  . PHE A 1 73  ? 10.176  -2.043  8.507   1.00 22.23 ? 70  PHE A CA  1 
ATOM   372  C  C   . PHE A 1 73  ? 11.421  -2.680  9.098   1.00 23.50 ? 70  PHE A C   1 
ATOM   373  O  O   . PHE A 1 73  ? 12.512  -2.156  8.935   1.00 23.79 ? 70  PHE A O   1 
ATOM   374  C  CB  . PHE A 1 73  ? 9.532   -1.116  9.537   1.00 21.93 ? 70  PHE A CB  1 
ATOM   375  C  CG  . PHE A 1 73  ? 8.597   -0.110  8.942   1.00 21.31 ? 70  PHE A CG  1 
ATOM   376  C  CD1 . PHE A 1 73  ? 9.068   0.876   8.071   1.00 20.92 ? 70  PHE A CD1 1 
ATOM   377  C  CD2 . PHE A 1 73  ? 7.251   -0.140  9.242   1.00 20.04 ? 70  PHE A CD2 1 
ATOM   378  C  CE1 . PHE A 1 73  ? 8.195   1.793   7.513   1.00 21.37 ? 70  PHE A CE1 1 
ATOM   379  C  CE2 . PHE A 1 73  ? 6.382   0.783   8.699   1.00 19.47 ? 70  PHE A CE2 1 
ATOM   380  C  CZ  . PHE A 1 73  ? 6.859   1.759   7.832   1.00 21.37 ? 70  PHE A CZ  1 
ATOM   381  N  N   . HIS A 1 74  ? 11.255  -3.814  9.776   1.00 23.88 ? 71  HIS A N   1 
ATOM   382  C  CA  . HIS A 1 74  ? 12.298  -4.333  10.660  1.00 25.24 ? 71  HIS A CA  1 
ATOM   383  C  C   . HIS A 1 74  ? 12.890  -5.672  10.247  1.00 25.38 ? 71  HIS A C   1 
ATOM   384  O  O   . HIS A 1 74  ? 13.946  -6.062  10.747  1.00 26.22 ? 71  HIS A O   1 
ATOM   385  C  CB  . HIS A 1 74  ? 11.761  -4.407  12.105  1.00 25.52 ? 71  HIS A CB  1 
ATOM   386  C  CG  . HIS A 1 74  ? 11.285  -3.081  12.616  1.00 28.53 ? 71  HIS A CG  1 
ATOM   387  N  ND1 . HIS A 1 74  ? 9.967   -2.829  12.934  1.00 31.03 ? 71  HIS A ND1 1 
ATOM   388  C  CD2 . HIS A 1 74  ? 11.945  -1.910  12.786  1.00 28.96 ? 71  HIS A CD2 1 
ATOM   389  C  CE1 . HIS A 1 74  ? 9.844   -1.569  13.312  1.00 30.10 ? 71  HIS A CE1 1 
ATOM   390  N  NE2 . HIS A 1 74  ? 11.027  -0.991  13.224  1.00 30.55 ? 71  HIS A NE2 1 
ATOM   391  N  N   . GLN A 1 75  ? 12.196  -6.390  9.367   1.00 24.67 ? 72  GLN A N   1 
ATOM   392  C  CA  . GLN A 1 75  ? 12.680  -7.664  8.841   1.00 24.95 ? 72  GLN A CA  1 
ATOM   393  C  C   . GLN A 1 75  ? 12.380  -7.735  7.330   1.00 24.13 ? 72  GLN A C   1 
ATOM   394  O  O   . GLN A 1 75  ? 11.783  -8.709  6.849   1.00 23.74 ? 72  GLN A O   1 
ATOM   395  C  CB  . GLN A 1 75  ? 12.052  -8.829  9.659   1.00 23.90 ? 72  GLN A CB  1 
ATOM   396  C  CG  . GLN A 1 75  ? 12.574  -10.229 9.331   1.00 28.48 ? 72  GLN A CG  1 
ATOM   397  C  CD  . GLN A 1 75  ? 12.115  -11.306 10.347  1.00 32.35 ? 72  GLN A CD  1 
ATOM   398  O  OE1 . GLN A 1 75  ? 11.367  -11.016 11.280  1.00 31.49 ? 72  GLN A OE1 1 
ATOM   399  N  NE2 . GLN A 1 75  ? 12.594  -12.546 10.167  1.00 35.53 ? 72  GLN A NE2 1 
ATOM   400  N  N   . PRO A 1 76  ? 12.765  -6.680  6.575   1.00 24.55 ? 73  PRO A N   1 
ATOM   401  C  CA  . PRO A 1 76  ? 12.268  -6.605  5.184   1.00 25.66 ? 73  PRO A CA  1 
ATOM   402  C  C   . PRO A 1 76  ? 12.685  -7.767  4.277   1.00 25.83 ? 73  PRO A C   1 
ATOM   403  O  O   . PRO A 1 76  ? 11.994  -8.058  3.291   1.00 26.20 ? 73  PRO A O   1 
ATOM   404  C  CB  . PRO A 1 76  ? 12.845  -5.270  4.666   1.00 25.10 ? 73  PRO A CB  1 
ATOM   405  C  CG  . PRO A 1 76  ? 13.974  -4.937  5.554   1.00 25.79 ? 73  PRO A CG  1 
ATOM   406  C  CD  . PRO A 1 76  ? 13.577  -5.499  6.927   1.00 24.57 ? 73  PRO A CD  1 
ATOM   407  N  N   . GLU A 1 77  ? 13.805  -8.417  4.600   1.00 26.88 ? 74  GLU A N   1 
ATOM   408  C  CA  . GLU A 1 77  ? 14.281  -9.604  3.861   1.00 27.77 ? 74  GLU A CA  1 
ATOM   409  C  C   . GLU A 1 77  ? 13.269  -10.765 3.882   1.00 28.10 ? 74  GLU A C   1 
ATOM   410  O  O   . GLU A 1 77  ? 13.237  -11.599 2.959   1.00 28.24 ? 74  GLU A O   1 
ATOM   411  C  CB  . GLU A 1 77  ? 15.685  -10.052 4.372   1.00 28.36 ? 74  GLU A CB  1 
ATOM   412  C  CG  . GLU A 1 77  ? 15.763  -10.672 5.771   1.00 29.48 ? 74  GLU A CG  1 
ATOM   413  C  CD  . GLU A 1 77  ? 15.730  -9.648  6.924   1.00 31.69 ? 74  GLU A CD  1 
ATOM   414  O  OE1 . GLU A 1 77  ? 15.690  -8.412  6.691   1.00 29.33 ? 74  GLU A OE1 1 
ATOM   415  O  OE2 . GLU A 1 77  ? 15.762  -10.096 8.088   1.00 29.85 ? 74  GLU A OE2 1 
ATOM   416  N  N   . ALA A 1 78  ? 12.443  -10.800 4.929   1.00 27.18 ? 75  ALA A N   1 
ATOM   417  C  CA  . ALA A 1 78  ? 11.434  -11.852 5.111   1.00 27.29 ? 75  ALA A CA  1 
ATOM   418  C  C   . ALA A 1 78  ? 10.034  -11.431 4.673   1.00 26.64 ? 75  ALA A C   1 
ATOM   419  O  O   . ALA A 1 78  ? 9.086   -12.191 4.855   1.00 26.77 ? 75  ALA A O   1 
ATOM   420  C  CB  . ALA A 1 78  ? 11.400  -12.296 6.599   1.00 27.01 ? 75  ALA A CB  1 
ATOM   421  N  N   . ILE A 1 79  ? 9.876   -10.226 4.116   1.00 26.11 ? 76  ILE A N   1 
ATOM   422  C  CA  . ILE A 1 79  ? 8.515   -9.679  3.897   1.00 25.58 ? 76  ILE A CA  1 
ATOM   423  C  C   . ILE A 1 79  ? 7.580   -10.599 3.080   1.00 26.56 ? 76  ILE A C   1 
ATOM   424  O  O   . ILE A 1 79  ? 6.379   -10.663 3.356   1.00 25.56 ? 76  ILE A O   1 
ATOM   425  C  CB  . ILE A 1 79  ? 8.541   -8.244  3.294   1.00 25.94 ? 76  ILE A CB  1 
ATOM   426  C  CG1 . ILE A 1 79  ? 7.169   -7.543  3.383   1.00 24.02 ? 76  ILE A CG1 1 
ATOM   427  C  CG2 . ILE A 1 79  ? 9.040   -8.285  1.883   1.00 25.27 ? 76  ILE A CG2 1 
ATOM   428  C  CD1 . ILE A 1 79  ? 6.592   -7.460  4.805   1.00 20.66 ? 76  ILE A CD1 1 
ATOM   429  N  N   . GLU A 1 80  ? 8.119   -11.301 2.091   1.00 27.90 ? 77  GLU A N   1 
ATOM   430  C  CA  . GLU A 1 80  ? 7.292   -12.221 1.277   1.00 31.16 ? 77  GLU A CA  1 
ATOM   431  C  C   . GLU A 1 80  ? 6.794   -13.439 2.057   1.00 31.75 ? 77  GLU A C   1 
ATOM   432  O  O   . GLU A 1 80  ? 5.904   -14.156 1.580   1.00 32.23 ? 77  GLU A O   1 
ATOM   433  C  CB  . GLU A 1 80  ? 8.042   -12.700 0.032   1.00 32.51 ? 77  GLU A CB  1 
ATOM   434  C  CG  . GLU A 1 80  ? 8.720   -11.590 -0.718  1.00 36.58 ? 77  GLU A CG  1 
ATOM   435  C  CD  . GLU A 1 80  ? 9.032   -11.951 -2.151  1.00 44.63 ? 77  GLU A CD  1 
ATOM   436  O  OE1 . GLU A 1 80  ? 8.283   -11.484 -3.050  1.00 45.48 ? 77  GLU A OE1 1 
ATOM   437  O  OE2 . GLU A 1 80  ? 10.032  -12.678 -2.374  1.00 47.27 ? 77  GLU A OE2 1 
ATOM   438  N  N   . GLU A 1 81  ? 7.358   -13.664 3.245   1.00 31.98 ? 78  GLU A N   1 
ATOM   439  C  CA  A GLU A 1 81  ? 6.936   -14.811 4.051   0.50 32.33 ? 78  GLU A CA  1 
ATOM   440  C  CA  B GLU A 1 81  ? 6.983   -14.795 4.109   0.50 32.21 ? 78  GLU A CA  1 
ATOM   441  C  C   . GLU A 1 81  ? 5.728   -14.493 4.925   1.00 31.80 ? 78  GLU A C   1 
ATOM   442  O  O   . GLU A 1 81  ? 5.037   -15.405 5.371   1.00 31.86 ? 78  GLU A O   1 
ATOM   443  C  CB  A GLU A 1 81  ? 8.094   -15.361 4.887   0.50 32.56 ? 78  GLU A CB  1 
ATOM   444  C  CB  B GLU A 1 81  ? 8.127   -15.138 5.073   0.50 32.25 ? 78  GLU A CB  1 
ATOM   445  C  CG  A GLU A 1 81  ? 9.172   -16.056 4.065   0.50 34.38 ? 78  GLU A CG  1 
ATOM   446  C  CG  B GLU A 1 81  ? 9.420   -15.629 4.423   0.50 33.76 ? 78  GLU A CG  1 
ATOM   447  C  CD  A GLU A 1 81  ? 8.620   -17.112 3.136   0.50 36.55 ? 78  GLU A CD  1 
ATOM   448  C  CD  B GLU A 1 81  ? 10.575  -15.708 5.415   0.50 34.35 ? 78  GLU A CD  1 
ATOM   449  O  OE1 A GLU A 1 81  ? 7.560   -17.700 3.447   0.50 38.07 ? 78  GLU A OE1 1 
ATOM   450  O  OE1 B GLU A 1 81  ? 10.313  -15.949 6.619   0.50 35.17 ? 78  GLU A OE1 1 
ATOM   451  O  OE2 A GLU A 1 81  ? 9.251   -17.360 2.085   0.50 37.85 ? 78  GLU A OE2 1 
ATOM   452  O  OE2 B GLU A 1 81  ? 11.746  -15.520 4.998   0.50 34.99 ? 78  GLU A OE2 1 
ATOM   453  N  N   . PHE A 1 82  ? 5.463   -13.205 5.158   1.00 30.43 ? 79  PHE A N   1 
ATOM   454  C  CA  . PHE A 1 82  ? 4.355   -12.793 6.022   1.00 29.70 ? 79  PHE A CA  1 
ATOM   455  C  C   . PHE A 1 82  ? 3.039   -12.770 5.267   1.00 29.70 ? 79  PHE A C   1 
ATOM   456  O  O   . PHE A 1 82  ? 2.973   -12.224 4.157   1.00 29.21 ? 79  PHE A O   1 
ATOM   457  C  CB  . PHE A 1 82  ? 4.623   -11.433 6.663   1.00 29.36 ? 79  PHE A CB  1 
ATOM   458  C  CG  . PHE A 1 82  ? 5.581   -11.496 7.802   1.00 28.68 ? 79  PHE A CG  1 
ATOM   459  C  CD1 . PHE A 1 82  ? 5.131   -11.347 9.106   1.00 28.64 ? 79  PHE A CD1 1 
ATOM   460  C  CD2 . PHE A 1 82  ? 6.931   -11.754 7.576   1.00 27.06 ? 79  PHE A CD2 1 
ATOM   461  C  CE1 . PHE A 1 82  ? 6.026   -11.429 10.193  1.00 29.55 ? 79  PHE A CE1 1 
ATOM   462  C  CE2 . PHE A 1 82  ? 7.834   -11.848 8.655   1.00 27.57 ? 79  PHE A CE2 1 
ATOM   463  C  CZ  . PHE A 1 82  ? 7.370   -11.674 9.958   1.00 28.26 ? 79  PHE A CZ  1 
ATOM   464  N  N   . PRO A 1 83  ? 1.996   -13.400 5.847   1.00 29.66 ? 80  PRO A N   1 
ATOM   465  C  CA  . PRO A 1 83  ? 0.670   -13.409 5.237   1.00 29.44 ? 80  PRO A CA  1 
ATOM   466  C  C   . PRO A 1 83  ? 0.127   -11.987 5.028   1.00 28.09 ? 80  PRO A C   1 
ATOM   467  O  O   . PRO A 1 83  ? 0.252   -11.130 5.890   1.00 28.54 ? 80  PRO A O   1 
ATOM   468  C  CB  . PRO A 1 83  ? -0.196  -14.162 6.268   1.00 29.76 ? 80  PRO A CB  1 
ATOM   469  C  CG  . PRO A 1 83  ? 0.729   -14.940 7.081   1.00 30.45 ? 80  PRO A CG  1 
ATOM   470  C  CD  . PRO A 1 83  ? 2.034   -14.176 7.105   1.00 30.25 ? 80  PRO A CD  1 
ATOM   471  N  N   . VAL A 1 84  ? -0.470  -11.741 3.870   1.00 27.75 ? 81  VAL A N   1 
ATOM   472  C  CA  . VAL A 1 84  ? -1.139  -10.466 3.634   1.00 27.21 ? 81  VAL A CA  1 
ATOM   473  C  C   . VAL A 1 84  ? -2.543  -10.575 4.214   1.00 26.64 ? 81  VAL A C   1 
ATOM   474  O  O   . VAL A 1 84  ? -3.237  -11.516 3.902   1.00 27.18 ? 81  VAL A O   1 
ATOM   475  C  CB  . VAL A 1 84  ? -1.192  -10.148 2.122   1.00 27.18 ? 81  VAL A CB  1 
ATOM   476  C  CG1 . VAL A 1 84  ? -1.948  -8.856  1.884   1.00 27.50 ? 81  VAL A CG1 1 
ATOM   477  C  CG2 . VAL A 1 84  ? 0.227   -10.099 1.535   1.00 29.13 ? 81  VAL A CG2 1 
ATOM   478  N  N   . PRO A 1 85  ? -2.953  -9.622  5.070   1.00 26.31 ? 82  PRO A N   1 
ATOM   479  C  CA  . PRO A 1 85  ? -4.282  -9.627  5.695   1.00 26.89 ? 82  PRO A CA  1 
ATOM   480  C  C   . PRO A 1 85  ? -5.404  -9.500  4.669   1.00 27.26 ? 82  PRO A C   1 
ATOM   481  O  O   . PRO A 1 85  ? -5.197  -8.929  3.585   1.00 26.62 ? 82  PRO A O   1 
ATOM   482  C  CB  . PRO A 1 85  ? -4.261  -8.383  6.600   1.00 27.20 ? 82  PRO A CB  1 
ATOM   483  C  CG  . PRO A 1 85  ? -3.141  -7.537  6.058   1.00 26.32 ? 82  PRO A CG  1 
ATOM   484  C  CD  . PRO A 1 85  ? -2.153  -8.451  5.466   1.00 26.18 ? 82  PRO A CD  1 
ATOM   485  N  N   . ALA A 1 86  ? -6.569  -10.064 4.995   1.00 27.18 ? 83  ALA A N   1 
ATOM   486  C  CA  . ALA A 1 86  ? -7.766  -9.832  4.204   1.00 26.08 ? 83  ALA A CA  1 
ATOM   487  C  C   . ALA A 1 86  ? -8.107  -8.364  4.321   1.00 25.28 ? 83  ALA A C   1 
ATOM   488  O  O   . ALA A 1 86  ? -7.799  -7.714  5.341   1.00 24.63 ? 83  ALA A O   1 
ATOM   489  C  CB  . ALA A 1 86  ? -8.948  -10.735 4.678   1.00 26.96 ? 83  ALA A CB  1 
ATOM   490  N  N   . LEU A 1 87  ? -8.706  -7.816  3.263   1.00 24.14 ? 84  LEU A N   1 
ATOM   491  C  CA  . LEU A 1 87  ? -8.989  -6.384  3.247   1.00 23.78 ? 84  LEU A CA  1 
ATOM   492  C  C   . LEU A 1 87  ? -10.489 -6.215  3.190   1.00 23.47 ? 84  LEU A C   1 
ATOM   493  O  O   . LEU A 1 87  ? -11.145 -6.897  2.398   1.00 25.28 ? 84  LEU A O   1 
ATOM   494  C  CB  . LEU A 1 87  ? -8.320  -5.717  2.027   1.00 23.73 ? 84  LEU A CB  1 
ATOM   495  C  CG  . LEU A 1 87  ? -6.824  -6.041  1.845   1.00 22.71 ? 84  LEU A CG  1 
ATOM   496  C  CD1 . LEU A 1 87  ? -6.289  -5.537  0.508   1.00 28.12 ? 84  LEU A CD1 1 
ATOM   497  C  CD2 . LEU A 1 87  ? -5.985  -5.471  2.970   1.00 25.05 ? 84  LEU A CD2 1 
ATOM   498  N  N   . HIS A 1 88  ? -11.035 -5.304  3.980   1.00 23.75 ? 85  HIS A N   1 
ATOM   499  C  CA  . HIS A 1 88  ? -12.495 -5.171  4.021   1.00 23.70 ? 85  HIS A CA  1 
ATOM   500  C  C   . HIS A 1 88  ? -13.015 -3.739  3.927   1.00 22.85 ? 85  HIS A C   1 
ATOM   501  O  O   . HIS A 1 88  ? -14.228 -3.487  4.072   1.00 23.02 ? 85  HIS A O   1 
ATOM   502  C  CB  . HIS A 1 88  ? -13.097 -5.941  5.232   1.00 24.68 ? 85  HIS A CB  1 
ATOM   503  C  CG  . HIS A 1 88  ? -14.548 -6.278  5.057   1.00 25.16 ? 85  HIS A CG  1 
ATOM   504  N  ND1 . HIS A 1 88  ? -15.537 -5.747  5.859   1.00 26.19 ? 85  HIS A ND1 1 
ATOM   505  C  CD2 . HIS A 1 88  ? -15.175 -7.058  4.147   1.00 26.30 ? 85  HIS A CD2 1 
ATOM   506  C  CE1 . HIS A 1 88  ? -16.713 -6.188  5.443   1.00 26.23 ? 85  HIS A CE1 1 
ATOM   507  N  NE2 . HIS A 1 88  ? -16.522 -6.986  4.411   1.00 25.13 ? 85  HIS A NE2 1 
ATOM   508  N  N   . HIS A 1 89  ? -12.120 -2.781  3.663   1.00 21.70 ? 86  HIS A N   1 
ATOM   509  C  CA  . HIS A 1 89  ? -12.589 -1.438  3.343   1.00 20.18 ? 86  HIS A CA  1 
ATOM   510  C  C   . HIS A 1 89  ? -13.625 -1.608  2.234   1.00 19.52 ? 86  HIS A C   1 
ATOM   511  O  O   . HIS A 1 89  ? -13.480 -2.516  1.410   1.00 18.66 ? 86  HIS A O   1 
ATOM   512  C  CB  . HIS A 1 89  ? -11.445 -0.532  2.865   1.00 19.62 ? 86  HIS A CB  1 
ATOM   513  C  CG  . HIS A 1 89  ? -11.868 0.888   2.681   1.00 18.68 ? 86  HIS A CG  1 
ATOM   514  N  ND1 . HIS A 1 89  ? -12.550 1.321   1.563   1.00 17.53 ? 86  HIS A ND1 1 
ATOM   515  C  CD2 . HIS A 1 89  ? -11.770 1.959   3.502   1.00 18.46 ? 86  HIS A CD2 1 
ATOM   516  C  CE1 . HIS A 1 89  ? -12.829 2.604   1.693   1.00 19.96 ? 86  HIS A CE1 1 
ATOM   517  N  NE2 . HIS A 1 89  ? -12.363 3.016   2.858   1.00 19.19 ? 86  HIS A NE2 1 
ATOM   518  N  N   . PRO A 1 90  ? -14.664 -0.754  2.212   1.00 19.86 ? 87  PRO A N   1 
ATOM   519  C  CA  . PRO A 1 90  ? -15.709 -0.853  1.187   1.00 19.88 ? 87  PRO A CA  1 
ATOM   520  C  C   . PRO A 1 90  ? -15.210 -0.816  -0.295  1.00 18.91 ? 87  PRO A C   1 
ATOM   521  O  O   . PRO A 1 90  ? -15.837 -1.398  -1.183  1.00 18.79 ? 87  PRO A O   1 
ATOM   522  C  CB  . PRO A 1 90  ? -16.590 0.353   1.506   1.00 19.82 ? 87  PRO A CB  1 
ATOM   523  C  CG  . PRO A 1 90  ? -16.495 0.454   3.046   1.00 21.05 ? 87  PRO A CG  1 
ATOM   524  C  CD  . PRO A 1 90  ? -15.043 0.174   3.310   1.00 20.27 ? 87  PRO A CD  1 
ATOM   525  N  N   . VAL A 1 91  ? -14.062 -0.196  -0.557  1.00 18.14 ? 88  VAL A N   1 
ATOM   526  C  CA  . VAL A 1 91  ? -13.498 -0.221  -1.930  1.00 18.57 ? 88  VAL A CA  1 
ATOM   527  C  C   . VAL A 1 91  ? -13.116 -1.654  -2.390  1.00 18.87 ? 88  VAL A C   1 
ATOM   528  O  O   . VAL A 1 91  ? -12.991 -1.929  -3.603  1.00 18.97 ? 88  VAL A O   1 
ATOM   529  C  CB  . VAL A 1 91  ? -12.283 0.755   -2.042  1.00 18.66 ? 88  VAL A CB  1 
ATOM   530  C  CG1 . VAL A 1 91  ? -11.036 0.101   -1.488  1.00 18.81 ? 88  VAL A CG1 1 
ATOM   531  C  CG2 . VAL A 1 91  ? -12.062 1.229   -3.505  1.00 17.71 ? 88  VAL A CG2 1 
ATOM   532  N  N   . PHE A 1 92  ? -12.915 -2.568  -1.432  1.00 19.19 ? 89  PHE A N   1 
ATOM   533  C  CA  . PHE A 1 92  ? -12.553 -3.960  -1.768  1.00 19.85 ? 89  PHE A CA  1 
ATOM   534  C  C   . PHE A 1 92  ? -13.766 -4.876  -1.808  1.00 20.53 ? 89  PHE A C   1 
ATOM   535  O  O   . PHE A 1 92  ? -13.670 -6.029  -2.254  1.00 20.79 ? 89  PHE A O   1 
ATOM   536  C  CB  . PHE A 1 92  ? -11.516 -4.530  -0.800  1.00 19.65 ? 89  PHE A CB  1 
ATOM   537  C  CG  . PHE A 1 92  ? -10.252 -3.737  -0.778  1.00 20.12 ? 89  PHE A CG  1 
ATOM   538  C  CD1 . PHE A 1 92  ? -9.409  -3.742  -1.905  1.00 19.88 ? 89  PHE A CD1 1 
ATOM   539  C  CD2 . PHE A 1 92  ? -9.949  -2.936  0.303   1.00 19.01 ? 89  PHE A CD2 1 
ATOM   540  C  CE1 . PHE A 1 92  ? -8.254  -2.967  -1.915  1.00 19.64 ? 89  PHE A CE1 1 
ATOM   541  C  CE2 . PHE A 1 92  ? -8.793  -2.150  0.311   1.00 18.77 ? 89  PHE A CE2 1 
ATOM   542  C  CZ  . PHE A 1 92  ? -7.943  -2.176  -0.828  1.00 18.61 ? 89  PHE A CZ  1 
ATOM   543  N  N   . GLN A 1 93  ? -14.900 -4.331  -1.385  1.00 21.84 ? 90  GLN A N   1 
ATOM   544  C  CA  . GLN A 1 93  ? -16.174 -5.084  -1.323  1.00 22.63 ? 90  GLN A CA  1 
ATOM   545  C  C   . GLN A 1 93  ? -16.939 -5.188  -2.635  1.00 23.05 ? 90  GLN A C   1 
ATOM   546  O  O   . GLN A 1 93  ? -17.809 -6.062  -2.776  1.00 22.74 ? 90  GLN A O   1 
ATOM   547  C  CB  . GLN A 1 93  ? -17.069 -4.481  -0.226  1.00 23.37 ? 90  GLN A CB  1 
ATOM   548  C  CG  . GLN A 1 93  ? -16.480 -4.606  1.158   1.00 24.40 ? 90  GLN A CG  1 
ATOM   549  C  CD  . GLN A 1 93  ? -17.370 -3.959  2.234   1.00 28.65 ? 90  GLN A CD  1 
ATOM   550  O  OE1 . GLN A 1 93  ? -18.581 -3.836  2.053   1.00 29.37 ? 90  GLN A OE1 1 
ATOM   551  N  NE2 . GLN A 1 93  ? -16.762 -3.521  3.327   1.00 24.63 ? 90  GLN A NE2 1 
ATOM   552  N  N   . GLN A 1 94  ? -16.645 -4.316  -3.604  1.00 22.16 ? 91  GLN A N   1 
ATOM   553  C  CA  . GLN A 1 94  ? -17.406 -4.276  -4.861  1.00 22.69 ? 91  GLN A CA  1 
ATOM   554  C  C   . GLN A 1 94  ? -16.451 -4.182  -6.047  1.00 21.27 ? 91  GLN A C   1 
ATOM   555  O  O   . GLN A 1 94  ? -15.397 -3.560  -5.959  1.00 18.80 ? 91  GLN A O   1 
ATOM   556  C  CB  . GLN A 1 94  ? -18.405 -3.097  -4.902  1.00 24.08 ? 91  GLN A CB  1 
ATOM   557  C  CG  . GLN A 1 94  ? -19.545 -3.177  -3.842  1.00 27.74 ? 91  GLN A CG  1 
ATOM   558  C  CD  . GLN A 1 94  ? -20.524 -4.337  -4.105  1.00 32.89 ? 91  GLN A CD  1 
ATOM   559  O  OE1 . GLN A 1 94  ? -20.732 -4.749  -5.256  1.00 35.45 ? 91  GLN A OE1 1 
ATOM   560  N  NE2 . GLN A 1 94  ? -21.117 -4.871  -3.036  1.00 33.53 ? 91  GLN A NE2 1 
ATOM   561  N  N   . GLU A 1 95  ? -16.830 -4.815  -7.144  1.00 21.23 ? 92  GLU A N   1 
ATOM   562  C  CA  . GLU A 1 95  ? -16.060 -4.773  -8.374  1.00 22.07 ? 92  GLU A CA  1 
ATOM   563  C  C   . GLU A 1 95  ? -15.934 -3.332  -8.899  1.00 21.02 ? 92  GLU A C   1 
ATOM   564  O  O   . GLU A 1 95  ? -16.942 -2.628  -9.031  1.00 21.93 ? 92  GLU A O   1 
ATOM   565  C  CB  . GLU A 1 95  ? -16.779 -5.633  -9.403  1.00 23.88 ? 92  GLU A CB  1 
ATOM   566  C  CG  . GLU A 1 95  ? -16.035 -5.829  -10.717 1.00 28.96 ? 92  GLU A CG  1 
ATOM   567  C  CD  . GLU A 1 95  ? -16.734 -6.867  -11.592 1.00 40.09 ? 92  GLU A CD  1 
ATOM   568  O  OE1 . GLU A 1 95  ? -16.044 -7.780  -12.094 1.00 43.48 ? 92  GLU A OE1 1 
ATOM   569  O  OE2 . GLU A 1 95  ? -17.983 -6.783  -11.744 1.00 43.39 ? 92  GLU A OE2 1 
ATOM   570  N  N   . SER A 1 96  ? -14.715 -2.897  -9.206  1.00 18.68 ? 93  SER A N   1 
ATOM   571  C  CA  . SER A 1 96  ? -14.501 -1.585  -9.836  1.00 18.11 ? 93  SER A CA  1 
ATOM   572  C  C   . SER A 1 96  ? -13.077 -1.514  -10.399 1.00 17.86 ? 93  SER A C   1 
ATOM   573  O  O   . SER A 1 96  ? -12.216 -2.332  -10.030 1.00 15.90 ? 93  SER A O   1 
ATOM   574  C  CB  . SER A 1 96  ? -14.703 -0.429  -8.832  1.00 16.76 ? 93  SER A CB  1 
ATOM   575  O  OG  . SER A 1 96  ? -13.653 -0.379  -7.867  1.00 15.91 ? 93  SER A OG  1 
ATOM   576  N  N   . PHE A 1 97  ? -12.847 -0.526  -11.273 1.00 16.75 ? 94  PHE A N   1 
ATOM   577  C  CA  . PHE A 1 97  ? -11.499 -0.287  -11.794 1.00 16.52 ? 94  PHE A CA  1 
ATOM   578  C  C   . PHE A 1 97  ? -10.580 0.117   -10.631 1.00 15.86 ? 94  PHE A C   1 
ATOM   579  O  O   . PHE A 1 97  ? -9.416  -0.272  -10.600 1.00 16.17 ? 94  PHE A O   1 
ATOM   580  C  CB  . PHE A 1 97  ? -11.522 0.798   -12.886 1.00 15.16 ? 94  PHE A CB  1 
ATOM   581  C  CG  . PHE A 1 97  ? -10.145 1.195   -13.370 1.00 17.65 ? 94  PHE A CG  1 
ATOM   582  C  CD1 . PHE A 1 97  ? -9.445  0.386   -14.281 1.00 17.99 ? 94  PHE A CD1 1 
ATOM   583  C  CD2 . PHE A 1 97  ? -9.554  2.356   -12.914 1.00 16.91 ? 94  PHE A CD2 1 
ATOM   584  C  CE1 . PHE A 1 97  ? -8.154  0.773   -14.746 1.00 14.99 ? 94  PHE A CE1 1 
ATOM   585  C  CE2 . PHE A 1 97  ? -8.263  2.753   -13.363 1.00 16.52 ? 94  PHE A CE2 1 
ATOM   586  C  CZ  . PHE A 1 97  ? -7.584  1.967   -14.275 1.00 14.49 ? 94  PHE A CZ  1 
ATOM   587  N  N   . THR A 1 98  ? -11.108 0.876   -9.662  1.00 15.37 ? 95  THR A N   1 
ATOM   588  C  CA  . THR A 1 98  ? -10.301 1.293   -8.524  1.00 16.22 ? 95  THR A CA  1 
ATOM   589  C  C   . THR A 1 98  ? -9.872  0.063   -7.753  1.00 15.00 ? 95  THR A C   1 
ATOM   590  O  O   . THR A 1 98  ? -8.710  -0.029  -7.289  1.00 14.79 ? 95  THR A O   1 
ATOM   591  C  CB  . THR A 1 98  ? -11.091 2.263   -7.610  1.00 17.09 ? 95  THR A CB  1 
ATOM   592  O  OG1 . THR A 1 98  ? -11.414 3.441   -8.343  1.00 19.76 ? 95  THR A OG1 1 
ATOM   593  C  CG2 . THR A 1 98  ? -10.309 2.637   -6.358  1.00 19.00 ? 95  THR A CG2 1 
ATOM   594  N  N   . ARG A 1 99  ? -10.802 -0.891  -7.587  1.00 14.52 ? 96  ARG A N   1 
ATOM   595  C  CA  . ARG A 1 99  ? -10.438 -2.117  -6.892  1.00 14.77 ? 96  ARG A CA  1 
ATOM   596  C  C   . ARG A 1 99  ? -9.357  -2.869  -7.638  1.00 14.56 ? 96  ARG A C   1 
ATOM   597  O  O   . ARG A 1 99  ? -8.401  -3.366  -7.029  1.00 15.21 ? 96  ARG A O   1 
ATOM   598  C  CB  . ARG A 1 99  ? -11.649 -3.063  -6.640  1.00 13.61 ? 96  ARG A CB  1 
ATOM   599  C  CG  . ARG A 1 99  ? -11.233 -4.242  -5.748  1.00 15.57 ? 96  ARG A CG  1 
ATOM   600  C  CD  . ARG A 1 99  ? -12.484 -5.034  -5.195  1.00 16.37 ? 96  ARG A CD  1 
ATOM   601  N  NE  . ARG A 1 99  ? -12.990 -5.926  -6.228  1.00 19.39 ? 96  ARG A NE  1 
ATOM   602  C  CZ  . ARG A 1 99  ? -13.992 -6.792  -6.063  1.00 21.15 ? 96  ARG A CZ  1 
ATOM   603  N  NH1 . ARG A 1 99  ? -14.617 -6.880  -4.891  1.00 20.55 ? 96  ARG A NH1 1 
ATOM   604  N  NH2 . ARG A 1 99  ? -14.376 -7.553  -7.078  1.00 21.28 ? 96  ARG A NH2 1 
ATOM   605  N  N   . GLN A 1 100 ? -9.503  -2.952  -8.961  1.00 14.40 ? 97  GLN A N   1 
ATOM   606  C  CA  . GLN A 1 100 ? -8.489  -3.593  -9.784  1.00 15.56 ? 97  GLN A CA  1 
ATOM   607  C  C   . GLN A 1 100 ? -7.125  -2.929  -9.691  1.00 14.81 ? 97  GLN A C   1 
ATOM   608  O  O   . GLN A 1 100 ? -6.103  -3.631  -9.628  1.00 15.64 ? 97  GLN A O   1 
ATOM   609  C  CB  . GLN A 1 100 ? -8.947  -3.663  -11.245 1.00 16.90 ? 97  GLN A CB  1 
ATOM   610  C  CG  . GLN A 1 100 ? -9.918  -4.798  -11.509 1.00 20.69 ? 97  GLN A CG  1 
ATOM   611  C  CD  . GLN A 1 100 ? -9.292  -6.186  -11.281 1.00 24.58 ? 97  GLN A CD  1 
ATOM   612  O  OE1 . GLN A 1 100 ? -8.292  -6.551  -11.901 1.00 28.32 ? 97  GLN A OE1 1 
ATOM   613  N  NE2 . GLN A 1 100 ? -9.882  -6.947  -10.389 1.00 24.18 ? 97  GLN A NE2 1 
ATOM   614  N  N   . VAL A 1 101 ? -7.092  -1.593  -9.677  1.00 14.76 ? 98  VAL A N   1 
ATOM   615  C  CA  . VAL A 1 101 ? -5.816  -0.876  -9.496  1.00 14.59 ? 98  VAL A CA  1 
ATOM   616  C  C   . VAL A 1 101 ? -5.111  -1.329  -8.216  1.00 15.57 ? 98  VAL A C   1 
ATOM   617  O  O   . VAL A 1 101 ? -3.925  -1.711  -8.236  1.00 14.51 ? 98  VAL A O   1 
ATOM   618  C  CB  . VAL A 1 101 ? -5.995  0.656   -9.483  1.00 13.25 ? 98  VAL A CB  1 
ATOM   619  C  CG1 . VAL A 1 101 ? -4.673  1.361   -9.057  1.00 14.34 ? 98  VAL A CG1 1 
ATOM   620  C  CG2 . VAL A 1 101 ? -6.468  1.143   -10.877 1.00 12.63 ? 98  VAL A CG2 1 
ATOM   621  N  N   . LEU A 1 102 ? -5.846  -1.277  -7.100  1.00 15.40 ? 99  LEU A N   1 
ATOM   622  C  CA  . LEU A 1 102 ? -5.271  -1.605  -5.800  1.00 15.68 ? 99  LEU A CA  1 
ATOM   623  C  C   . LEU A 1 102 ? -4.928  -3.081  -5.675  1.00 15.66 ? 99  LEU A C   1 
ATOM   624  O  O   . LEU A 1 102 ? -3.852  -3.431  -5.182  1.00 16.03 ? 99  LEU A O   1 
ATOM   625  C  CB  . LEU A 1 102 ? -6.243  -1.150  -4.680  1.00 14.89 ? 99  LEU A CB  1 
ATOM   626  C  CG  . LEU A 1 102 ? -6.589  0.348   -4.706  1.00 15.56 ? 99  LEU A CG  1 
ATOM   627  C  CD1 . LEU A 1 102 ? -7.676  0.657   -3.708  1.00 15.62 ? 99  LEU A CD1 1 
ATOM   628  C  CD2 . LEU A 1 102 ? -5.357  1.234   -4.446  1.00 15.71 ? 99  LEU A CD2 1 
ATOM   629  N  N   . TRP A 1 103 ? -5.861  -3.970  -6.040  1.00 16.05 ? 100 TRP A N   1 
ATOM   630  C  CA  . TRP A 1 103 ? -5.563  -5.395  -6.028  1.00 16.57 ? 100 TRP A CA  1 
ATOM   631  C  C   . TRP A 1 103 ? -4.365  -5.779  -6.916  1.00 16.63 ? 100 TRP A C   1 
ATOM   632  O  O   . TRP A 1 103 ? -3.511  -6.590  -6.516  1.00 16.28 ? 100 TRP A O   1 
ATOM   633  C  CB  . TRP A 1 103 ? -6.770  -6.199  -6.503  1.00 16.62 ? 100 TRP A CB  1 
ATOM   634  C  CG  . TRP A 1 103 ? -7.783  -6.575  -5.432  1.00 21.95 ? 100 TRP A CG  1 
ATOM   635  C  CD1 . TRP A 1 103 ? -7.734  -6.303  -4.082  1.00 24.18 ? 100 TRP A CD1 1 
ATOM   636  C  CD2 . TRP A 1 103 ? -8.993  -7.332  -5.643  1.00 24.16 ? 100 TRP A CD2 1 
ATOM   637  N  NE1 . TRP A 1 103 ? -8.865  -6.836  -3.449  1.00 24.17 ? 100 TRP A NE1 1 
ATOM   638  C  CE2 . TRP A 1 103 ? -9.630  -7.481  -4.383  1.00 24.39 ? 100 TRP A CE2 1 
ATOM   639  C  CE3 . TRP A 1 103 ? -9.578  -7.920  -6.771  1.00 27.73 ? 100 TRP A CE3 1 
ATOM   640  C  CZ2 . TRP A 1 103 ? -10.849 -8.174  -4.224  1.00 26.94 ? 100 TRP A CZ2 1 
ATOM   641  C  CZ3 . TRP A 1 103 ? -10.796 -8.619  -6.610  1.00 29.32 ? 100 TRP A CZ3 1 
ATOM   642  C  CH2 . TRP A 1 103 ? -11.406 -8.733  -5.345  1.00 27.97 ? 100 TRP A CH2 1 
ATOM   643  N  N   . LYS A 1 104 ? -4.327  -5.267  -8.145  1.00 16.07 ? 101 LYS A N   1 
ATOM   644  C  CA  . LYS A 1 104 ? -3.270  -5.694  -9.064  1.00 16.33 ? 101 LYS A CA  1 
ATOM   645  C  C   . LYS A 1 104 ? -1.930  -5.136  -8.585  1.00 15.25 ? 101 LYS A C   1 
ATOM   646  O  O   . LYS A 1 104 ? -0.919  -5.824  -8.667  1.00 16.31 ? 101 LYS A O   1 
ATOM   647  C  CB  . LYS A 1 104 ? -3.546  -5.248  -10.514 1.00 15.60 ? 101 LYS A CB  1 
ATOM   648  C  CG  . LYS A 1 104 ? -4.643  -6.036  -11.252 1.00 19.98 ? 101 LYS A CG  1 
ATOM   649  C  CD  . LYS A 1 104 ? -4.100  -7.403  -11.735 1.00 25.25 ? 101 LYS A CD  1 
ATOM   650  C  CE  . LYS A 1 104 ? -5.059  -8.129  -12.684 1.00 28.58 ? 101 LYS A CE  1 
ATOM   651  N  NZ  . LYS A 1 104 ? -6.243  -8.606  -11.921 1.00 31.27 ? 101 LYS A NZ  1 
ATOM   652  N  N   . LEU A 1 105 ? -1.931  -3.915  -8.055  1.00 14.26 ? 102 LEU A N   1 
ATOM   653  C  CA  . LEU A 1 105 ? -0.678  -3.312  -7.527  1.00 14.27 ? 102 LEU A CA  1 
ATOM   654  C  C   . LEU A 1 105 ? -0.131  -4.191  -6.381  1.00 15.39 ? 102 LEU A C   1 
ATOM   655  O  O   . LEU A 1 105 ? 1.062   -4.560  -6.322  1.00 14.31 ? 102 LEU A O   1 
ATOM   656  C  CB  . LEU A 1 105 ? -0.982  -1.908  -7.014  1.00 14.00 ? 102 LEU A CB  1 
ATOM   657  C  CG  . LEU A 1 105 ? 0.137   -1.146  -6.297  1.00 14.47 ? 102 LEU A CG  1 
ATOM   658  C  CD1 . LEU A 1 105 ? 1.376   -1.079  -7.226  1.00 15.49 ? 102 LEU A CD1 1 
ATOM   659  C  CD2 . LEU A 1 105 ? -0.386  0.243   -5.966  1.00 14.34 ? 102 LEU A CD2 1 
ATOM   660  N  N   . LEU A 1 106 ? -1.041  -4.543  -5.472  1.00 15.56 ? 103 LEU A N   1 
ATOM   661  C  CA  . LEU A 1 106 ? -0.705  -5.445  -4.379  1.00 16.94 ? 103 LEU A CA  1 
ATOM   662  C  C   . LEU A 1 106 ? -0.148  -6.788  -4.843  1.00 17.00 ? 103 LEU A C   1 
ATOM   663  O  O   . LEU A 1 106 ? 0.890   -7.253  -4.329  1.00 16.41 ? 103 LEU A O   1 
ATOM   664  C  CB  . LEU A 1 106 ? -1.954  -5.676  -3.512  1.00 17.08 ? 103 LEU A CB  1 
ATOM   665  C  CG  . LEU A 1 106 ? -1.838  -6.707  -2.373  1.00 18.49 ? 103 LEU A CG  1 
ATOM   666  C  CD1 . LEU A 1 106 ? -0.685  -6.326  -1.457  1.00 19.39 ? 103 LEU A CD1 1 
ATOM   667  C  CD2 . LEU A 1 106 ? -3.200  -6.738  -1.619  1.00 17.55 ? 103 LEU A CD2 1 
ATOM   668  N  N   . LYS A 1 107 ? -0.820  -7.405  -5.821  1.00 17.73 ? 104 LYS A N   1 
ATOM   669  C  CA  . LYS A 1 107 ? -0.457  -8.767  -6.268  1.00 18.96 ? 104 LYS A CA  1 
ATOM   670  C  C   . LYS A 1 107 ? 0.879   -8.810  -7.050  1.00 17.89 ? 104 LYS A C   1 
ATOM   671  O  O   . LYS A 1 107 ? 1.692   -9.737  -6.901  1.00 16.62 ? 104 LYS A O   1 
ATOM   672  C  CB  . LYS A 1 107 ? -1.622  -9.360  -7.076  1.00 19.81 ? 104 LYS A CB  1 
ATOM   673  C  CG  . LYS A 1 107 ? -1.248  -10.439 -8.105  1.00 26.66 ? 104 LYS A CG  1 
ATOM   674  C  CD  . LYS A 1 107 ? -2.503  -11.114 -8.677  1.00 34.76 ? 104 LYS A CD  1 
ATOM   675  C  CE  . LYS A 1 107 ? -2.866  -12.360 -7.874  1.00 38.64 ? 104 LYS A CE  1 
ATOM   676  N  NZ  . LYS A 1 107 ? -1.682  -13.293 -7.838  1.00 43.07 ? 104 LYS A NZ  1 
ATOM   677  N  N   . VAL A 1 108 ? 1.117   -7.780  -7.851  1.00 16.01 ? 105 VAL A N   1 
ATOM   678  C  CA  . VAL A 1 108 ? 2.158   -7.826  -8.902  1.00 15.55 ? 105 VAL A CA  1 
ATOM   679  C  C   . VAL A 1 108 ? 3.450   -7.064  -8.554  1.00 15.53 ? 105 VAL A C   1 
ATOM   680  O  O   . VAL A 1 108 ? 4.543   -7.488  -8.931  1.00 16.11 ? 105 VAL A O   1 
ATOM   681  C  CB  . VAL A 1 108 ? 1.572   -7.243  -10.223 1.00 15.71 ? 105 VAL A CB  1 
ATOM   682  C  CG1 . VAL A 1 108 ? 2.662   -7.075  -11.338 1.00 15.30 ? 105 VAL A CG1 1 
ATOM   683  C  CG2 . VAL A 1 108 ? 0.365   -8.145  -10.704 1.00 17.13 ? 105 VAL A CG2 1 
ATOM   684  N  N   . VAL A 1 109 ? 3.322   -5.919  -7.891  1.00 14.36 ? 106 VAL A N   1 
ATOM   685  C  CA  . VAL A 1 109 ? 4.493   -5.014  -7.794  1.00 13.99 ? 106 VAL A CA  1 
ATOM   686  C  C   . VAL A 1 109 ? 5.194   -5.209  -6.456  1.00 15.02 ? 106 VAL A C   1 
ATOM   687  O  O   . VAL A 1 109 ? 4.683   -4.817  -5.409  1.00 14.63 ? 106 VAL A O   1 
ATOM   688  C  CB  . VAL A 1 109 ? 4.113   -3.532  -8.035  1.00 13.84 ? 106 VAL A CB  1 
ATOM   689  C  CG1 . VAL A 1 109 ? 5.380   -2.606  -8.062  1.00 13.79 ? 106 VAL A CG1 1 
ATOM   690  C  CG2 . VAL A 1 109 ? 3.311   -3.385  -9.369  1.00 12.81 ? 106 VAL A CG2 1 
ATOM   691  N  N   . LYS A 1 110 ? 6.382   -5.776  -6.524  1.00 14.48 ? 107 LYS A N   1 
ATOM   692  C  CA  . LYS A 1 110 ? 7.043   -6.313  -5.341  1.00 15.78 ? 107 LYS A CA  1 
ATOM   693  C  C   . LYS A 1 110 ? 8.020   -5.288  -4.708  1.00 15.08 ? 107 LYS A C   1 
ATOM   694  O  O   . LYS A 1 110 ? 8.391   -4.281  -5.318  1.00 14.05 ? 107 LYS A O   1 
ATOM   695  C  CB  . LYS A 1 110 ? 7.842   -7.565  -5.710  1.00 15.88 ? 107 LYS A CB  1 
ATOM   696  C  CG  . LYS A 1 110 ? 7.027   -8.763  -6.270  1.00 20.90 ? 107 LYS A CG  1 
ATOM   697  C  CD  . LYS A 1 110 ? 5.849   -9.098  -5.365  1.00 26.78 ? 107 LYS A CD  1 
ATOM   698  C  CE  . LYS A 1 110 ? 5.106   -10.365 -5.829  1.00 32.07 ? 107 LYS A CE  1 
ATOM   699  N  NZ  . LYS A 1 110 ? 3.931   -10.556 -4.948  1.00 36.07 ? 107 LYS A NZ  1 
ATOM   700  N  N   . PHE A 1 111 ? 8.457   -5.615  -3.506  1.00 14.36 ? 108 PHE A N   1 
ATOM   701  C  CA  . PHE A 1 111 ? 9.468   -4.840  -2.769  1.00 14.71 ? 108 PHE A CA  1 
ATOM   702  C  C   . PHE A 1 111 ? 10.686  -4.581  -3.682  1.00 15.62 ? 108 PHE A C   1 
ATOM   703  O  O   . PHE A 1 111 ? 11.258  -5.522  -4.273  1.00 14.87 ? 108 PHE A O   1 
ATOM   704  C  CB  . PHE A 1 111 ? 9.844   -5.655  -1.517  1.00 15.94 ? 108 PHE A CB  1 
ATOM   705  C  CG  . PHE A 1 111 ? 10.693  -4.915  -0.508  1.00 15.68 ? 108 PHE A CG  1 
ATOM   706  C  CD1 . PHE A 1 111 ? 12.058  -4.704  -0.749  1.00 18.21 ? 108 PHE A CD1 1 
ATOM   707  C  CD2 . PHE A 1 111 ? 10.141  -4.482  0.715   1.00 15.21 ? 108 PHE A CD2 1 
ATOM   708  C  CE1 . PHE A 1 111 ? 12.868  -4.039  0.194   1.00 16.58 ? 108 PHE A CE1 1 
ATOM   709  C  CE2 . PHE A 1 111 ? 10.958  -3.814  1.661   1.00 15.46 ? 108 PHE A CE2 1 
ATOM   710  C  CZ  . PHE A 1 111 ? 12.323  -3.612  1.377   1.00 16.64 ? 108 PHE A CZ  1 
ATOM   711  N  N   . GLY A 1 112 ? 11.064  -3.312  -3.806  1.00 14.97 ? 109 GLY A N   1 
ATOM   712  C  CA  . GLY A 1 112 ? 12.228  -2.935  -4.625  1.00 16.33 ? 109 GLY A CA  1 
ATOM   713  C  C   . GLY A 1 112 ? 11.952  -2.658  -6.104  1.00 16.24 ? 109 GLY A C   1 
ATOM   714  O  O   . GLY A 1 112 ? 12.895  -2.372  -6.859  1.00 16.14 ? 109 GLY A O   1 
ATOM   715  N  N   . GLU A 1 113 ? 10.679  -2.765  -6.528  1.00 15.08 ? 110 GLU A N   1 
ATOM   716  C  CA  . GLU A 1 113 ? 10.268  -2.452  -7.907  1.00 14.80 ? 110 GLU A CA  1 
ATOM   717  C  C   . GLU A 1 113 ? 9.435   -1.196  -7.948  1.00 14.37 ? 110 GLU A C   1 
ATOM   718  O  O   . GLU A 1 113 ? 8.818   -0.829  -6.937  1.00 13.28 ? 110 GLU A O   1 
ATOM   719  C  CB  . GLU A 1 113 ? 9.369   -3.575  -8.489  1.00 14.98 ? 110 GLU A CB  1 
ATOM   720  C  CG  . GLU A 1 113 ? 9.966   -4.989  -8.433  1.00 16.32 ? 110 GLU A CG  1 
ATOM   721  C  CD  . GLU A 1 113 ? 9.043   -6.068  -9.007  1.00 19.04 ? 110 GLU A CD  1 
ATOM   722  O  OE1 . GLU A 1 113 ? 7.811   -5.868  -9.091  1.00 16.75 ? 110 GLU A OE1 1 
ATOM   723  O  OE2 . GLU A 1 113 ? 9.573   -7.140  -9.349  1.00 21.42 ? 110 GLU A OE2 1 
ATOM   724  N  N   . VAL A 1 114 ? 9.338   -0.581  -9.142  1.00 13.59 ? 111 VAL A N   1 
ATOM   725  C  CA  . VAL A 1 114 ? 8.325   0.447   -9.388  1.00 14.90 ? 111 VAL A CA  1 
ATOM   726  C  C   . VAL A 1 114 ? 7.605   0.086   -10.679 1.00 14.32 ? 111 VAL A C   1 
ATOM   727  O  O   . VAL A 1 114 ? 8.087   -0.746  -11.457 1.00 14.82 ? 111 VAL A O   1 
ATOM   728  C  CB  . VAL A 1 114 ? 8.865   1.930   -9.494  1.00 14.33 ? 111 VAL A CB  1 
ATOM   729  C  CG1 . VAL A 1 114 ? 9.664   2.334   -8.208  1.00 15.10 ? 111 VAL A CG1 1 
ATOM   730  C  CG2 . VAL A 1 114 ? 9.705   2.098   -10.750 1.00 15.81 ? 111 VAL A CG2 1 
ATOM   731  N  N   . ILE A 1 115 ? 6.456   0.709   -10.885 1.00 14.41 ? 112 ILE A N   1 
ATOM   732  C  CA  . ILE A 1 115 ? 5.700   0.569   -12.145 1.00 13.87 ? 112 ILE A CA  1 
ATOM   733  C  C   . ILE A 1 115 ? 5.163   1.960   -12.476 1.00 14.39 ? 112 ILE A C   1 
ATOM   734  O  O   . ILE A 1 115 ? 4.940   2.763   -11.560 1.00 14.99 ? 112 ILE A O   1 
ATOM   735  C  CB  . ILE A 1 115 ? 4.539   -0.443  -11.982 1.00 15.22 ? 112 ILE A CB  1 
ATOM   736  C  CG1 . ILE A 1 115 ? 3.919   -0.799  -13.351 1.00 13.84 ? 112 ILE A CG1 1 
ATOM   737  C  CG2 . ILE A 1 115 ? 3.489   0.086   -10.982 1.00 13.72 ? 112 ILE A CG2 1 
ATOM   738  C  CD1 . ILE A 1 115 ? 2.894   -1.972  -13.274 1.00 17.44 ? 112 ILE A CD1 1 
ATOM   739  N  N   . SER A 1 116 ? 4.930   2.262   -13.754 1.00 12.95 ? 113 SER A N   1 
ATOM   740  C  CA  . SER A 1 116 ? 4.428   3.578   -14.103 1.00 14.07 ? 113 SER A CA  1 
ATOM   741  C  C   . SER A 1 116 ? 2.899   3.619   -13.944 1.00 14.08 ? 113 SER A C   1 
ATOM   742  O  O   . SER A 1 116 ? 2.229   2.581   -14.075 1.00 14.61 ? 113 SER A O   1 
ATOM   743  C  CB  . SER A 1 116 ? 4.787   3.925   -15.549 1.00 14.62 ? 113 SER A CB  1 
ATOM   744  O  OG  . SER A 1 116 ? 4.006   3.111   -16.445 1.00 13.26 ? 113 SER A OG  1 
ATOM   745  N  N   . TYR A 1 117 ? 2.347   4.812   -13.731 1.00 14.17 ? 114 TYR A N   1 
ATOM   746  C  CA  . TYR A 1 117 ? 0.878   4.959   -13.695 1.00 14.83 ? 114 TYR A CA  1 
ATOM   747  C  C   . TYR A 1 117 ? 0.264   4.334   -14.933 1.00 14.73 ? 114 TYR A C   1 
ATOM   748  O  O   . TYR A 1 117 ? -0.760  3.665   -14.842 1.00 14.32 ? 114 TYR A O   1 
ATOM   749  C  CB  . TYR A 1 117 ? 0.419   6.428   -13.629 1.00 14.10 ? 114 TYR A CB  1 
ATOM   750  C  CG  . TYR A 1 117 ? 0.845   7.169   -12.376 1.00 13.21 ? 114 TYR A CG  1 
ATOM   751  C  CD1 . TYR A 1 117 ? 1.793   8.200   -12.454 1.00 14.11 ? 114 TYR A CD1 1 
ATOM   752  C  CD2 . TYR A 1 117 ? 0.310   6.833   -11.118 1.00 13.86 ? 114 TYR A CD2 1 
ATOM   753  C  CE1 . TYR A 1 117 ? 2.216   8.882   -11.304 1.00 16.45 ? 114 TYR A CE1 1 
ATOM   754  C  CE2 . TYR A 1 117 ? 0.713   7.511   -9.954  1.00 16.60 ? 114 TYR A CE2 1 
ATOM   755  C  CZ  . TYR A 1 117 ? 1.671   8.528   -10.049 1.00 17.95 ? 114 TYR A CZ  1 
ATOM   756  O  OH  . TYR A 1 117 ? 2.089   9.210   -8.919  1.00 18.50 ? 114 TYR A OH  1 
ATOM   757  N  N   . SER A 1 118 ? 0.875   4.583   -16.091 1.00 14.03 ? 115 SER A N   1 
ATOM   758  C  CA  . SER A 1 118 ? 0.324   4.108   -17.356 1.00 14.87 ? 115 SER A CA  1 
ATOM   759  C  C   . SER A 1 118 ? 0.296   2.589   -17.452 1.00 14.36 ? 115 SER A C   1 
ATOM   760  O  O   . SER A 1 118 ? -0.699  1.992   -17.906 1.00 12.85 ? 115 SER A O   1 
ATOM   761  C  CB  . SER A 1 118 ? 1.148   4.663   -18.538 1.00 15.62 ? 115 SER A CB  1 
ATOM   762  O  OG  . SER A 1 118 ? 0.493   4.278   -19.741 1.00 19.21 ? 115 SER A OG  1 
ATOM   763  N  N   . HIS A 1 119 ? 1.393   1.954   -17.064 1.00 12.67 ? 116 HIS A N   1 
ATOM   764  C  CA  . HIS A 1 119 ? 1.418   0.505   -17.117 1.00 13.96 ? 116 HIS A CA  1 
ATOM   765  C  C   . HIS A 1 119 ? 0.464   -0.107  -16.105 1.00 13.37 ? 116 HIS A C   1 
ATOM   766  O  O   . HIS A 1 119 ? -0.172  -1.131  -16.398 1.00 14.17 ? 116 HIS A O   1 
ATOM   767  C  CB  . HIS A 1 119 ? 2.844   -0.025  -16.994 1.00 14.51 ? 116 HIS A CB  1 
ATOM   768  C  CG  . HIS A 1 119 ? 3.728   0.419   -18.124 1.00 14.65 ? 116 HIS A CG  1 
ATOM   769  N  ND1 . HIS A 1 119 ? 5.082   0.162   -18.149 1.00 12.64 ? 116 HIS A ND1 1 
ATOM   770  C  CD2 . HIS A 1 119 ? 3.463   1.149   -19.237 1.00 15.22 ? 116 HIS A CD2 1 
ATOM   771  C  CE1 . HIS A 1 119 ? 5.610   0.688   -19.239 1.00 13.89 ? 116 HIS A CE1 1 
ATOM   772  N  NE2 . HIS A 1 119 ? 4.649   1.286   -19.924 1.00 14.31 ? 116 HIS A NE2 1 
ATOM   773  N  N   . LEU A 1 120 ? 0.290   0.566   -14.980 1.00 12.59 ? 117 LEU A N   1 
ATOM   774  C  CA  . LEU A 1 120 ? -0.676  0.064   -13.963 1.00 12.57 ? 117 LEU A CA  1 
ATOM   775  C  C   . LEU A 1 120 ? -2.106  0.210   -14.463 1.00 12.08 ? 117 LEU A C   1 
ATOM   776  O  O   . LEU A 1 120 ? -2.928  -0.686  -14.239 1.00 10.86 ? 117 LEU A O   1 
ATOM   777  C  CB  . LEU A 1 120 ? -0.488  0.778   -12.621 1.00 13.05 ? 117 LEU A CB  1 
ATOM   778  C  CG  . LEU A 1 120 ? -1.452  0.368   -11.504 1.00 13.40 ? 117 LEU A CG  1 
ATOM   779  C  CD1 . LEU A 1 120 ? -1.468  -1.179  -11.288 1.00 13.24 ? 117 LEU A CD1 1 
ATOM   780  C  CD2 . LEU A 1 120 ? -1.045  1.102   -10.185 1.00 14.86 ? 117 LEU A CD2 1 
ATOM   781  N  N   . ALA A 1 121 ? -2.389  1.308   -15.164 1.00 12.25 ? 118 ALA A N   1 
ATOM   782  C  CA  . ALA A 1 121 ? -3.734  1.469   -15.778 1.00 13.84 ? 118 ALA A CA  1 
ATOM   783  C  C   . ALA A 1 121 ? -4.048  0.298   -16.707 1.00 13.52 ? 118 ALA A C   1 
ATOM   784  O  O   . ALA A 1 121 ? -5.169  -0.294  -16.668 1.00 14.28 ? 118 ALA A O   1 
ATOM   785  C  CB  . ALA A 1 121 ? -3.834  2.787   -16.502 1.00 12.60 ? 118 ALA A CB  1 
ATOM   786  N  N   . ALA A 1 122 ? -3.072  -0.079  -17.538 1.00 13.86 ? 119 ALA A N   1 
ATOM   787  C  CA  . ALA A 1 122 ? -3.275  -1.229  -18.411 1.00 13.99 ? 119 ALA A CA  1 
ATOM   788  C  C   . ALA A 1 122 ? -3.433  -2.535  -17.657 1.00 14.52 ? 119 ALA A C   1 
ATOM   789  O  O   . ALA A 1 122 ? -4.330  -3.313  -17.970 1.00 14.49 ? 119 ALA A O   1 
ATOM   790  C  CB  . ALA A 1 122 ? -2.139  -1.349  -19.492 1.00 13.97 ? 119 ALA A CB  1 
ATOM   791  N  N   . LEU A 1 123 ? -2.563  -2.790  -16.684 1.00 15.27 ? 120 LEU A N   1 
ATOM   792  C  CA  . LEU A 1 123 ? -2.710  -3.967  -15.821 1.00 14.76 ? 120 LEU A CA  1 
ATOM   793  C  C   . LEU A 1 123 ? -4.134  -4.056  -15.196 1.00 15.29 ? 120 LEU A C   1 
ATOM   794  O  O   . LEU A 1 123 ? -4.718  -5.161  -15.087 1.00 14.42 ? 120 LEU A O   1 
ATOM   795  C  CB  . LEU A 1 123 ? -1.630  -3.897  -14.734 1.00 15.60 ? 120 LEU A CB  1 
ATOM   796  C  CG  . LEU A 1 123 ? -1.530  -5.027  -13.704 1.00 17.05 ? 120 LEU A CG  1 
ATOM   797  C  CD1 . LEU A 1 123 ? -1.449  -6.387  -14.414 1.00 19.16 ? 120 LEU A CD1 1 
ATOM   798  C  CD2 . LEU A 1 123 ? -0.322  -4.775  -12.786 1.00 17.93 ? 120 LEU A CD2 1 
ATOM   799  N  N   . ALA A 1 124 ? -4.669  -2.910  -14.761 1.00 14.96 ? 121 ALA A N   1 
ATOM   800  C  CA  . ALA A 1 124 ? -6.017  -2.853  -14.163 1.00 16.32 ? 121 ALA A CA  1 
ATOM   801  C  C   . ALA A 1 124 ? -7.189  -2.931  -15.168 1.00 17.40 ? 121 ALA A C   1 
ATOM   802  O  O   . ALA A 1 124 ? -8.368  -2.929  -14.761 1.00 18.94 ? 121 ALA A O   1 
ATOM   803  C  CB  . ALA A 1 124 ? -6.153  -1.604  -13.269 1.00 14.31 ? 121 ALA A CB  1 
ATOM   804  N  N   . GLY A 1 125 ? -6.879  -2.994  -16.462 1.00 17.83 ? 122 GLY A N   1 
ATOM   805  C  CA  . GLY A 1 125 ? -7.895  -3.215  -17.475 1.00 17.69 ? 122 GLY A CA  1 
ATOM   806  C  C   . GLY A 1 125 ? -8.292  -2.000  -18.269 1.00 18.41 ? 122 GLY A C   1 
ATOM   807  O  O   . GLY A 1 125 ? -9.259  -2.052  -19.030 1.00 19.57 ? 122 GLY A O   1 
ATOM   808  N  N   . ASN A 1 126 ? -7.586  -0.879  -18.107 1.00 16.27 ? 123 ASN A N   1 
ATOM   809  C  CA  . ASN A 1 126 ? -7.965  0.315   -18.869 1.00 16.85 ? 123 ASN A CA  1 
ATOM   810  C  C   . ASN A 1 126 ? -6.717  1.065   -19.312 1.00 16.89 ? 123 ASN A C   1 
ATOM   811  O  O   . ASN A 1 126 ? -6.316  2.043   -18.675 1.00 15.15 ? 123 ASN A O   1 
ATOM   812  C  CB  . ASN A 1 126 ? -8.892  1.215   -18.029 1.00 16.87 ? 123 ASN A CB  1 
ATOM   813  C  CG  . ASN A 1 126 ? -9.490  2.373   -18.836 1.00 20.72 ? 123 ASN A CG  1 
ATOM   814  O  OD1 . ASN A 1 126 ? -9.201  2.518   -20.021 1.00 19.13 ? 123 ASN A OD1 1 
ATOM   815  N  ND2 . ASN A 1 126 ? -10.314 3.222   -18.167 1.00 17.09 ? 123 ASN A ND2 1 
ATOM   816  N  N   . PRO A 1 127 ? -6.098  0.615   -20.416 1.00 17.81 ? 124 PRO A N   1 
ATOM   817  C  CA  . PRO A 1 127 ? -4.856  1.260   -20.836 1.00 18.73 ? 124 PRO A CA  1 
ATOM   818  C  C   . PRO A 1 127 ? -5.044  2.777   -21.022 1.00 19.86 ? 124 PRO A C   1 
ATOM   819  O  O   . PRO A 1 127 ? -6.126  3.234   -21.413 1.00 19.19 ? 124 PRO A O   1 
ATOM   820  C  CB  . PRO A 1 127 ? -4.539  0.562   -22.168 1.00 20.13 ? 124 PRO A CB  1 
ATOM   821  C  CG  . PRO A 1 127 ? -5.154  -0.819  -22.006 1.00 18.63 ? 124 PRO A CG  1 
ATOM   822  C  CD  . PRO A 1 127 ? -6.426  -0.575  -21.233 1.00 18.47 ? 124 PRO A CD  1 
ATOM   823  N  N   . ALA A 1 128 ? -4.017  3.544   -20.675 1.00 19.36 ? 125 ALA A N   1 
ATOM   824  C  CA  . ALA A 1 128 ? -4.020  4.979   -20.920 1.00 21.12 ? 125 ALA A CA  1 
ATOM   825  C  C   . ALA A 1 128 ? -4.813  5.773   -19.881 1.00 21.09 ? 125 ALA A C   1 
ATOM   826  O  O   . ALA A 1 128 ? -4.797  6.999   -19.923 1.00 21.32 ? 125 ALA A O   1 
ATOM   827  C  CB  . ALA A 1 128 ? -4.546  5.315   -22.379 1.00 22.44 ? 125 ALA A CB  1 
ATOM   828  N  N   . ALA A 1 129 ? -5.501  5.088   -18.962 1.00 19.59 ? 126 ALA A N   1 
ATOM   829  C  CA  . ALA A 1 129 ? -6.281  5.805   -17.943 1.00 18.06 ? 126 ALA A CA  1 
ATOM   830  C  C   . ALA A 1 129 ? -5.417  6.239   -16.779 1.00 16.31 ? 126 ALA A C   1 
ATOM   831  O  O   . ALA A 1 129 ? -5.711  5.949   -15.627 1.00 15.24 ? 126 ALA A O   1 
ATOM   832  C  CB  . ALA A 1 129 ? -7.483  4.992   -17.489 1.00 17.17 ? 126 ALA A CB  1 
ATOM   833  N  N   . THR A 1 130 ? -4.370  7.003   -17.088 1.00 16.17 ? 127 THR A N   1 
ATOM   834  C  CA  A THR A 1 130 ? -3.412  7.455   -16.082 0.50 16.59 ? 127 THR A CA  1 
ATOM   835  C  CA  B THR A 1 130 ? -3.410  7.473   -16.108 0.50 16.44 ? 127 THR A CA  1 
ATOM   836  C  C   . THR A 1 130 ? -4.038  8.349   -15.000 1.00 16.66 ? 127 THR A C   1 
ATOM   837  O  O   . THR A 1 130 ? -3.779  8.150   -13.805 1.00 17.01 ? 127 THR A O   1 
ATOM   838  C  CB  A THR A 1 130 ? -2.137  8.129   -16.723 0.50 16.93 ? 127 THR A CB  1 
ATOM   839  C  CB  B THR A 1 130 ? -2.267  8.236   -16.830 0.50 16.76 ? 127 THR A CB  1 
ATOM   840  O  OG1 A THR A 1 130 ? -1.206  7.113   -17.105 0.50 18.51 ? 127 THR A OG1 1 
ATOM   841  O  OG1 B THR A 1 130 ? -2.794  9.449   -17.376 0.50 16.87 ? 127 THR A OG1 1 
ATOM   842  C  CG2 A THR A 1 130 ? -1.447  9.012   -15.747 0.50 15.69 ? 127 THR A CG2 1 
ATOM   843  C  CG2 B THR A 1 130 ? -1.727  7.379   -17.983 0.50 15.97 ? 127 THR A CG2 1 
ATOM   844  N  N   . ALA A 1 131 ? -4.867  9.315   -15.383 1.00 16.52 ? 128 ALA A N   1 
ATOM   845  C  CA  . ALA A 1 131 ? -5.504  10.182  -14.353 1.00 17.16 ? 128 ALA A CA  1 
ATOM   846  C  C   . ALA A 1 131 ? -6.448  9.380   -13.436 1.00 16.20 ? 128 ALA A C   1 
ATOM   847  O  O   . ALA A 1 131 ? -6.517  9.614   -12.215 1.00 16.74 ? 128 ALA A O   1 
ATOM   848  C  CB  . ALA A 1 131 ? -6.258  11.339  -15.022 1.00 17.11 ? 128 ALA A CB  1 
ATOM   849  N  N   . ALA A 1 132 ? -7.195  8.442   -14.013 1.00 16.24 ? 129 ALA A N   1 
ATOM   850  C  CA  . ALA A 1 132 ? -8.037  7.580   -13.160 1.00 15.46 ? 129 ALA A CA  1 
ATOM   851  C  C   . ALA A 1 132 ? -7.193  6.755   -12.196 1.00 15.83 ? 129 ALA A C   1 
ATOM   852  O  O   . ALA A 1 132 ? -7.595  6.557   -11.044 1.00 16.12 ? 129 ALA A O   1 
ATOM   853  C  CB  . ALA A 1 132 ? -8.925  6.666   -14.003 1.00 14.90 ? 129 ALA A CB  1 
ATOM   854  N  N   . VAL A 1 133 ? -6.035  6.255   -12.647 1.00 14.04 ? 130 VAL A N   1 
ATOM   855  C  CA  . VAL A 1 133 ? -5.133  5.522   -11.717 1.00 14.81 ? 130 VAL A CA  1 
ATOM   856  C  C   . VAL A 1 133 ? -4.694  6.422   -10.569 1.00 14.17 ? 130 VAL A C   1 
ATOM   857  O  O   . VAL A 1 133 ? -4.691  5.998   -9.388  1.00 14.67 ? 130 VAL A O   1 
ATOM   858  C  CB  . VAL A 1 133 ? -3.882  4.868   -12.436 1.00 14.93 ? 130 VAL A CB  1 
ATOM   859  C  CG1 . VAL A 1 133 ? -2.802  4.387   -11.418 1.00 13.03 ? 130 VAL A CG1 1 
ATOM   860  C  CG2 . VAL A 1 133 ? -4.326  3.718   -13.277 1.00 13.59 ? 130 VAL A CG2 1 
ATOM   861  N  N   . LYS A 1 134 ? -4.322  7.660   -10.893 1.00 13.62 ? 131 LYS A N   1 
ATOM   862  C  CA  . LYS A 1 134 ? -3.847  8.574   -9.851  1.00 13.89 ? 131 LYS A CA  1 
ATOM   863  C  C   . LYS A 1 134 ? -4.943  8.823   -8.814  1.00 14.53 ? 131 LYS A C   1 
ATOM   864  O  O   . LYS A 1 134 ? -4.673  8.874   -7.617  1.00 15.47 ? 131 LYS A O   1 
ATOM   865  C  CB  . LYS A 1 134 ? -3.426  9.934   -10.445 1.00 12.93 ? 131 LYS A CB  1 
ATOM   866  C  CG  . LYS A 1 134 ? -2.102  9.785   -11.264 1.00 15.28 ? 131 LYS A CG  1 
ATOM   867  C  CD  . LYS A 1 134 ? -1.790  11.050  -12.091 1.00 17.35 ? 131 LYS A CD  1 
ATOM   868  C  CE  . LYS A 1 134 ? -0.427  10.902  -12.787 1.00 18.98 ? 131 LYS A CE  1 
ATOM   869  N  NZ  . LYS A 1 134 ? -0.097  12.106  -13.671 1.00 19.46 ? 131 LYS A NZ  1 
ATOM   870  N  N   . THR A 1 135 ? -6.152  9.057   -9.291  1.00 14.77 ? 132 THR A N   1 
ATOM   871  C  CA  . THR A 1 135 ? -7.302  9.199   -8.379  1.00 15.95 ? 132 THR A CA  1 
ATOM   872  C  C   . THR A 1 135 ? -7.538  7.943   -7.521  1.00 14.71 ? 132 THR A C   1 
ATOM   873  O  O   . THR A 1 135 ? -7.758  8.044   -6.300  1.00 15.19 ? 132 THR A O   1 
ATOM   874  C  CB  . THR A 1 135 ? -8.583  9.589   -9.168  1.00 16.63 ? 132 THR A CB  1 
ATOM   875  O  OG1 . THR A 1 135 ? -8.358  10.846  -9.827  1.00 20.99 ? 132 THR A OG1 1 
ATOM   876  C  CG2 . THR A 1 135 ? -9.734  9.774   -8.209  1.00 17.41 ? 132 THR A CG2 1 
ATOM   877  N  N   . ALA A 1 136 ? -7.514  6.761   -8.146  1.00 14.69 ? 133 ALA A N   1 
ATOM   878  C  CA  . ALA A 1 136 ? -7.626  5.502   -7.384  1.00 14.10 ? 133 ALA A CA  1 
ATOM   879  C  C   . ALA A 1 136 ? -6.565  5.385   -6.303  1.00 15.53 ? 133 ALA A C   1 
ATOM   880  O  O   . ALA A 1 136 ? -6.877  5.047   -5.142  1.00 14.88 ? 133 ALA A O   1 
ATOM   881  C  CB  . ALA A 1 136 ? -7.574  4.289   -8.303  1.00 14.36 ? 133 ALA A CB  1 
ATOM   882  N  N   . LEU A 1 137 ? -5.293  5.632   -6.670  1.00 14.04 ? 134 LEU A N   1 
ATOM   883  C  CA  . LEU A 1 137 ? -4.209  5.573   -5.682  1.00 15.74 ? 134 LEU A CA  1 
ATOM   884  C  C   . LEU A 1 137 ? -4.356  6.576   -4.530  1.00 16.47 ? 134 LEU A C   1 
ATOM   885  O  O   . LEU A 1 137 ? -4.007  6.273   -3.371  1.00 17.01 ? 134 LEU A O   1 
ATOM   886  C  CB  . LEU A 1 137 ? -2.832  5.740   -6.365  1.00 13.41 ? 134 LEU A CB  1 
ATOM   887  C  CG  . LEU A 1 137 ? -2.487  4.633   -7.358  1.00 15.27 ? 134 LEU A CG  1 
ATOM   888  C  CD1 . LEU A 1 137 ? -1.172  5.014   -8.103  1.00 14.27 ? 134 LEU A CD1 1 
ATOM   889  C  CD2 . LEU A 1 137 ? -2.313  3.248   -6.694  1.00 16.55 ? 134 LEU A CD2 1 
ATOM   890  N  N   . SER A 1 138 ? -4.853  7.771   -4.834  1.00 18.01 ? 135 SER A N   1 
ATOM   891  C  CA  . SER A 1 138 ? -5.086  8.763   -3.784  1.00 19.02 ? 135 SER A CA  1 
ATOM   892  C  C   . SER A 1 138 ? -6.147  8.286   -2.781  1.00 18.79 ? 135 SER A C   1 
ATOM   893  O  O   . SER A 1 138 ? -6.113  8.704   -1.631  1.00 19.09 ? 135 SER A O   1 
ATOM   894  C  CB  . SER A 1 138 ? -5.488  10.112  -4.386  1.00 19.41 ? 135 SER A CB  1 
ATOM   895  O  OG  . SER A 1 138 ? -6.869  10.076  -4.712  1.00 23.43 ? 135 SER A OG  1 
ATOM   896  N  N   . GLY A 1 139 ? -7.088  7.442   -3.218  1.00 17.81 ? 136 GLY A N   1 
ATOM   897  C  CA  . GLY A 1 139 ? -8.060  6.789   -2.330  1.00 18.33 ? 136 GLY A CA  1 
ATOM   898  C  C   . GLY A 1 139 ? -7.606  5.505   -1.605  1.00 18.69 ? 136 GLY A C   1 
ATOM   899  O  O   . GLY A 1 139 ? -8.404  4.885   -0.888  1.00 19.45 ? 136 GLY A O   1 
ATOM   900  N  N   . ASN A 1 140 ? -6.355  5.062   -1.790  1.00 17.13 ? 137 ASN A N   1 
ATOM   901  C  CA  . ASN A 1 140 ? -5.867  3.811   -1.165  1.00 16.53 ? 137 ASN A CA  1 
ATOM   902  C  C   . ASN A 1 140 ? -6.026  3.883   0.364   1.00 17.18 ? 137 ASN A C   1 
ATOM   903  O  O   . ASN A 1 140 ? -5.437  4.749   0.977   1.00 16.08 ? 137 ASN A O   1 
ATOM   904  C  CB  . ASN A 1 140 ? -4.363  3.651   -1.472  1.00 16.77 ? 137 ASN A CB  1 
ATOM   905  C  CG  . ASN A 1 140 ? -3.744  2.372   -0.911  1.00 16.62 ? 137 ASN A CG  1 
ATOM   906  O  OD1 . ASN A 1 140 ? -4.429  1.454   -0.456  1.00 16.28 ? 137 ASN A OD1 1 
ATOM   907  N  ND2 . ASN A 1 140 ? -2.400  2.310   -0.961  1.00 17.75 ? 137 ASN A ND2 1 
ATOM   908  N  N   . PRO A 1 141 ? -6.807  2.961   0.965   1.00 17.20 ? 138 PRO A N   1 
ATOM   909  C  CA  . PRO A 1 141 ? -7.035  3.115   2.418   1.00 18.12 ? 138 PRO A CA  1 
ATOM   910  C  C   . PRO A 1 141 ? -5.940  2.431   3.246   1.00 17.93 ? 138 PRO A C   1 
ATOM   911  O  O   . PRO A 1 141 ? -5.851  2.638   4.471   1.00 18.31 ? 138 PRO A O   1 
ATOM   912  C  CB  . PRO A 1 141 ? -8.390  2.422   2.619   1.00 18.20 ? 138 PRO A CB  1 
ATOM   913  C  CG  . PRO A 1 141 ? -8.437  1.362   1.554   1.00 19.90 ? 138 PRO A CG  1 
ATOM   914  C  CD  . PRO A 1 141 ? -7.681  1.928   0.367   1.00 17.43 ? 138 PRO A CD  1 
ATOM   915  N  N   . VAL A 1 142 ? -5.084  1.666   2.562   1.00 17.94 ? 139 VAL A N   1 
ATOM   916  C  CA  . VAL A 1 142 ? -4.054  0.828   3.201   1.00 17.90 ? 139 VAL A CA  1 
ATOM   917  C  C   . VAL A 1 142 ? -2.655  1.034   2.562   1.00 17.74 ? 139 VAL A C   1 
ATOM   918  O  O   . VAL A 1 142 ? -2.082  0.113   1.966   1.00 17.57 ? 139 VAL A O   1 
ATOM   919  C  CB  . VAL A 1 142 ? -4.490  -0.640  3.202   1.00 18.03 ? 139 VAL A CB  1 
ATOM   920  C  CG1 . VAL A 1 142 ? -5.730  -0.840  4.169   1.00 16.69 ? 139 VAL A CG1 1 
ATOM   921  C  CG2 . VAL A 1 142 ? -4.921  -1.081  1.770   1.00 18.33 ? 139 VAL A CG2 1 
ATOM   922  N  N   . PRO A 1 143 ? -2.116  2.261   2.678   1.00 19.53 ? 140 PRO A N   1 
ATOM   923  C  CA  . PRO A 1 143 ? -0.801  2.579   2.112   1.00 18.96 ? 140 PRO A CA  1 
ATOM   924  C  C   . PRO A 1 143 ? 0.303   1.685   2.687   1.00 19.28 ? 140 PRO A C   1 
ATOM   925  O  O   . PRO A 1 143 ? 0.101   1.018   3.721   1.00 18.84 ? 140 PRO A O   1 
ATOM   926  C  CB  . PRO A 1 143 ? -0.612  4.063   2.463   1.00 20.01 ? 140 PRO A CB  1 
ATOM   927  C  CG  . PRO A 1 143 ? -1.539  4.313   3.623   1.00 21.82 ? 140 PRO A CG  1 
ATOM   928  C  CD  . PRO A 1 143 ? -2.711  3.414   3.384   1.00 18.14 ? 140 PRO A CD  1 
ATOM   929  N  N   . ILE A 1 144 ? 1.445   1.661   1.987   1.00 18.18 ? 141 ILE A N   1 
ATOM   930  C  CA  . ILE A 1 144 ? 2.587   0.757   2.237   1.00 17.91 ? 141 ILE A CA  1 
ATOM   931  C  C   . ILE A 1 144 ? 2.235   -0.672  1.910   1.00 17.87 ? 141 ILE A C   1 
ATOM   932  O  O   . ILE A 1 144 ? 2.822   -1.231  0.991   1.00 18.02 ? 141 ILE A O   1 
ATOM   933  C  CB  . ILE A 1 144 ? 3.168   0.887   3.670   1.00 17.23 ? 141 ILE A CB  1 
ATOM   934  C  CG1 . ILE A 1 144 ? 3.383   2.364   4.034   1.00 19.29 ? 141 ILE A CG1 1 
ATOM   935  C  CG2 . ILE A 1 144 ? 4.499   0.071   3.800   1.00 19.08 ? 141 ILE A CG2 1 
ATOM   936  C  CD1 . ILE A 1 144 ? 3.824   2.537   5.503   1.00 22.23 ? 141 ILE A CD1 1 
ATOM   937  N  N   . LEU A 1 145 ? 1.237   -1.251  2.619   1.00 17.91 ? 142 LEU A N   1 
ATOM   938  C  CA  . LEU A 1 145 ? 0.785   -2.632  2.353   1.00 17.88 ? 142 LEU A CA  1 
ATOM   939  C  C   . LEU A 1 145 ? 0.348   -2.755  0.923   1.00 17.75 ? 142 LEU A C   1 
ATOM   940  O  O   . LEU A 1 145 ? 0.825   -3.643  0.196   1.00 18.98 ? 142 LEU A O   1 
ATOM   941  C  CB  . LEU A 1 145 ? -0.352  -3.083  3.291   1.00 18.34 ? 142 LEU A CB  1 
ATOM   942  C  CG  . LEU A 1 145 ? -0.990  -4.461  2.988   1.00 19.37 ? 142 LEU A CG  1 
ATOM   943  C  CD1 . LEU A 1 145 ? -0.036  -5.619  3.325   1.00 21.67 ? 142 LEU A CD1 1 
ATOM   944  C  CD2 . LEU A 1 145 ? -2.349  -4.610  3.727   1.00 21.50 ? 142 LEU A CD2 1 
ATOM   945  N  N   . ILE A 1 146 ? -0.556  -1.865  0.511   1.00 17.40 ? 143 ILE A N   1 
ATOM   946  C  CA  . ILE A 1 146 ? -0.805  -1.700  -0.918  1.00 16.14 ? 143 ILE A CA  1 
ATOM   947  C  C   . ILE A 1 146 ? 0.150   -0.625  -1.396  1.00 14.44 ? 143 ILE A C   1 
ATOM   948  O  O   . ILE A 1 146 ? 0.022   0.529   -1.007  1.00 14.19 ? 143 ILE A O   1 
ATOM   949  C  CB  . ILE A 1 146 ? -2.278  -1.410  -1.212  1.00 15.12 ? 143 ILE A CB  1 
ATOM   950  C  CG1 . ILE A 1 146 ? -3.077  -2.686  -0.865  1.00 17.68 ? 143 ILE A CG1 1 
ATOM   951  C  CG2 . ILE A 1 146 ? -2.476  -1.032  -2.755  1.00 15.52 ? 143 ILE A CG2 1 
ATOM   952  C  CD1 . ILE A 1 146 ? -4.494  -2.690  -1.409  1.00 19.06 ? 143 ILE A CD1 1 
ATOM   953  N  N   . PRO A 1 147 ? 1.159   -1.023  -2.204  1.00 14.48 ? 144 PRO A N   1 
ATOM   954  C  CA  . PRO A 1 147 ? 2.329   -0.141  -2.314  1.00 15.10 ? 144 PRO A CA  1 
ATOM   955  C  C   . PRO A 1 147 ? 2.176   0.996   -3.324  1.00 14.42 ? 144 PRO A C   1 
ATOM   956  O  O   . PRO A 1 147 ? 2.860   1.018   -4.350  1.00 13.79 ? 144 PRO A O   1 
ATOM   957  C  CB  . PRO A 1 147 ? 3.446   -1.122  -2.713  1.00 15.16 ? 144 PRO A CB  1 
ATOM   958  C  CG  . PRO A 1 147 ? 2.694   -2.133  -3.628  1.00 14.70 ? 144 PRO A CG  1 
ATOM   959  C  CD  . PRO A 1 147 ? 1.440   -2.367  -2.743  1.00 14.18 ? 144 PRO A CD  1 
ATOM   960  N  N   . ALA A 1 148 ? 1.315   1.965   -3.009  1.00 13.18 ? 145 ALA A N   1 
ATOM   961  C  CA  . ALA A 1 148 ? 1.124   3.148   -3.885  1.00 13.69 ? 145 ALA A CA  1 
ATOM   962  C  C   . ALA A 1 148 ? 2.456   3.919   -4.082  1.00 13.95 ? 145 ALA A C   1 
ATOM   963  O  O   . ALA A 1 148 ? 2.711   4.528   -5.133  1.00 14.55 ? 145 ALA A O   1 
ATOM   964  C  CB  . ALA A 1 148 ? 0.018   4.073   -3.270  1.00 12.97 ? 145 ALA A CB  1 
ATOM   965  N  N   . HIS A 1 149 ? 3.344   3.824   -3.093  1.00 14.13 ? 146 HIS A N   1 
ATOM   966  C  CA  . HIS A 1 149 ? 4.669   4.468   -3.215  1.00 14.28 ? 146 HIS A CA  1 
ATOM   967  C  C   . HIS A 1 149 ? 5.534   3.879   -4.366  1.00 14.08 ? 146 HIS A C   1 
ATOM   968  O  O   . HIS A 1 149 ? 6.532   4.498   -4.781  1.00 15.03 ? 146 HIS A O   1 
ATOM   969  C  CB  . HIS A 1 149 ? 5.429   4.373   -1.875  1.00 13.76 ? 146 HIS A CB  1 
ATOM   970  C  CG  . HIS A 1 149 ? 5.732   2.972   -1.461  1.00 13.46 ? 146 HIS A CG  1 
ATOM   971  N  ND1 . HIS A 1 149 ? 4.787   2.160   -0.868  1.00 13.30 ? 146 HIS A ND1 1 
ATOM   972  C  CD2 . HIS A 1 149 ? 6.862   2.233   -1.556  1.00 14.08 ? 146 HIS A CD2 1 
ATOM   973  C  CE1 . HIS A 1 149 ? 5.326   0.981   -0.607  1.00 13.78 ? 146 HIS A CE1 1 
ATOM   974  N  NE2 . HIS A 1 149 ? 6.589   1.005   -0.996  1.00 14.89 ? 146 HIS A NE2 1 
ATOM   975  N  N   . ARG A 1 150 ? 5.125   2.729   -4.920  1.00 13.24 ? 147 ARG A N   1 
ATOM   976  C  CA  . ARG A 1 150 ? 5.876   2.084   -6.018  1.00 12.48 ? 147 ARG A CA  1 
ATOM   977  C  C   . ARG A 1 150 ? 5.347   2.465   -7.409  1.00 13.61 ? 147 ARG A C   1 
ATOM   978  O  O   . ARG A 1 150 ? 5.844   1.961   -8.434  1.00 13.86 ? 147 ARG A O   1 
ATOM   979  C  CB  . ARG A 1 150 ? 5.897   0.547   -5.885  1.00 12.22 ? 147 ARG A CB  1 
ATOM   980  C  CG  . ARG A 1 150 ? 6.603   0.004   -4.596  1.00 12.32 ? 147 ARG A CG  1 
ATOM   981  C  CD  . ARG A 1 150 ? 6.649   -1.569  -4.541  1.00 13.81 ? 147 ARG A CD  1 
ATOM   982  N  NE  . ARG A 1 150 ? 7.074   -1.938  -3.170  1.00 14.17 ? 147 ARG A NE  1 
ATOM   983  C  CZ  . ARG A 1 150 ? 6.521   -2.871  -2.409  1.00 17.26 ? 147 ARG A CZ  1 
ATOM   984  N  NH1 . ARG A 1 150 ? 5.581   -3.682  -2.900  1.00 13.97 ? 147 ARG A NH1 1 
ATOM   985  N  NH2 . ARG A 1 150 ? 6.966   -3.030  -1.155  1.00 14.71 ? 147 ARG A NH2 1 
ATOM   986  N  N   . VAL A 1 151 ? 4.358   3.348   -7.442  1.00 12.61 ? 148 VAL A N   1 
ATOM   987  C  CA  . VAL A 1 151 ? 3.772   3.775   -8.705  1.00 13.01 ? 148 VAL A CA  1 
ATOM   988  C  C   . VAL A 1 151 ? 4.285   5.186   -9.043  1.00 13.53 ? 148 VAL A C   1 
ATOM   989  O  O   . VAL A 1 151 ? 4.016   6.171   -8.322  1.00 14.94 ? 148 VAL A O   1 
ATOM   990  C  CB  . VAL A 1 151 ? 2.237   3.729   -8.708  1.00 12.32 ? 148 VAL A CB  1 
ATOM   991  C  CG1 . VAL A 1 151 ? 1.748   3.806   -10.181 1.00 12.22 ? 148 VAL A CG1 1 
ATOM   992  C  CG2 . VAL A 1 151 ? 1.743   2.422   -8.080  1.00 13.52 ? 148 VAL A CG2 1 
ATOM   993  N  N   . VAL A 1 152 ? 5.052   5.256   -10.122 1.00 12.87 ? 149 VAL A N   1 
ATOM   994  C  CA  . VAL A 1 152 ? 5.769   6.484   -10.483 1.00 13.40 ? 149 VAL A CA  1 
ATOM   995  C  C   . VAL A 1 152 ? 5.242   7.004   -11.837 1.00 14.27 ? 149 VAL A C   1 
ATOM   996  O  O   . VAL A 1 152 ? 4.482   6.300   -12.555 1.00 14.68 ? 149 VAL A O   1 
ATOM   997  C  CB  . VAL A 1 152 ? 7.297   6.220   -10.562 1.00 12.56 ? 149 VAL A CB  1 
ATOM   998  C  CG1 . VAL A 1 152 ? 7.828   5.685   -9.185  1.00 12.43 ? 149 VAL A CG1 1 
ATOM   999  C  CG2 . VAL A 1 152 ? 7.608   5.195   -11.635 1.00 13.39 ? 149 VAL A CG2 1 
ATOM   1000 N  N   . GLN A 1 153 ? 5.634   8.222   -12.190 1.00 13.37 ? 150 GLN A N   1 
ATOM   1001 C  CA  . GLN A 1 153 ? 5.235   8.782   -13.477 1.00 15.24 ? 150 GLN A CA  1 
ATOM   1002 C  C   . GLN A 1 153 ? 5.999   8.151   -14.621 1.00 15.70 ? 150 GLN A C   1 
ATOM   1003 O  O   . GLN A 1 153 ? 5.410   7.813   -15.681 1.00 15.97 ? 150 GLN A O   1 
ATOM   1004 C  CB  . GLN A 1 153 ? 5.426   10.309  -13.490 1.00 15.64 ? 150 GLN A CB  1 
ATOM   1005 C  CG  . GLN A 1 153 ? 5.014   10.958  -14.799 1.00 17.52 ? 150 GLN A CG  1 
ATOM   1006 C  CD  . GLN A 1 153 ? 3.500   10.893  -15.024 1.00 19.91 ? 150 GLN A CD  1 
ATOM   1007 O  OE1 . GLN A 1 153 ? 2.701   11.106  -14.088 1.00 22.51 ? 150 GLN A OE1 1 
ATOM   1008 N  NE2 . GLN A 1 153 ? 3.108   10.649  -16.252 1.00 21.14 ? 150 GLN A NE2 1 
ATOM   1009 N  N   . GLY A 1 154 ? 7.295   7.944   -14.396 1.00 16.10 ? 151 GLY A N   1 
ATOM   1010 C  CA  . GLY A 1 154 ? 8.149   7.371   -15.424 1.00 15.63 ? 151 GLY A CA  1 
ATOM   1011 C  C   . GLY A 1 154 ? 9.554   7.140   -14.915 1.00 16.20 ? 151 GLY A C   1 
ATOM   1012 O  O   . GLY A 1 154 ? 9.865   7.363   -13.722 1.00 16.21 ? 151 GLY A O   1 
ATOM   1013 N  N   . ASP A 1 155 ? 10.444  6.753   -15.834 1.00 15.99 ? 152 ASP A N   1 
ATOM   1014 C  CA  . ASP A 1 155 ? 11.762  6.324   -15.445 1.00 16.37 ? 152 ASP A CA  1 
ATOM   1015 C  C   . ASP A 1 155 ? 12.522  7.319   -14.583 1.00 17.14 ? 152 ASP A C   1 
ATOM   1016 O  O   . ASP A 1 155 ? 13.248  6.901   -13.686 1.00 17.70 ? 152 ASP A O   1 
ATOM   1017 C  CB  . ASP A 1 155 ? 12.573  5.963   -16.690 1.00 16.99 ? 152 ASP A CB  1 
ATOM   1018 C  CG  . ASP A 1 155 ? 13.825  5.199   -16.354 1.00 17.87 ? 152 ASP A CG  1 
ATOM   1019 O  OD1 . ASP A 1 155 ? 14.919  5.740   -16.627 1.00 17.79 ? 152 ASP A OD1 1 
ATOM   1020 O  OD2 . ASP A 1 155 ? 13.726  4.065   -15.809 1.00 17.44 ? 152 ASP A OD2 1 
ATOM   1021 N  N   . LEU A 1 156 ? 12.366  8.617   -14.858 1.00 18.02 ? 153 LEU A N   1 
ATOM   1022 C  CA  . LEU A 1 156 ? 13.128  9.665   -14.141 1.00 19.39 ? 153 LEU A CA  1 
ATOM   1023 C  C   . LEU A 1 156 ? 12.195  10.612  -13.427 1.00 20.05 ? 153 LEU A C   1 
ATOM   1024 O  O   . LEU A 1 156 ? 12.522  11.794  -13.152 1.00 21.73 ? 153 LEU A O   1 
ATOM   1025 C  CB  . LEU A 1 156 ? 13.977  10.477  -15.130 1.00 19.71 ? 153 LEU A CB  1 
ATOM   1026 C  CG  . LEU A 1 156 ? 15.043  9.677   -15.863 1.00 21.90 ? 153 LEU A CG  1 
ATOM   1027 C  CD1 . LEU A 1 156 ? 15.725  10.528  -16.947 1.00 27.92 ? 153 LEU A CD1 1 
ATOM   1028 C  CD2 . LEU A 1 156 ? 16.065  9.168   -14.854 1.00 25.81 ? 153 LEU A CD2 1 
ATOM   1029 N  N   . ASP A 1 157 ? 11.001  10.149  -13.132 1.00 17.63 ? 154 ASP A N   1 
ATOM   1030 C  CA  . ASP A 1 157 ? 10.048  11.055  -12.526 1.00 18.13 ? 154 ASP A CA  1 
ATOM   1031 C  C   . ASP A 1 157 ? 9.238   10.230  -11.550 1.00 17.92 ? 154 ASP A C   1 
ATOM   1032 O  O   . ASP A 1 157 ? 8.402   9.430   -11.963 1.00 16.15 ? 154 ASP A O   1 
ATOM   1033 C  CB  . ASP A 1 157 ? 9.137   11.684  -13.587 1.00 18.14 ? 154 ASP A CB  1 
ATOM   1034 C  CG  . ASP A 1 157 ? 8.138   12.656  -12.996 1.00 20.65 ? 154 ASP A CG  1 
ATOM   1035 O  OD1 . ASP A 1 157 ? 7.989   12.706  -11.754 1.00 23.60 ? 154 ASP A OD1 1 
ATOM   1036 O  OD2 . ASP A 1 157 ? 7.499   13.383  -13.780 1.00 22.45 ? 154 ASP A OD2 1 
ATOM   1037 N  N   . VAL A 1 158 ? 9.509   10.444  -10.268 1.00 16.75 ? 155 VAL A N   1 
ATOM   1038 C  CA  . VAL A 1 158 ? 8.928   9.635   -9.184  1.00 17.76 ? 155 VAL A CA  1 
ATOM   1039 C  C   . VAL A 1 158 ? 7.402   9.853   -9.051  1.00 17.28 ? 155 VAL A C   1 
ATOM   1040 O  O   . VAL A 1 158 ? 6.725   9.034   -8.451  1.00 16.74 ? 155 VAL A O   1 
ATOM   1041 C  CB  . VAL A 1 158 ? 9.665   9.868   -7.830  1.00 17.50 ? 155 VAL A CB  1 
ATOM   1042 C  CG1 . VAL A 1 158 ? 9.395   11.299  -7.280  1.00 20.00 ? 155 VAL A CG1 1 
ATOM   1043 C  CG2 . VAL A 1 158 ? 9.319   8.765   -6.806  1.00 17.06 ? 155 VAL A CG2 1 
ATOM   1044 N  N   . GLY A 1 159 ? 6.876   10.944  -9.609  1.00 17.21 ? 156 GLY A N   1 
ATOM   1045 C  CA  . GLY A 1 159 ? 5.437   11.151  -9.670  1.00 20.00 ? 156 GLY A CA  1 
ATOM   1046 C  C   . GLY A 1 159 ? 4.909   11.742  -8.366  1.00 21.59 ? 156 GLY A C   1 
ATOM   1047 O  O   . GLY A 1 159 ? 5.641   12.452  -7.679  1.00 22.52 ? 156 GLY A O   1 
ATOM   1048 N  N   . GLY A 1 160 ? 3.671   11.432  -7.986  1.00 21.70 ? 157 GLY A N   1 
ATOM   1049 C  CA  . GLY A 1 160 ? 3.033   12.145  -6.853  1.00 21.65 ? 157 GLY A CA  1 
ATOM   1050 C  C   . GLY A 1 160 ? 2.708   11.262  -5.661  1.00 21.94 ? 157 GLY A C   1 
ATOM   1051 O  O   . GLY A 1 160 ? 2.952   10.044  -5.687  1.00 19.82 ? 157 GLY A O   1 
ATOM   1052 N  N   . TYR A 1 161 ? 2.152   11.856  -4.600  1.00 22.76 ? 158 TYR A N   1 
ATOM   1053 C  CA  . TYR A 1 161 ? 1.837   11.091  -3.394  1.00 24.77 ? 158 TYR A CA  1 
ATOM   1054 C  C   . TYR A 1 161 ? 0.921   11.895  -2.458  1.00 27.80 ? 158 TYR A C   1 
ATOM   1055 O  O   . TYR A 1 161 ? 0.933   13.122  -2.482  1.00 29.60 ? 158 TYR A O   1 
ATOM   1056 C  CB  . TYR A 1 161 ? 3.130   10.724  -2.648  1.00 23.42 ? 158 TYR A CB  1 
ATOM   1057 C  CG  . TYR A 1 161 ? 3.044   9.495   -1.757  1.00 22.06 ? 158 TYR A CG  1 
ATOM   1058 C  CD1 . TYR A 1 161 ? 2.835   8.223   -2.318  1.00 18.53 ? 158 TYR A CD1 1 
ATOM   1059 C  CD2 . TYR A 1 161 ? 3.245   9.586   -0.361  1.00 21.79 ? 158 TYR A CD2 1 
ATOM   1060 C  CE1 . TYR A 1 161 ? 2.787   7.082   -1.530  1.00 19.85 ? 158 TYR A CE1 1 
ATOM   1061 C  CE2 . TYR A 1 161 ? 3.198   8.434   0.450   1.00 21.98 ? 158 TYR A CE2 1 
ATOM   1062 C  CZ  . TYR A 1 161 ? 2.963   7.179   -0.153  1.00 22.62 ? 158 TYR A CZ  1 
ATOM   1063 O  OH  . TYR A 1 161 ? 2.923   6.004   0.587   1.00 22.96 ? 158 TYR A OH  1 
ATOM   1064 N  N   . GLU A 1 162 ? 0.139   11.208  -1.635  1.00 30.02 ? 159 GLU A N   1 
ATOM   1065 C  CA  . GLU A 1 162 ? -0.723  11.923  -0.677  1.00 32.09 ? 159 GLU A CA  1 
ATOM   1066 C  C   . GLU A 1 162 ? 0.119   12.399  0.498   1.00 33.78 ? 159 GLU A C   1 
ATOM   1067 O  O   . GLU A 1 162 ? 0.788   11.589  1.157   1.00 34.09 ? 159 GLU A O   1 
ATOM   1068 C  CB  . GLU A 1 162 ? -1.890  11.053  -0.227  1.00 32.46 ? 159 GLU A CB  1 
ATOM   1069 C  CG  . GLU A 1 162 ? -2.886  10.784  -1.347  1.00 32.65 ? 159 GLU A CG  1 
ATOM   1070 C  CD  . GLU A 1 162 ? -3.345  12.073  -2.008  1.00 34.96 ? 159 GLU A CD  1 
ATOM   1071 O  OE1 . GLU A 1 162 ? -3.824  12.963  -1.275  1.00 35.38 ? 159 GLU A OE1 1 
ATOM   1072 O  OE2 . GLU A 1 162 ? -3.202  12.217  -3.243  1.00 32.12 ? 159 GLU A OE2 1 
ATOM   1073 N  N   . GLY A 1 163 ? 0.120   13.719  0.713   1.00 35.31 ? 160 GLY A N   1 
ATOM   1074 C  CA  . GLY A 1 163 ? 0.965   14.356  1.730   1.00 36.21 ? 160 GLY A CA  1 
ATOM   1075 C  C   . GLY A 1 163 ? 2.388   14.742  1.316   1.00 36.69 ? 160 GLY A C   1 
ATOM   1076 O  O   . GLY A 1 163 ? 3.187   15.145  2.159   1.00 37.79 ? 160 GLY A O   1 
ATOM   1077 N  N   . GLY A 1 164 ? 2.726   14.620  0.033   1.00 36.23 ? 161 GLY A N   1 
ATOM   1078 C  CA  . GLY A 1 164 ? 4.052   15.035  -0.434  1.00 34.76 ? 161 GLY A CA  1 
ATOM   1079 C  C   . GLY A 1 164 ? 5.076   13.916  -0.600  1.00 32.87 ? 161 GLY A C   1 
ATOM   1080 O  O   . GLY A 1 164 ? 4.935   12.802  -0.074  1.00 33.05 ? 161 GLY A O   1 
ATOM   1081 N  N   . LEU A 1 165 ? 6.127   14.247  -1.337  1.00 30.91 ? 162 LEU A N   1 
ATOM   1082 C  CA  . LEU A 1 165 ? 7.044   13.272  -1.853  1.00 28.52 ? 162 LEU A CA  1 
ATOM   1083 C  C   . LEU A 1 165 ? 7.976   12.638  -0.842  1.00 27.01 ? 162 LEU A C   1 
ATOM   1084 O  O   . LEU A 1 165 ? 8.521   11.562  -1.110  1.00 24.72 ? 162 LEU A O   1 
ATOM   1085 C  CB  . LEU A 1 165 ? 7.859   13.873  -2.993  1.00 29.11 ? 162 LEU A CB  1 
ATOM   1086 C  CG  . LEU A 1 165 ? 7.053   13.808  -4.282  1.00 32.62 ? 162 LEU A CG  1 
ATOM   1087 C  CD1 . LEU A 1 165 ? 7.744   14.610  -5.369  1.00 36.26 ? 162 LEU A CD1 1 
ATOM   1088 C  CD2 . LEU A 1 165 ? 6.850   12.337  -4.686  1.00 33.01 ? 162 LEU A CD2 1 
ATOM   1089 N  N   . ALA A 1 166 ? 8.168   13.279  0.313   1.00 24.35 ? 163 ALA A N   1 
ATOM   1090 C  CA  . ALA A 1 166 ? 9.264   12.812  1.183   1.00 23.25 ? 163 ALA A CA  1 
ATOM   1091 C  C   . ALA A 1 166 ? 9.056   11.384  1.676   1.00 21.31 ? 163 ALA A C   1 
ATOM   1092 O  O   . ALA A 1 166 ? 9.991   10.576  1.681   1.00 21.68 ? 163 ALA A O   1 
ATOM   1093 C  CB  . ALA A 1 166 ? 9.505   13.798  2.351   1.00 23.87 ? 163 ALA A CB  1 
ATOM   1094 N  N   . VAL A 1 167 ? 7.822   11.052  2.053   1.00 20.30 ? 164 VAL A N   1 
ATOM   1095 C  CA  . VAL A 1 167 ? 7.535   9.719   2.572   1.00 19.53 ? 164 VAL A CA  1 
ATOM   1096 C  C   . VAL A 1 167 ? 7.624   8.688   1.423   1.00 18.33 ? 164 VAL A C   1 
ATOM   1097 O  O   . VAL A 1 167 ? 8.169   7.582   1.590   1.00 16.89 ? 164 VAL A O   1 
ATOM   1098 C  CB  . VAL A 1 167 ? 6.123   9.638   3.195   1.00 20.54 ? 164 VAL A CB  1 
ATOM   1099 C  CG1 . VAL A 1 167 ? 5.804   8.186   3.561   1.00 19.70 ? 164 VAL A CG1 1 
ATOM   1100 C  CG2 . VAL A 1 167 ? 6.002   10.552  4.472   1.00 22.50 ? 164 VAL A CG2 1 
ATOM   1101 N  N   . LYS A 1 168 ? 7.092   9.067   0.262   1.00 16.90 ? 165 LYS A N   1 
ATOM   1102 C  CA  . LYS A 1 168 ? 7.207   8.192   -0.931  1.00 16.06 ? 165 LYS A CA  1 
ATOM   1103 C  C   . LYS A 1 168 ? 8.673   7.866   -1.247  1.00 15.94 ? 165 LYS A C   1 
ATOM   1104 O  O   . LYS A 1 168 ? 9.042   6.691   -1.455  1.00 15.14 ? 165 LYS A O   1 
ATOM   1105 C  CB  . LYS A 1 168 ? 6.487   8.798   -2.137  1.00 16.65 ? 165 LYS A CB  1 
ATOM   1106 C  CG  . LYS A 1 168 ? 6.489   7.850   -3.412  1.00 13.20 ? 165 LYS A CG  1 
ATOM   1107 C  CD  . LYS A 1 168 ? 5.840   8.604   -4.591  1.00 14.57 ? 165 LYS A CD  1 
ATOM   1108 C  CE  . LYS A 1 168 ? 5.500   7.646   -5.750  1.00 16.87 ? 165 LYS A CE  1 
ATOM   1109 N  NZ  . LYS A 1 168 ? 4.684   8.338   -6.839  1.00 14.47 ? 165 LYS A NZ  1 
ATOM   1110 N  N   . GLU A 1 169 ? 9.517   8.896   -1.239  1.00 15.80 ? 166 GLU A N   1 
ATOM   1111 C  CA  . GLU A 1 169 ? 10.922  8.702   -1.575  1.00 16.52 ? 166 GLU A CA  1 
ATOM   1112 C  C   . GLU A 1 169 ? 11.670  8.014   -0.442  1.00 16.62 ? 166 GLU A C   1 
ATOM   1113 O  O   . GLU A 1 169 ? 12.612  7.294   -0.709  1.00 17.80 ? 166 GLU A O   1 
ATOM   1114 C  CB  . GLU A 1 169 ? 11.589  10.031  -1.965  1.00 17.24 ? 166 GLU A CB  1 
ATOM   1115 C  CG  . GLU A 1 169 ? 11.211  10.480  -3.383  1.00 19.04 ? 166 GLU A CG  1 
ATOM   1116 C  CD  . GLU A 1 169 ? 11.699  11.889  -3.741  1.00 25.58 ? 166 GLU A CD  1 
ATOM   1117 O  OE1 . GLU A 1 169 ? 11.804  12.755  -2.838  1.00 27.12 ? 166 GLU A OE1 1 
ATOM   1118 O  OE2 . GLU A 1 169 ? 11.965  12.095  -4.936  1.00 25.52 ? 166 GLU A OE2 1 
ATOM   1119 N  N   . TRP A 1 170 ? 11.250  8.210   0.811   1.00 16.78 ? 167 TRP A N   1 
ATOM   1120 C  CA  . TRP A 1 170 ? 11.868  7.433   1.930   1.00 17.66 ? 167 TRP A CA  1 
ATOM   1121 C  C   . TRP A 1 170 ? 11.574  5.913   1.781   1.00 16.44 ? 167 TRP A C   1 
ATOM   1122 O  O   . TRP A 1 170 ? 12.453  5.074   1.903   1.00 15.59 ? 167 TRP A O   1 
ATOM   1123 C  CB  . TRP A 1 170 ? 11.415  7.967   3.311   1.00 18.44 ? 167 TRP A CB  1 
ATOM   1124 C  CG  . TRP A 1 170 ? 12.131  7.253   4.450   1.00 21.50 ? 167 TRP A CG  1 
ATOM   1125 C  CD1 . TRP A 1 170 ? 13.273  7.675   5.088   1.00 24.69 ? 167 TRP A CD1 1 
ATOM   1126 C  CD2 . TRP A 1 170 ? 11.789  5.977   5.038   1.00 21.94 ? 167 TRP A CD2 1 
ATOM   1127 N  NE1 . TRP A 1 170 ? 13.647  6.745   6.053   1.00 24.66 ? 167 TRP A NE1 1 
ATOM   1128 C  CE2 . TRP A 1 170 ? 12.753  5.704   6.045   1.00 22.87 ? 167 TRP A CE2 1 
ATOM   1129 C  CE3 . TRP A 1 170 ? 10.739  5.058   4.841   1.00 21.61 ? 167 TRP A CE3 1 
ATOM   1130 C  CZ2 . TRP A 1 170 ? 12.717  4.543   6.830   1.00 23.64 ? 167 TRP A CZ2 1 
ATOM   1131 C  CZ3 . TRP A 1 170 ? 10.706  3.908   5.622   1.00 23.02 ? 167 TRP A CZ3 1 
ATOM   1132 C  CH2 . TRP A 1 170 ? 11.690  3.659   6.605   1.00 24.58 ? 167 TRP A CH2 1 
ATOM   1133 N  N   . LEU A 1 171 ? 10.327  5.569   1.473   1.00 15.98 ? 168 LEU A N   1 
ATOM   1134 C  CA  . LEU A 1 171 ? 9.962   4.170   1.286   1.00 15.19 ? 168 LEU A CA  1 
ATOM   1135 C  C   . LEU A 1 171 ? 10.756  3.529   0.132   1.00 15.33 ? 168 LEU A C   1 
ATOM   1136 O  O   . LEU A 1 171 ? 11.232  2.419   0.249   1.00 16.39 ? 168 LEU A O   1 
ATOM   1137 C  CB  . LEU A 1 171 ? 8.438   4.020   1.093   1.00 14.94 ? 168 LEU A CB  1 
ATOM   1138 C  CG  . LEU A 1 171 ? 7.578   4.380   2.308   1.00 16.33 ? 168 LEU A CG  1 
ATOM   1139 C  CD1 . LEU A 1 171 ? 6.152   4.745   1.866   1.00 17.86 ? 168 LEU A CD1 1 
ATOM   1140 C  CD2 . LEU A 1 171 ? 7.565   3.265   3.355   1.00 18.42 ? 168 LEU A CD2 1 
ATOM   1141 N  N   . LEU A 1 172 ? 10.920  4.246   -0.968  1.00 15.61 ? 169 LEU A N   1 
ATOM   1142 C  CA  . LEU A 1 172 ? 11.721  3.731   -2.079  1.00 15.24 ? 169 LEU A CA  1 
ATOM   1143 C  C   . LEU A 1 172 ? 13.183  3.533   -1.732  1.00 14.77 ? 169 LEU A C   1 
ATOM   1144 O  O   . LEU A 1 172 ? 13.820  2.554   -2.178  1.00 15.39 ? 169 LEU A O   1 
ATOM   1145 C  CB  . LEU A 1 172 ? 11.543  4.603   -3.322  1.00 14.83 ? 169 LEU A CB  1 
ATOM   1146 C  CG  . LEU A 1 172 ? 10.136  4.496   -3.926  1.00 13.81 ? 169 LEU A CG  1 
ATOM   1147 C  CD1 . LEU A 1 172 ? 9.972   5.608   -4.929  1.00 14.68 ? 169 LEU A CD1 1 
ATOM   1148 C  CD2 . LEU A 1 172 ? 9.765   3.104   -4.588  1.00 13.36 ? 169 LEU A CD2 1 
ATOM   1149 N  N   . ALA A 1 173 ? 13.708  4.419   -0.891  1.00 16.39 ? 170 ALA A N   1 
ATOM   1150 C  CA  . ALA A 1 173 ? 15.101  4.294   -0.427  1.00 15.69 ? 170 ALA A CA  1 
ATOM   1151 C  C   . ALA A 1 173 ? 15.242  3.100   0.498   1.00 16.06 ? 170 ALA A C   1 
ATOM   1152 O  O   . ALA A 1 173 ? 16.201  2.332   0.377   1.00 15.56 ? 170 ALA A O   1 
ATOM   1153 C  CB  . ALA A 1 173 ? 15.537  5.579   0.278   1.00 16.62 ? 170 ALA A CB  1 
ATOM   1154 N  N   . HIS A 1 174 ? 14.272  2.926   1.404   1.00 16.44 ? 171 HIS A N   1 
ATOM   1155 C  CA  . HIS A 1 174 ? 14.193  1.725   2.270   1.00 16.99 ? 171 HIS A CA  1 
ATOM   1156 C  C   . HIS A 1 174 ? 14.220  0.424   1.440   1.00 16.97 ? 171 HIS A C   1 
ATOM   1157 O  O   . HIS A 1 174 ? 14.840  -0.574  1.836   1.00 15.85 ? 171 HIS A O   1 
ATOM   1158 C  CB  . HIS A 1 174 ? 12.929  1.815   3.135   1.00 16.60 ? 171 HIS A CB  1 
ATOM   1159 C  CG  . HIS A 1 174 ? 12.619  0.581   3.941   1.00 19.65 ? 171 HIS A CG  1 
ATOM   1160 N  ND1 . HIS A 1 174 ? 13.364  0.190   5.035   1.00 19.40 ? 171 HIS A ND1 1 
ATOM   1161 C  CD2 . HIS A 1 174 ? 11.606  -0.322  3.832   1.00 18.96 ? 171 HIS A CD2 1 
ATOM   1162 C  CE1 . HIS A 1 174 ? 12.828  -0.902  5.563   1.00 21.39 ? 171 HIS A CE1 1 
ATOM   1163 N  NE2 . HIS A 1 174 ? 11.760  -1.236  4.849   1.00 20.09 ? 171 HIS A NE2 1 
ATOM   1164 N  N   . GLU A 1 175 ? 13.594  0.477   0.257   1.00 16.25 ? 172 GLU A N   1 
ATOM   1165 C  CA  . GLU A 1 175 ? 13.548  -0.680  -0.626  1.00 15.50 ? 172 GLU A CA  1 
ATOM   1166 C  C   . GLU A 1 175 ? 14.729  -0.725  -1.573  1.00 16.75 ? 172 GLU A C   1 
ATOM   1167 O  O   . GLU A 1 175 ? 14.803  -1.588  -2.440  1.00 17.13 ? 172 GLU A O   1 
ATOM   1168 C  CB  . GLU A 1 175 ? 12.207  -0.687  -1.414  1.00 14.42 ? 172 GLU A CB  1 
ATOM   1169 C  CG  . GLU A 1 175 ? 11.029  -0.839  -0.468  1.00 15.62 ? 172 GLU A CG  1 
ATOM   1170 C  CD  . GLU A 1 175 ? 9.681   -0.932  -1.161  1.00 16.09 ? 172 GLU A CD  1 
ATOM   1171 O  OE1 . GLU A 1 175 ? 9.687   -1.138  -2.377  1.00 15.51 ? 172 GLU A OE1 1 
ATOM   1172 O  OE2 . GLU A 1 175 ? 8.623   -0.759  -0.488  1.00 14.30 ? 172 GLU A OE2 1 
ATOM   1173 N  N   . GLY A 1 176 ? 15.662  0.213   -1.435  1.00 16.86 ? 173 GLY A N   1 
ATOM   1174 C  CA  . GLY A 1 176 ? 16.855  0.187   -2.278  1.00 18.22 ? 173 GLY A CA  1 
ATOM   1175 C  C   . GLY A 1 176 ? 16.716  0.706   -3.706  1.00 18.04 ? 173 GLY A C   1 
ATOM   1176 O  O   . GLY A 1 176 ? 17.643  0.524   -4.519  1.00 17.93 ? 173 GLY A O   1 
ATOM   1177 N  N   . HIS A 1 177 ? 15.589  1.357   -4.023  1.00 17.38 ? 174 HIS A N   1 
ATOM   1178 C  CA  . HIS A 1 177 ? 15.345  1.785   -5.399  1.00 17.33 ? 174 HIS A CA  1 
ATOM   1179 C  C   . HIS A 1 177 ? 16.109  3.040   -5.756  1.00 17.09 ? 174 HIS A C   1 
ATOM   1180 O  O   . HIS A 1 177 ? 16.262  3.951   -4.928  1.00 16.33 ? 174 HIS A O   1 
ATOM   1181 C  CB  . HIS A 1 177 ? 13.850  2.015   -5.679  1.00 17.16 ? 174 HIS A CB  1 
ATOM   1182 C  CG  . HIS A 1 177 ? 13.502  1.869   -7.131  1.00 16.52 ? 174 HIS A CG  1 
ATOM   1183 N  ND1 . HIS A 1 177 ? 13.638  2.906   -8.038  1.00 16.16 ? 174 HIS A ND1 1 
ATOM   1184 C  CD2 . HIS A 1 177 ? 13.090  0.795   -7.840  1.00 15.28 ? 174 HIS A CD2 1 
ATOM   1185 C  CE1 . HIS A 1 177 ? 13.262  2.486   -9.236  1.00 16.96 ? 174 HIS A CE1 1 
ATOM   1186 N  NE2 . HIS A 1 177 ? 12.965  1.198   -9.153  1.00 15.92 ? 174 HIS A NE2 1 
ATOM   1187 N  N   . ARG A 1 178 ? 16.562  3.085   -7.000  1.00 16.60 ? 175 ARG A N   1 
ATOM   1188 C  CA  . ARG A 1 178 ? 17.235  4.254   -7.565  1.00 16.44 ? 175 ARG A CA  1 
ATOM   1189 C  C   . ARG A 1 178 ? 16.464  5.553   -7.389  1.00 17.40 ? 175 ARG A C   1 
ATOM   1190 O  O   . ARG A 1 178 ? 17.080  6.595   -7.204  1.00 17.64 ? 175 ARG A O   1 
ATOM   1191 C  CB  . ARG A 1 178 ? 17.498  3.995   -9.067  1.00 16.43 ? 175 ARG A CB  1 
ATOM   1192 C  CG  . ARG A 1 178 ? 17.884  5.215   -9.932  1.00 16.81 ? 175 ARG A CG  1 
ATOM   1193 C  CD  . ARG A 1 178 ? 18.069  4.755   -11.405 1.00 19.34 ? 175 ARG A CD  1 
ATOM   1194 N  NE  . ARG A 1 178 ? 16.764  4.245   -11.879 1.00 17.02 ? 175 ARG A NE  1 
ATOM   1195 C  CZ  . ARG A 1 178 ? 15.774  5.032   -12.313 1.00 19.17 ? 175 ARG A CZ  1 
ATOM   1196 N  NH1 . ARG A 1 178 ? 15.936  6.369   -12.402 1.00 18.33 ? 175 ARG A NH1 1 
ATOM   1197 N  NH2 . ARG A 1 178 ? 14.609  4.490   -12.671 1.00 15.32 ? 175 ARG A NH2 1 
ATOM   1198 N  N   . LEU A 1 179 ? 15.127  5.508   -7.488  1.00 16.04 ? 176 LEU A N   1 
ATOM   1199 C  CA  . LEU A 1 179 ? 14.272  6.684   -7.343  1.00 16.32 ? 176 LEU A CA  1 
ATOM   1200 C  C   . LEU A 1 179 ? 14.031  7.095   -5.869  1.00 16.63 ? 176 LEU A C   1 
ATOM   1201 O  O   . LEU A 1 179 ? 13.392  8.091   -5.603  1.00 18.21 ? 176 LEU A O   1 
ATOM   1202 C  CB  . LEU A 1 179 ? 12.923  6.480   -8.098  1.00 15.29 ? 176 LEU A CB  1 
ATOM   1203 C  CG  . LEU A 1 179 ? 12.990  6.346   -9.630  1.00 15.66 ? 176 LEU A CG  1 
ATOM   1204 C  CD1 . LEU A 1 179 ? 11.597  6.081   -10.227 1.00 16.60 ? 176 LEU A CD1 1 
ATOM   1205 C  CD2 . LEU A 1 179 ? 13.568  7.600   -10.290 1.00 21.26 ? 176 LEU A CD2 1 
ATOM   1206 N  N   . GLY A 1 180 ? 14.552  6.327   -4.932  1.00 17.14 ? 177 GLY A N   1 
ATOM   1207 C  CA  . GLY A 1 180 ? 14.367  6.640   -3.513  1.00 17.14 ? 177 GLY A CA  1 
ATOM   1208 C  C   . GLY A 1 180 ? 15.346  7.703   -3.060  1.00 18.23 ? 177 GLY A C   1 
ATOM   1209 O  O   . GLY A 1 180 ? 16.400  7.902   -3.705  1.00 16.26 ? 177 GLY A O   1 
ATOM   1210 N  N   . LYS A 1 181 ? 14.998  8.385   -1.974  1.00 18.08 ? 178 LYS A N   1 
ATOM   1211 C  CA  . LYS A 1 181 ? 15.884  9.413   -1.383  1.00 21.61 ? 178 LYS A CA  1 
ATOM   1212 C  C   . LYS A 1 181 ? 15.634  9.362   0.098   1.00 22.40 ? 178 LYS A C   1 
ATOM   1213 O  O   . LYS A 1 181 ? 14.499  9.506   0.520   1.00 21.69 ? 178 LYS A O   1 
ATOM   1214 C  CB  . LYS A 1 181 ? 15.532  10.833  -1.858  1.00 21.16 ? 178 LYS A CB  1 
ATOM   1215 C  CG  . LYS A 1 181 ? 15.832  11.105  -3.310  1.00 23.25 ? 178 LYS A CG  1 
ATOM   1216 C  CD  . LYS A 1 181 ? 15.338  12.507  -3.690  1.00 25.73 ? 178 LYS A CD  1 
ATOM   1217 C  CE  . LYS A 1 181 ? 15.441  12.756  -5.176  1.00 28.78 ? 178 LYS A CE  1 
ATOM   1218 N  NZ  . LYS A 1 181 ? 14.383  13.752  -5.559  1.00 32.15 ? 178 LYS A NZ  1 
ATOM   1219 N  N   . ARG A 1 182 ? 16.673  9.122   0.889   1.00 25.63 ? 179 ARG A N   1 
ATOM   1220 C  CA  . ARG A 1 182 ? 16.460  9.025   2.343   1.00 29.18 ? 179 ARG A CA  1 
ATOM   1221 C  C   . ARG A 1 182 ? 16.154  10.380  2.908   1.00 31.40 ? 179 ARG A C   1 
ATOM   1222 O  O   . ARG A 1 182 ? 15.474  10.493  3.945   1.00 33.54 ? 179 ARG A O   1 
ATOM   1223 C  CB  . ARG A 1 182 ? 17.683  8.459   3.068   1.00 29.46 ? 179 ARG A CB  1 
ATOM   1224 C  CG  . ARG A 1 182 ? 17.867  7.014   2.861   1.00 28.53 ? 179 ARG A CG  1 
ATOM   1225 C  CD  . ARG A 1 182 ? 16.813  6.181   3.620   1.00 26.45 ? 179 ARG A CD  1 
ATOM   1226 N  NE  . ARG A 1 182 ? 17.368  4.838   3.676   1.00 25.28 ? 179 ARG A NE  1 
ATOM   1227 C  CZ  . ARG A 1 182 ? 16.834  3.797   4.302   1.00 22.61 ? 179 ARG A CZ  1 
ATOM   1228 N  NH1 . ARG A 1 182 ? 15.667  3.887   4.959   1.00 21.89 ? 179 ARG A NH1 1 
ATOM   1229 N  NH2 . ARG A 1 182 ? 17.491  2.658   4.251   1.00 19.81 ? 179 ARG A NH2 1 
ATOM   1230 O  OXT . ARG A 1 182 ? 16.599  11.386  2.345   1.00 33.35 ? 179 ARG A OXT 1 
HETATM 1231 ZN ZN  . ZN  B 2 .   ? -15.302 -4.767  7.561   1.00 31.43 ? 180 ZN  A ZN  1 
HETATM 1232 C  C1  . OBG C 3 .   ? 0.724   7.768   -6.076  1.00 21.91 ? 181 OBG A C1  1 
HETATM 1233 N  N1  . OBG C 3 .   ? 1.552   6.769   -6.438  1.00 19.57 ? 181 OBG A N1  1 
HETATM 1234 O  O1  . OBG C 3 .   ? -1.204  8.398   -3.082  1.00 26.87 ? 181 OBG A O1  1 
HETATM 1235 C  C2  . OBG C 3 .   ? -0.685  8.563   -4.339  1.00 21.44 ? 181 OBG A C2  1 
HETATM 1236 N  N2  . OBG C 3 .   ? 0.149   7.647   -4.843  1.00 21.50 ? 181 OBG A N2  1 
HETATM 1237 C  C3  . OBG C 3 .   ? -1.049  7.188   -2.320  1.00 24.87 ? 181 OBG A C3  1 
HETATM 1238 N  N3  . OBG C 3 .   ? -1.733  10.864  -5.098  1.00 24.13 ? 181 OBG A N3  1 
HETATM 1239 C  C4  . OBG C 3 .   ? -1.375  7.421   -0.849  1.00 29.55 ? 181 OBG A C4  1 
HETATM 1240 N  N4  . OBG C 3 .   ? -0.725  10.909  -7.136  1.00 25.25 ? 181 OBG A N4  1 
HETATM 1241 C  C5  . OBG C 3 .   ? -0.367  7.796   0.050   1.00 30.16 ? 181 OBG A C5  1 
HETATM 1242 N  N5  . OBG C 3 .   ? 0.496   8.813   -6.927  1.00 20.11 ? 181 OBG A N5  1 
HETATM 1243 C  C6  . OBG C 3 .   ? -0.636  7.988   1.419   1.00 30.75 ? 181 OBG A C6  1 
HETATM 1244 C  C7  . OBG C 3 .   ? -1.944  7.811   1.878   1.00 29.23 ? 181 OBG A C7  1 
HETATM 1245 C  C8  . OBG C 3 .   ? -2.957  7.439   0.978   1.00 30.99 ? 181 OBG A C8  1 
HETATM 1246 C  C9  . OBG C 3 .   ? -2.680  7.226   -0.377  1.00 29.91 ? 181 OBG A C9  1 
HETATM 1247 C  C10 . OBG C 3 .   ? -0.991  9.743   -5.188  1.00 24.89 ? 181 OBG A C10 1 
HETATM 1248 C  C11 . OBG C 3 .   ? -1.578  11.544  -6.272  1.00 28.27 ? 181 OBG A C11 1 
HETATM 1249 C  C12 . OBG C 3 .   ? -0.344  9.788   -6.513  1.00 24.70 ? 181 OBG A C12 1 
HETATM 1250 O  O   . HOH D 4 .   ? 18.890  0.576   -7.000  1.00 33.49 ? 182 HOH A O   1 
HETATM 1251 O  O   . HOH D 4 .   ? 20.118  -0.505  -3.747  1.00 38.97 ? 183 HOH A O   1 
HETATM 1252 O  O   . HOH D 4 .   ? 7.250   -7.897  -2.031  1.00 26.46 ? 184 HOH A O   1 
HETATM 1253 O  O   . HOH D 4 .   ? 11.189  -8.124  -4.130  1.00 27.99 ? 185 HOH A O   1 
HETATM 1254 O  O   . HOH D 4 .   ? 12.954  -5.932  -6.420  1.00 28.88 ? 186 HOH A O   1 
HETATM 1255 O  O   . HOH D 4 .   ? 3.045   -5.957  -3.531  1.00 18.82 ? 187 HOH A O   1 
HETATM 1256 O  O   . HOH D 4 .   ? 18.029  8.209   -11.777 1.00 25.97 ? 188 HOH A O   1 
HETATM 1257 O  O   . HOH D 4 .   ? -14.634 -1.089  -5.520  1.00 17.74 ? 189 HOH A O   1 
HETATM 1258 O  O   . HOH D 4 .   ? 12.674  13.449  -0.294  1.00 27.08 ? 190 HOH A O   1 
HETATM 1259 O  O   . HOH D 4 .   ? -1.531  2.068   -20.588 1.00 17.97 ? 191 HOH A O   1 
HETATM 1260 O  O   . HOH D 4 .   ? 10.876  0.000   -4.743  1.00 17.74 ? 192 HOH A O   1 
HETATM 1261 O  O   . HOH D 4 .   ? 15.356  -1.715  -5.116  1.00 34.51 ? 193 HOH A O   1 
HETATM 1262 O  O   . HOH D 4 .   ? 2.206   3.250   -0.165  1.00 17.73 ? 194 HOH A O   1 
HETATM 1263 O  O   . HOH D 4 .   ? 1.875   14.769  -5.221  1.00 34.65 ? 195 HOH A O   1 
HETATM 1264 O  O   . HOH D 4 .   ? 2.414   6.515   3.120   1.00 25.83 ? 196 HOH A O   1 
HETATM 1265 O  O   . HOH D 4 .   ? -13.483 1.791   6.796   1.00 31.13 ? 197 HOH A O   1 
HETATM 1266 O  O   . HOH D 4 .   ? -0.505  -13.968 1.728   1.00 39.16 ? 198 HOH A O   1 
HETATM 1267 O  O   . HOH D 4 .   ? -4.454  -13.680 5.258   1.00 34.29 ? 199 HOH A O   1 
HETATM 1268 O  O   . HOH D 4 .   ? 11.907  11.835  -9.562  1.00 27.55 ? 200 HOH A O   1 
HETATM 1269 O  O   . HOH D 4 .   ? 4.044   -10.729 2.185   1.00 29.22 ? 201 HOH A O   1 
HETATM 1270 O  O   . HOH D 4 .   ? 1.257   -11.087 8.519   1.00 23.91 ? 202 HOH A O   1 
HETATM 1271 O  O   . HOH D 4 .   ? -6.393  -11.531 7.578   1.00 38.31 ? 203 HOH A O   1 
HETATM 1272 O  O   . HOH D 4 .   ? 7.527   13.075  -16.336 1.00 27.68 ? 204 HOH A O   1 
HETATM 1273 O  O   . HOH D 4 .   ? 2.855   6.888   -16.479 1.00 18.52 ? 205 HOH A O   1 
HETATM 1274 O  O   . HOH D 4 .   ? 7.155   14.388  -8.169  1.00 38.42 ? 206 HOH A O   1 
HETATM 1275 O  O   . HOH D 4 .   ? 12.309  8.871   -19.180 1.00 45.63 ? 207 HOH A O   1 
HETATM 1276 O  O   . HOH D 4 .   ? -9.960  -7.599  -0.961  1.00 30.96 ? 208 HOH A O   1 
HETATM 1277 O  O   . HOH D 4 .   ? 5.043   4.424   -18.532 1.00 25.48 ? 209 HOH A O   1 
HETATM 1278 O  O   . HOH D 4 .   ? 13.046  10.326  -6.800  1.00 23.28 ? 210 HOH A O   1 
HETATM 1279 O  O   . HOH D 4 .   ? -3.990  6.512   5.200   1.00 29.17 ? 211 HOH A O   1 
HETATM 1280 O  O   . HOH D 4 .   ? -10.600 5.663   0.041   1.00 34.66 ? 212 HOH A O   1 
HETATM 1281 O  O   . HOH D 4 .   ? 7.030   -9.054  12.394  1.00 32.78 ? 213 HOH A O   1 
HETATM 1282 O  O   . HOH D 4 .   ? -8.168  12.337  -5.174  1.00 27.54 ? 214 HOH A O   1 
HETATM 1283 O  O   . HOH D 4 .   ? -7.132  -6.286  -14.698 1.00 35.20 ? 215 HOH A O   1 
HETATM 1284 O  O   . HOH D 4 .   ? -4.838  -12.551 16.280  1.00 40.26 ? 216 HOH A O   1 
HETATM 1285 O  O   . HOH D 4 .   ? -10.925 -3.024  -15.114 1.00 31.09 ? 217 HOH A O   1 
HETATM 1286 O  O   . HOH D 4 .   ? -12.762 -8.289  -1.089  1.00 41.81 ? 218 HOH A O   1 
HETATM 1287 O  O   . HOH D 4 .   ? 2.440   -11.845 -8.678  1.00 32.65 ? 219 HOH A O   1 
HETATM 1288 O  O   . HOH D 4 .   ? 12.185  -7.496  -9.076  1.00 44.22 ? 220 HOH A O   1 
HETATM 1289 O  O   . HOH D 4 .   ? -8.413  5.185   -21.052 1.00 27.19 ? 221 HOH A O   1 
HETATM 1290 O  O   . HOH D 4 .   ? -0.113  14.446  -11.866 1.00 36.44 ? 222 HOH A O   1 
HETATM 1291 O  O   . HOH D 4 .   ? 14.842  -6.414  13.158  1.00 38.26 ? 223 HOH A O   1 
HETATM 1292 O  O   . HOH D 4 .   ? -6.993  12.476  -11.707 1.00 25.83 ? 224 HOH A O   1 
HETATM 1293 O  O   . HOH D 4 .   ? 12.634  11.256  1.621   1.00 25.95 ? 225 HOH A O   1 
HETATM 1294 O  O   . HOH D 4 .   ? 0.397   -17.211 14.651  1.00 45.38 ? 226 HOH A O   1 
HETATM 1295 O  O   . HOH D 4 .   ? -2.662  8.605   6.820   1.00 41.00 ? 227 HOH A O   1 
HETATM 1296 O  O   . HOH D 4 .   ? -5.577  -4.095  -20.221 1.00 27.48 ? 228 HOH A O   1 
HETATM 1297 O  O   . HOH D 4 .   ? -3.073  8.469   -21.283 1.00 33.71 ? 229 HOH A O   1 
HETATM 1298 O  O   . HOH D 4 .   ? -8.881  -9.739  0.805   1.00 36.44 ? 230 HOH A O   1 
HETATM 1299 O  O   . HOH D 4 .   ? 12.523  -8.073  0.525   1.00 35.00 ? 231 HOH A O   1 
HETATM 1300 O  O   . HOH D 4 .   ? 11.082  -12.161 1.565   1.00 38.24 ? 232 HOH A O   1 
HETATM 1301 O  O   . HOH D 4 .   ? 17.353  -6.523  5.216   1.00 40.90 ? 233 HOH A O   1 
HETATM 1302 O  O   . HOH D 4 .   ? 3.009   11.477  2.706   1.00 34.86 ? 234 HOH A O   1 
HETATM 1303 O  O   . HOH D 4 .   ? 15.490  1.419   6.032   1.00 28.95 ? 235 HOH A O   1 
HETATM 1304 O  O   . HOH D 4 .   ? 16.955  -0.687  3.860   1.00 37.98 ? 236 HOH A O   1 
HETATM 1305 O  O   . HOH D 4 .   ? -10.170 -4.664  -19.550 1.00 40.50 ? 237 HOH A O   1 
HETATM 1306 O  O   . HOH D 4 .   ? 18.460  3.091   -0.620  1.00 31.34 ? 238 HOH A O   1 
HETATM 1307 O  O   . HOH D 4 .   ? 15.132  7.046   -18.964 1.00 20.04 ? 239 HOH A O   1 
HETATM 1308 O  O   . HOH D 4 .   ? 9.349   5.916   -18.518 1.00 18.63 ? 240 HOH A O   1 
HETATM 1309 O  O   . HOH D 4 .   ? 6.070   -5.274  -0.109  1.00 25.66 ? 241 HOH A O   1 
HETATM 1310 O  O   . HOH D 4 .   ? 6.358   0.257   -15.678 1.00 14.54 ? 242 HOH A O   1 
HETATM 1311 O  O   . HOH D 4 .   ? 9.598   -2.250  -13.279 1.00 26.05 ? 243 HOH A O   1 
HETATM 1312 O  O   . HOH D 4 .   ? 11.774  -0.962  -10.845 1.00 14.74 ? 244 HOH A O   1 
HETATM 1313 O  O   . HOH D 4 .   ? 6.301   17.150  -1.901  1.00 45.12 ? 245 HOH A O   1 
HETATM 1314 O  O   . HOH D 4 .   ? -16.601 -8.868  -4.592  1.00 35.01 ? 246 HOH A O   1 
HETATM 1315 O  O   . HOH D 4 .   ? 3.063   -5.148  -0.514  1.00 36.51 ? 247 HOH A O   1 
HETATM 1316 O  O   . HOH D 4 .   ? -0.022  12.346  -9.248  1.00 34.10 ? 248 HOH A O   1 
HETATM 1317 O  O   . HOH D 4 .   ? -11.206 8.071   -1.463  1.00 23.37 ? 249 HOH A O   1 
HETATM 1318 O  O   . HOH D 4 .   ? 12.268  15.920  0.273   1.00 42.74 ? 250 HOH A O   1 
HETATM 1319 O  O   . HOH D 4 .   ? 1.954   8.515   -18.630 1.00 28.33 ? 251 HOH A O   1 
HETATM 1320 O  O   . HOH D 4 .   ? -3.825  14.120  -13.930 1.00 35.48 ? 252 HOH A O   1 
HETATM 1321 O  O   . HOH D 4 .   ? -2.959  13.494  -9.265  1.00 34.38 ? 253 HOH A O   1 
HETATM 1322 O  O   . HOH D 4 .   ? -13.129 9.513   -0.669  1.00 35.24 ? 254 HOH A O   1 
HETATM 1323 O  O   . HOH D 4 .   ? -7.692  8.580   -16.844 1.00 15.10 ? 255 HOH A O   1 
HETATM 1324 O  O   . HOH D 4 .   ? -13.331 0.904   -15.944 1.00 36.64 ? 256 HOH A O   1 
HETATM 1325 O  O   . HOH D 4 .   ? -20.431 -3.251  -0.187  1.00 34.84 ? 257 HOH A O   1 
HETATM 1326 O  O   . HOH D 4 .   ? -8.026  2.268   -23.060 1.00 32.66 ? 258 HOH A O   1 
HETATM 1327 O  O   . HOH D 4 .   ? 7.166   15.880  1.295   1.00 38.51 ? 259 HOH A O   1 
HETATM 1328 O  O   . HOH D 4 .   ? -13.273 -4.064  -12.644 1.00 44.35 ? 260 HOH A O   1 
HETATM 1329 O  O   . HOH D 4 .   ? 1.017   -9.623  -2.318  1.00 32.21 ? 261 HOH A O   1 
HETATM 1330 O  O   . HOH D 4 .   ? -15.581 -2.853  -13.103 1.00 37.16 ? 262 HOH A O   1 
HETATM 1331 O  O   . HOH D 4 .   ? 17.088  9.369   -6.359  1.00 37.51 ? 263 HOH A O   1 
HETATM 1332 O  O   . HOH D 4 .   ? 15.031  -7.123  0.555   1.00 41.70 ? 264 HOH A O   1 
HETATM 1333 O  O   . HOH D 4 .   ? -3.024  -15.458 4.431   1.00 45.76 ? 265 HOH A O   1 
HETATM 1334 O  O   . HOH D 4 .   ? 19.344  8.294   -0.569  1.00 33.91 ? 266 HOH A O   1 
HETATM 1335 O  O   . HOH D 4 .   ? -11.988 4.743   -12.848 1.00 9.32  ? 267 HOH A O   1 
HETATM 1336 O  O   . HOH D 4 .   ? -5.325  -9.470  -16.370 1.00 42.21 ? 268 HOH A O   1 
HETATM 1337 O  O   . HOH D 4 .   ? -5.544  -9.435  -8.977  1.00 36.27 ? 269 HOH A O   1 
HETATM 1338 O  O   . HOH D 4 .   ? -2.500  12.167  -15.675 1.00 15.80 ? 270 HOH A O   1 
HETATM 1339 O  O   . HOH D 4 .   ? -6.004  9.820   -18.300 1.00 25.89 ? 271 HOH A O   1 
HETATM 1340 O  O   . HOH D 4 .   ? 6.834   -8.360  -10.108 1.00 30.55 ? 272 HOH A O   1 
HETATM 1341 O  O   . HOH D 4 .   ? 4.708   -10.177 -9.806  1.00 23.80 ? 273 HOH A O   1 
HETATM 1342 O  O   . HOH D 4 .   ? 4.531   10.242  -18.474 1.00 37.42 ? 274 HOH A O   1 
HETATM 1343 O  O   . HOH D 4 .   ? 8.141   10.359  -17.275 1.00 24.39 ? 275 HOH A O   1 
HETATM 1344 O  O   . HOH D 4 .   ? 10.810  10.001  -16.865 1.00 19.25 ? 276 HOH A O   1 
HETATM 1345 O  O   . HOH D 4 .   ? 2.951   12.407  -11.418 1.00 28.59 ? 277 HOH A O   1 
HETATM 1346 O  O   . HOH D 4 .   ? -12.017 2.982   -15.623 1.00 17.58 ? 278 HOH A O   1 
HETATM 1347 O  O   . HOH D 4 .   ? -8.973  -9.866  -10.090 1.00 39.48 ? 279 HOH A O   1 
HETATM 1348 O  O   . HOH D 4 .   ? 5.037   14.474  -13.073 1.00 38.37 ? 280 HOH A O   1 
HETATM 1349 O  O   . HOH D 4 .   ? -4.530  -8.739  -4.903  1.00 34.35 ? 281 HOH A O   1 
HETATM 1350 O  O   . HOH D 4 .   ? 9.781   -9.342  -2.227  1.00 46.19 ? 282 HOH A O   1 
HETATM 1351 O  O   . HOH D 4 .   ? 13.082  0.621   9.228   1.00 40.53 ? 283 HOH A O   1 
HETATM 1352 O  O   . HOH D 4 .   ? 15.207  2.089   8.433   1.00 42.40 ? 284 HOH A O   1 
HETATM 1353 O  O   . HOH D 4 .   ? -4.586  13.476  -11.625 1.00 34.07 ? 285 HOH A O   1 
HETATM 1354 O  O   . HOH D 4 .   ? 2.499   8.340   11.306  1.00 47.04 ? 286 HOH A O   1 
HETATM 1355 O  O   . HOH D 4 .   ? -6.773  3.234   11.008  1.00 38.12 ? 287 HOH A O   1 
HETATM 1356 O  O   . HOH D 4 .   ? 5.130   -0.769  18.188  1.00 42.37 ? 288 HOH A O   1 
HETATM 1357 O  O   . HOH D 4 .   ? -7.339  -10.070 -13.932 1.00 46.57 ? 289 HOH A O   1 
HETATM 1358 O  O   . HOH D 4 .   ? -12.884 -5.828  -9.485  1.00 13.77 ? 290 HOH A O   1 
HETATM 1359 O  O   . HOH D 4 .   ? 7.396   4.299   -18.065 1.00 40.16 ? 291 HOH A O   1 
HETATM 1360 O  O   . HOH D 4 .   ? 6.225   6.809   -18.066 1.00 38.46 ? 292 HOH A O   1 
HETATM 1361 O  O   . HOH D 4 .   ? -4.155  10.781  -19.700 1.00 38.93 ? 293 HOH A O   1 
HETATM 1362 O  O   . HOH D 4 .   ? 12.253  0.231   -13.250 1.00 27.75 ? 294 HOH A O   1 
HETATM 1363 O  O   . HOH D 4 .   ? 11.947  -1.922  -15.030 1.00 32.34 ? 295 HOH A O   1 
# 
loop_
_pdbx_poly_seq_scheme.asym_id 
_pdbx_poly_seq_scheme.entity_id 
_pdbx_poly_seq_scheme.seq_id 
_pdbx_poly_seq_scheme.mon_id 
_pdbx_poly_seq_scheme.ndb_seq_num 
_pdbx_poly_seq_scheme.pdb_seq_num 
_pdbx_poly_seq_scheme.auth_seq_num 
_pdbx_poly_seq_scheme.pdb_mon_id 
_pdbx_poly_seq_scheme.auth_mon_id 
_pdbx_poly_seq_scheme.pdb_strand_id 
_pdbx_poly_seq_scheme.pdb_ins_code 
_pdbx_poly_seq_scheme.hetero 
A 1 1   GLY 1   -2  ?   ?   ?   A . n 
A 1 2   PRO 2   -1  ?   ?   ?   A . n 
A 1 3   GLY 3   0   ?   ?   ?   A . n 
A 1 4   SER 4   1   ?   ?   ?   A . n 
A 1 5   ASP 5   2   ?   ?   ?   A . n 
A 1 6   LYS 6   3   ?   ?   ?   A . n 
A 1 7   ASP 7   4   4   ASP ASP A . n 
A 1 8   CYS 8   5   5   CYS CYS A . n 
A 1 9   GLU 9   6   6   GLU GLU A . n 
A 1 10  MET 10  7   7   MET MET A . n 
A 1 11  LYS 11  8   8   LYS LYS A . n 
A 1 12  ARG 12  9   9   ARG ARG A . n 
A 1 13  THR 13  10  10  THR THR A . n 
A 1 14  THR 14  11  11  THR THR A . n 
A 1 15  LEU 15  12  12  LEU LEU A . n 
A 1 16  ASP 16  13  13  ASP ASP A . n 
A 1 17  SER 17  14  14  SER SER A . n 
A 1 18  PRO 18  15  15  PRO PRO A . n 
A 1 19  LEU 19  16  16  LEU LEU A . n 
A 1 20  GLY 20  17  17  GLY GLY A . n 
A 1 21  LYS 21  18  18  LYS LYS A . n 
A 1 22  LEU 22  19  19  LEU LEU A . n 
A 1 23  GLU 23  20  20  GLU GLU A . n 
A 1 24  LEU 24  21  21  LEU LEU A . n 
A 1 25  SER 25  22  22  SER SER A . n 
A 1 26  GLY 26  23  23  GLY GLY A . n 
A 1 27  CYS 27  24  24  CYS CYS A . n 
A 1 28  GLU 28  25  25  GLU GLU A . n 
A 1 29  GLN 29  26  26  GLN GLN A . n 
A 1 30  GLY 30  27  27  GLY GLY A . n 
A 1 31  LEU 31  28  28  LEU LEU A . n 
A 1 32  HIS 32  29  29  HIS HIS A . n 
A 1 33  GLU 33  30  30  GLU GLU A . n 
A 1 34  ILE 34  31  31  ILE ILE A . n 
A 1 35  ILE 35  32  32  ILE ILE A . n 
A 1 36  PHE 36  33  33  PHE PHE A . n 
A 1 37  LEU 37  34  34  LEU LEU A . n 
A 1 38  GLY 38  35  35  GLY GLY A . n 
A 1 39  LYS 39  36  ?   ?   ?   A . n 
A 1 40  GLY 40  37  ?   ?   ?   A . n 
A 1 41  THR 41  38  ?   ?   ?   A . n 
A 1 42  SER 42  39  ?   ?   ?   A . n 
A 1 43  ALA 43  40  ?   ?   ?   A . n 
A 1 44  ALA 44  41  ?   ?   ?   A . n 
A 1 45  ASP 45  42  ?   ?   ?   A . n 
A 1 46  ALA 46  43  ?   ?   ?   A . n 
A 1 47  VAL 47  44  ?   ?   ?   A . n 
A 1 48  GLU 48  45  ?   ?   ?   A . n 
A 1 49  VAL 49  46  ?   ?   ?   A . n 
A 1 50  PRO 50  47  ?   ?   ?   A . n 
A 1 51  ALA 51  48  ?   ?   ?   A . n 
A 1 52  PRO 52  49  ?   ?   ?   A . n 
A 1 53  ALA 53  50  ?   ?   ?   A . n 
A 1 54  ALA 54  51  ?   ?   ?   A . n 
A 1 55  VAL 55  52  ?   ?   ?   A . n 
A 1 56  LEU 56  53  ?   ?   ?   A . n 
A 1 57  GLY 57  54  54  GLY GLY A . n 
A 1 58  GLY 58  55  55  GLY GLY A . n 
A 1 59  PRO 59  56  56  PRO PRO A . n 
A 1 60  GLU 60  57  57  GLU GLU A . n 
A 1 61  PRO 61  58  58  PRO PRO A . n 
A 1 62  LEU 62  59  59  LEU LEU A . n 
A 1 63  MET 63  60  60  MET MET A . n 
A 1 64  GLN 64  61  61  GLN GLN A . n 
A 1 65  ALA 65  62  62  ALA ALA A . n 
A 1 66  THR 66  63  63  THR THR A . n 
A 1 67  ALA 67  64  64  ALA ALA A . n 
A 1 68  TRP 68  65  65  TRP TRP A . n 
A 1 69  LEU 69  66  66  LEU LEU A . n 
A 1 70  ASN 70  67  67  ASN ASN A . n 
A 1 71  ALA 71  68  68  ALA ALA A . n 
A 1 72  TYR 72  69  69  TYR TYR A . n 
A 1 73  PHE 73  70  70  PHE PHE A . n 
A 1 74  HIS 74  71  71  HIS HIS A . n 
A 1 75  GLN 75  72  72  GLN GLN A . n 
A 1 76  PRO 76  73  73  PRO PRO A . n 
A 1 77  GLU 77  74  74  GLU GLU A . n 
A 1 78  ALA 78  75  75  ALA ALA A . n 
A 1 79  ILE 79  76  76  ILE ILE A . n 
A 1 80  GLU 80  77  77  GLU GLU A . n 
A 1 81  GLU 81  78  78  GLU GLU A . n 
A 1 82  PHE 82  79  79  PHE PHE A . n 
A 1 83  PRO 83  80  80  PRO PRO A . n 
A 1 84  VAL 84  81  81  VAL VAL A . n 
A 1 85  PRO 85  82  82  PRO PRO A . n 
A 1 86  ALA 86  83  83  ALA ALA A . n 
A 1 87  LEU 87  84  84  LEU LEU A . n 
A 1 88  HIS 88  85  85  HIS HIS A . n 
A 1 89  HIS 89  86  86  HIS HIS A . n 
A 1 90  PRO 90  87  87  PRO PRO A . n 
A 1 91  VAL 91  88  88  VAL VAL A . n 
A 1 92  PHE 92  89  89  PHE PHE A . n 
A 1 93  GLN 93  90  90  GLN GLN A . n 
A 1 94  GLN 94  91  91  GLN GLN A . n 
A 1 95  GLU 95  92  92  GLU GLU A . n 
A 1 96  SER 96  93  93  SER SER A . n 
A 1 97  PHE 97  94  94  PHE PHE A . n 
A 1 98  THR 98  95  95  THR THR A . n 
A 1 99  ARG 99  96  96  ARG ARG A . n 
A 1 100 GLN 100 97  97  GLN GLN A . n 
A 1 101 VAL 101 98  98  VAL VAL A . n 
A 1 102 LEU 102 99  99  LEU LEU A . n 
A 1 103 TRP 103 100 100 TRP TRP A . n 
A 1 104 LYS 104 101 101 LYS LYS A . n 
A 1 105 LEU 105 102 102 LEU LEU A . n 
A 1 106 LEU 106 103 103 LEU LEU A . n 
A 1 107 LYS 107 104 104 LYS LYS A . n 
A 1 108 VAL 108 105 105 VAL VAL A . n 
A 1 109 VAL 109 106 106 VAL VAL A . n 
A 1 110 LYS 110 107 107 LYS LYS A . n 
A 1 111 PHE 111 108 108 PHE PHE A . n 
A 1 112 GLY 112 109 109 GLY GLY A . n 
A 1 113 GLU 113 110 110 GLU GLU A . n 
A 1 114 VAL 114 111 111 VAL VAL A . n 
A 1 115 ILE 115 112 112 ILE ILE A . n 
A 1 116 SER 116 113 113 SER SER A . n 
A 1 117 TYR 117 114 114 TYR TYR A . n 
A 1 118 SER 118 115 115 SER SER A . n 
A 1 119 HIS 119 116 116 HIS HIS A . n 
A 1 120 LEU 120 117 117 LEU LEU A . n 
A 1 121 ALA 121 118 118 ALA ALA A . n 
A 1 122 ALA 122 119 119 ALA ALA A . n 
A 1 123 LEU 123 120 120 LEU LEU A . n 
A 1 124 ALA 124 121 121 ALA ALA A . n 
A 1 125 GLY 125 122 122 GLY GLY A . n 
A 1 126 ASN 126 123 123 ASN ASN A . n 
A 1 127 PRO 127 124 124 PRO PRO A . n 
A 1 128 ALA 128 125 125 ALA ALA A . n 
A 1 129 ALA 129 126 126 ALA ALA A . n 
A 1 130 THR 130 127 127 THR THR A . n 
A 1 131 ALA 131 128 128 ALA ALA A . n 
A 1 132 ALA 132 129 129 ALA ALA A . n 
A 1 133 VAL 133 130 130 VAL VAL A . n 
A 1 134 LYS 134 131 131 LYS LYS A . n 
A 1 135 THR 135 132 132 THR THR A . n 
A 1 136 ALA 136 133 133 ALA ALA A . n 
A 1 137 LEU 137 134 134 LEU LEU A . n 
A 1 138 SER 138 135 135 SER SER A . n 
A 1 139 GLY 139 136 136 GLY GLY A . n 
A 1 140 ASN 140 137 137 ASN ASN A . n 
A 1 141 PRO 141 138 138 PRO PRO A . n 
A 1 142 VAL 142 139 139 VAL VAL A . n 
A 1 143 PRO 143 140 140 PRO PRO A . n 
A 1 144 ILE 144 141 141 ILE ILE A . n 
A 1 145 LEU 145 142 142 LEU LEU A . n 
A 1 146 ILE 146 143 143 ILE ILE A . n 
A 1 147 PRO 147 144 144 PRO PRO A . n 
A 1 148 ALA 148 145 145 ALA ALA A . n 
A 1 149 HIS 149 146 146 HIS HIS A . n 
A 1 150 ARG 150 147 147 ARG ARG A . n 
A 1 151 VAL 151 148 148 VAL VAL A . n 
A 1 152 VAL 152 149 149 VAL VAL A . n 
A 1 153 GLN 153 150 150 GLN GLN A . n 
A 1 154 GLY 154 151 151 GLY GLY A . n 
A 1 155 ASP 155 152 152 ASP ASP A . n 
A 1 156 LEU 156 153 153 LEU LEU A . n 
A 1 157 ASP 157 154 154 ASP ASP A . n 
A 1 158 VAL 158 155 155 VAL VAL A . n 
A 1 159 GLY 159 156 156 GLY GLY A . n 
A 1 160 GLY 160 157 157 GLY GLY A . n 
A 1 161 TYR 161 158 158 TYR TYR A . n 
A 1 162 GLU 162 159 159 GLU GLU A . n 
A 1 163 GLY 163 160 160 GLY GLY A . n 
A 1 164 GLY 164 161 161 GLY GLY A . n 
A 1 165 LEU 165 162 162 LEU LEU A . n 
A 1 166 ALA 166 163 163 ALA ALA A . n 
A 1 167 VAL 167 164 164 VAL VAL A . n 
A 1 168 LYS 168 165 165 LYS LYS A . n 
A 1 169 GLU 169 166 166 GLU GLU A . n 
A 1 170 TRP 170 167 167 TRP TRP A . n 
A 1 171 LEU 171 168 168 LEU LEU A . n 
A 1 172 LEU 172 169 169 LEU LEU A . n 
A 1 173 ALA 173 170 170 ALA ALA A . n 
A 1 174 HIS 174 171 171 HIS HIS A . n 
A 1 175 GLU 175 172 172 GLU GLU A . n 
A 1 176 GLY 176 173 173 GLY GLY A . n 
A 1 177 HIS 177 174 174 HIS HIS A . n 
A 1 178 ARG 178 175 175 ARG ARG A . n 
A 1 179 LEU 179 176 176 LEU LEU A . n 
A 1 180 GLY 180 177 177 GLY GLY A . n 
A 1 181 LYS 181 178 178 LYS LYS A . n 
A 1 182 ARG 182 179 179 ARG ARG A . n 
# 
loop_
_pdbx_nonpoly_scheme.asym_id 
_pdbx_nonpoly_scheme.entity_id 
_pdbx_nonpoly_scheme.mon_id 
_pdbx_nonpoly_scheme.ndb_seq_num 
_pdbx_nonpoly_scheme.pdb_seq_num 
_pdbx_nonpoly_scheme.auth_seq_num 
_pdbx_nonpoly_scheme.pdb_mon_id 
_pdbx_nonpoly_scheme.auth_mon_id 
_pdbx_nonpoly_scheme.pdb_strand_id 
_pdbx_nonpoly_scheme.pdb_ins_code 
B 2 ZN  1   180 180 ZN  ZN  A . 
C 3 OBG 1   181 1   OBG BG  A . 
D 4 HOH 1   182 1   HOH HOH A . 
D 4 HOH 2   183 2   HOH HOH A . 
D 4 HOH 3   184 3   HOH HOH A . 
D 4 HOH 4   185 4   HOH HOH A . 
D 4 HOH 5   186 5   HOH HOH A . 
D 4 HOH 6   187 6   HOH HOH A . 
D 4 HOH 7   188 7   HOH HOH A . 
D 4 HOH 8   189 8   HOH HOH A . 
D 4 HOH 9   190 9   HOH HOH A . 
D 4 HOH 10  191 10  HOH HOH A . 
D 4 HOH 11  192 11  HOH HOH A . 
D 4 HOH 12  193 12  HOH HOH A . 
D 4 HOH 13  194 13  HOH HOH A . 
D 4 HOH 14  195 14  HOH HOH A . 
D 4 HOH 15  196 15  HOH HOH A . 
D 4 HOH 16  197 16  HOH HOH A . 
D 4 HOH 17  198 17  HOH HOH A . 
D 4 HOH 18  199 18  HOH HOH A . 
D 4 HOH 19  200 19  HOH HOH A . 
D 4 HOH 20  201 20  HOH HOH A . 
D 4 HOH 21  202 21  HOH HOH A . 
D 4 HOH 22  203 22  HOH HOH A . 
D 4 HOH 23  204 23  HOH HOH A . 
D 4 HOH 24  205 24  HOH HOH A . 
D 4 HOH 25  206 25  HOH HOH A . 
D 4 HOH 26  207 26  HOH HOH A . 
D 4 HOH 27  208 27  HOH HOH A . 
D 4 HOH 28  209 28  HOH HOH A . 
D 4 HOH 29  210 29  HOH HOH A . 
D 4 HOH 30  211 30  HOH HOH A . 
D 4 HOH 31  212 31  HOH HOH A . 
D 4 HOH 32  213 32  HOH HOH A . 
D 4 HOH 33  214 33  HOH HOH A . 
D 4 HOH 34  215 34  HOH HOH A . 
D 4 HOH 35  216 35  HOH HOH A . 
D 4 HOH 36  217 36  HOH HOH A . 
D 4 HOH 37  218 37  HOH HOH A . 
D 4 HOH 38  219 38  HOH HOH A . 
D 4 HOH 39  220 39  HOH HOH A . 
D 4 HOH 40  221 40  HOH HOH A . 
D 4 HOH 41  222 41  HOH HOH A . 
D 4 HOH 42  223 42  HOH HOH A . 
D 4 HOH 43  224 43  HOH HOH A . 
D 4 HOH 44  225 44  HOH HOH A . 
D 4 HOH 45  226 45  HOH HOH A . 
D 4 HOH 46  227 46  HOH HOH A . 
D 4 HOH 47  228 47  HOH HOH A . 
D 4 HOH 48  229 48  HOH HOH A . 
D 4 HOH 49  230 49  HOH HOH A . 
D 4 HOH 50  231 50  HOH HOH A . 
D 4 HOH 51  232 51  HOH HOH A . 
D 4 HOH 52  233 52  HOH HOH A . 
D 4 HOH 53  234 53  HOH HOH A . 
D 4 HOH 54  235 54  HOH HOH A . 
D 4 HOH 55  236 55  HOH HOH A . 
D 4 HOH 56  237 56  HOH HOH A . 
D 4 HOH 57  238 57  HOH HOH A . 
D 4 HOH 58  239 58  HOH HOH A . 
D 4 HOH 59  240 59  HOH HOH A . 
D 4 HOH 60  241 60  HOH HOH A . 
D 4 HOH 61  242 61  HOH HOH A . 
D 4 HOH 62  243 62  HOH HOH A . 
D 4 HOH 63  244 63  HOH HOH A . 
D 4 HOH 64  245 64  HOH HOH A . 
D 4 HOH 65  246 65  HOH HOH A . 
D 4 HOH 66  247 66  HOH HOH A . 
D 4 HOH 67  248 67  HOH HOH A . 
D 4 HOH 68  249 68  HOH HOH A . 
D 4 HOH 69  250 69  HOH HOH A . 
D 4 HOH 70  251 70  HOH HOH A . 
D 4 HOH 71  252 71  HOH HOH A . 
D 4 HOH 72  253 72  HOH HOH A . 
D 4 HOH 73  254 73  HOH HOH A . 
D 4 HOH 74  255 74  HOH HOH A . 
D 4 HOH 75  256 75  HOH HOH A . 
D 4 HOH 76  257 76  HOH HOH A . 
D 4 HOH 77  258 77  HOH HOH A . 
D 4 HOH 78  259 78  HOH HOH A . 
D 4 HOH 79  260 79  HOH HOH A . 
D 4 HOH 80  261 80  HOH HOH A . 
D 4 HOH 81  262 81  HOH HOH A . 
D 4 HOH 82  263 82  HOH HOH A . 
D 4 HOH 83  264 83  HOH HOH A . 
D 4 HOH 84  265 84  HOH HOH A . 
D 4 HOH 85  266 85  HOH HOH A . 
D 4 HOH 86  267 86  HOH HOH A . 
D 4 HOH 87  268 87  HOH HOH A . 
D 4 HOH 88  269 88  HOH HOH A . 
D 4 HOH 89  270 89  HOH HOH A . 
D 4 HOH 90  271 90  HOH HOH A . 
D 4 HOH 91  272 91  HOH HOH A . 
D 4 HOH 92  273 92  HOH HOH A . 
D 4 HOH 93  274 93  HOH HOH A . 
D 4 HOH 94  275 94  HOH HOH A . 
D 4 HOH 95  276 95  HOH HOH A . 
D 4 HOH 96  277 96  HOH HOH A . 
D 4 HOH 97  278 97  HOH HOH A . 
D 4 HOH 98  279 98  HOH HOH A . 
D 4 HOH 99  280 99  HOH HOH A . 
D 4 HOH 100 281 100 HOH HOH A . 
D 4 HOH 101 282 101 HOH HOH A . 
D 4 HOH 102 283 102 HOH HOH A . 
D 4 HOH 103 284 103 HOH HOH A . 
D 4 HOH 104 285 104 HOH HOH A . 
D 4 HOH 105 286 105 HOH HOH A . 
D 4 HOH 106 287 106 HOH HOH A . 
D 4 HOH 107 288 107 HOH HOH A . 
D 4 HOH 108 289 108 HOH HOH A . 
D 4 HOH 109 290 109 HOH HOH A . 
D 4 HOH 110 291 110 HOH HOH A . 
D 4 HOH 111 292 111 HOH HOH A . 
D 4 HOH 112 293 112 HOH HOH A . 
D 4 HOH 113 294 113 HOH HOH A . 
D 4 HOH 114 295 114 HOH HOH A . 
# 
_pdbx_struct_assembly.id                   1 
_pdbx_struct_assembly.details              author_and_software_defined_assembly 
_pdbx_struct_assembly.method_details       PISA 
_pdbx_struct_assembly.oligomeric_details   monomeric 
_pdbx_struct_assembly.oligomeric_count     1 
# 
_pdbx_struct_assembly_gen.assembly_id       1 
_pdbx_struct_assembly_gen.oper_expression   1 
_pdbx_struct_assembly_gen.asym_id_list      A,B,C,D 
# 
_pdbx_struct_oper_list.id                   1 
_pdbx_struct_oper_list.type                 'identity operation' 
_pdbx_struct_oper_list.name                 1_555 
_pdbx_struct_oper_list.symmetry_operation   x,y,z 
_pdbx_struct_oper_list.matrix[1][1]         1.0000000000 
_pdbx_struct_oper_list.matrix[1][2]         0.0000000000 
_pdbx_struct_oper_list.matrix[1][3]         0.0000000000 
_pdbx_struct_oper_list.vector[1]            0.0000000000 
_pdbx_struct_oper_list.matrix[2][1]         0.0000000000 
_pdbx_struct_oper_list.matrix[2][2]         1.0000000000 
_pdbx_struct_oper_list.matrix[2][3]         0.0000000000 
_pdbx_struct_oper_list.vector[2]            0.0000000000 
_pdbx_struct_oper_list.matrix[3][1]         0.0000000000 
_pdbx_struct_oper_list.matrix[3][2]         0.0000000000 
_pdbx_struct_oper_list.matrix[3][3]         1.0000000000 
_pdbx_struct_oper_list.vector[3]            0.0000000000 
# 
loop_
_pdbx_struct_conn_angle.id 
_pdbx_struct_conn_angle.ptnr1_label_atom_id 
_pdbx_struct_conn_angle.ptnr1_label_alt_id 
_pdbx_struct_conn_angle.ptnr1_label_asym_id 
_pdbx_struct_conn_angle.ptnr1_label_comp_id 
_pdbx_struct_conn_angle.ptnr1_label_seq_id 
_pdbx_struct_conn_angle.ptnr1_auth_atom_id 
_pdbx_struct_conn_angle.ptnr1_auth_asym_id 
_pdbx_struct_conn_angle.ptnr1_auth_comp_id 
_pdbx_struct_conn_angle.ptnr1_auth_seq_id 
_pdbx_struct_conn_angle.ptnr1_PDB_ins_code 
_pdbx_struct_conn_angle.ptnr1_symmetry 
_pdbx_struct_conn_angle.ptnr2_label_atom_id 
_pdbx_struct_conn_angle.ptnr2_label_alt_id 
_pdbx_struct_conn_angle.ptnr2_label_asym_id 
_pdbx_struct_conn_angle.ptnr2_label_comp_id 
_pdbx_struct_conn_angle.ptnr2_label_seq_id 
_pdbx_struct_conn_angle.ptnr2_auth_atom_id 
_pdbx_struct_conn_angle.ptnr2_auth_asym_id 
_pdbx_struct_conn_angle.ptnr2_auth_comp_id 
_pdbx_struct_conn_angle.ptnr2_auth_seq_id 
_pdbx_struct_conn_angle.ptnr2_PDB_ins_code 
_pdbx_struct_conn_angle.ptnr2_symmetry 
_pdbx_struct_conn_angle.ptnr3_label_atom_id 
_pdbx_struct_conn_angle.ptnr3_label_alt_id 
_pdbx_struct_conn_angle.ptnr3_label_asym_id 
_pdbx_struct_conn_angle.ptnr3_label_comp_id 
_pdbx_struct_conn_angle.ptnr3_label_seq_id 
_pdbx_struct_conn_angle.ptnr3_auth_atom_id 
_pdbx_struct_conn_angle.ptnr3_auth_asym_id 
_pdbx_struct_conn_angle.ptnr3_auth_comp_id 
_pdbx_struct_conn_angle.ptnr3_auth_seq_id 
_pdbx_struct_conn_angle.ptnr3_PDB_ins_code 
_pdbx_struct_conn_angle.ptnr3_symmetry 
_pdbx_struct_conn_angle.value 
_pdbx_struct_conn_angle.value_esd 
1 SG  ? A CYS 8  ? A CYS 5  ? 1_555 ZN ? B ZN . ? A ZN 180 ? 1_555 SG  ? A CYS 27 ? A CYS 24 ? 1_555 117.6 ? 
2 SG  ? A CYS 8  ? A CYS 5  ? 1_555 ZN ? B ZN . ? A ZN 180 ? 1_555 NE2 ? A HIS 32 ? A HIS 29 ? 1_555 106.9 ? 
3 SG  ? A CYS 27 ? A CYS 24 ? 1_555 ZN ? B ZN . ? A ZN 180 ? 1_555 NE2 ? A HIS 32 ? A HIS 29 ? 1_555 111.8 ? 
4 SG  ? A CYS 8  ? A CYS 5  ? 1_555 ZN ? B ZN . ? A ZN 180 ? 1_555 ND1 ? A HIS 88 ? A HIS 85 ? 1_555 103.3 ? 
5 SG  ? A CYS 27 ? A CYS 24 ? 1_555 ZN ? B ZN . ? A ZN 180 ? 1_555 ND1 ? A HIS 88 ? A HIS 85 ? 1_555 105.6 ? 
6 NE2 ? A HIS 32 ? A HIS 29 ? 1_555 ZN ? B ZN . ? A ZN 180 ? 1_555 ND1 ? A HIS 88 ? A HIS 85 ? 1_555 111.3 ? 
# 
loop_
_pdbx_audit_revision_history.ordinal 
_pdbx_audit_revision_history.data_content_type 
_pdbx_audit_revision_history.major_revision 
_pdbx_audit_revision_history.minor_revision 
_pdbx_audit_revision_history.revision_date 
1 'Structure model' 1 0 2010-12-15 
2 'Structure model' 1 1 2011-07-13 
3 'Structure model' 1 2 2023-11-01 
# 
_pdbx_audit_revision_details.ordinal             1 
_pdbx_audit_revision_details.revision_ordinal    1 
_pdbx_audit_revision_details.data_content_type   'Structure model' 
_pdbx_audit_revision_details.provider            repository 
_pdbx_audit_revision_details.type                'Initial release' 
_pdbx_audit_revision_details.description         ? 
_pdbx_audit_revision_details.details             ? 
# 
loop_
_pdbx_audit_revision_group.ordinal 
_pdbx_audit_revision_group.revision_ordinal 
_pdbx_audit_revision_group.data_content_type 
_pdbx_audit_revision_group.group 
1 2 'Structure model' 'Version format compliance' 
2 3 'Structure model' 'Data collection'           
3 3 'Structure model' 'Database references'       
4 3 'Structure model' 'Derived calculations'      
5 3 'Structure model' 'Refinement description'    
# 
loop_
_pdbx_audit_revision_category.ordinal 
_pdbx_audit_revision_category.revision_ordinal 
_pdbx_audit_revision_category.data_content_type 
_pdbx_audit_revision_category.category 
1 3 'Structure model' chem_comp_atom                
2 3 'Structure model' chem_comp_bond                
3 3 'Structure model' database_2                    
4 3 'Structure model' pdbx_initial_refinement_model 
5 3 'Structure model' pdbx_struct_conn_angle        
6 3 'Structure model' struct_conn                   
7 3 'Structure model' struct_site                   
# 
loop_
_pdbx_audit_revision_item.ordinal 
_pdbx_audit_revision_item.revision_ordinal 
_pdbx_audit_revision_item.data_content_type 
_pdbx_audit_revision_item.item 
1  3 'Structure model' '_database_2.pdbx_DOI'                        
2  3 'Structure model' '_database_2.pdbx_database_accession'         
3  3 'Structure model' '_pdbx_struct_conn_angle.ptnr1_auth_comp_id'  
4  3 'Structure model' '_pdbx_struct_conn_angle.ptnr1_auth_seq_id'   
5  3 'Structure model' '_pdbx_struct_conn_angle.ptnr1_label_atom_id' 
6  3 'Structure model' '_pdbx_struct_conn_angle.ptnr1_label_comp_id' 
7  3 'Structure model' '_pdbx_struct_conn_angle.ptnr1_label_seq_id'  
8  3 'Structure model' '_pdbx_struct_conn_angle.ptnr3_auth_comp_id'  
9  3 'Structure model' '_pdbx_struct_conn_angle.ptnr3_auth_seq_id'   
10 3 'Structure model' '_pdbx_struct_conn_angle.ptnr3_label_atom_id' 
11 3 'Structure model' '_pdbx_struct_conn_angle.ptnr3_label_comp_id' 
12 3 'Structure model' '_pdbx_struct_conn_angle.ptnr3_label_seq_id'  
13 3 'Structure model' '_pdbx_struct_conn_angle.value'               
14 3 'Structure model' '_struct_conn.pdbx_dist_value'                
15 3 'Structure model' '_struct_conn.ptnr1_auth_comp_id'             
16 3 'Structure model' '_struct_conn.ptnr1_auth_seq_id'              
17 3 'Structure model' '_struct_conn.ptnr1_label_atom_id'            
18 3 'Structure model' '_struct_conn.ptnr1_label_comp_id'            
19 3 'Structure model' '_struct_conn.ptnr1_label_seq_id'             
20 3 'Structure model' '_struct_site.pdbx_auth_asym_id'              
21 3 'Structure model' '_struct_site.pdbx_auth_comp_id'              
22 3 'Structure model' '_struct_site.pdbx_auth_seq_id'               
# 
loop_
_software.name 
_software.classification 
_software.version 
_software.citation_id 
_software.pdbx_ordinal 
CCP4   'model building' phaser   ? 1 
REFMAC refinement       5.5.0102 ? 2 
XDS    'data reduction' .        ? 3 
XDS    'data scaling'   .        ? 4 
CCP4   phasing          phaser   ? 5 
# 
_pdbx_entry_details.entry_id                 3KZZ 
_pdbx_entry_details.nonpolymer_details       ? 
_pdbx_entry_details.sequence_details         
'1. THE SEQUENCE HAS BEEN DEPOSITED TO EMBL WITH ACCESSION NUMBER FR727225. 2. RESIDUE CYS145ALA IS A MUTATION.' 
_pdbx_entry_details.compound_details         ? 
_pdbx_entry_details.source_details           ? 
_pdbx_entry_details.has_ligand_of_interest   ? 
# 
loop_
_pdbx_validate_torsion.id 
_pdbx_validate_torsion.PDB_model_num 
_pdbx_validate_torsion.auth_comp_id 
_pdbx_validate_torsion.auth_asym_id 
_pdbx_validate_torsion.auth_seq_id 
_pdbx_validate_torsion.PDB_ins_code 
_pdbx_validate_torsion.label_alt_id 
_pdbx_validate_torsion.phi 
_pdbx_validate_torsion.psi 
1 1 CYS A 5   ? ? 84.88 132.99 
2 1 ALA A 125 ? ? 80.28 -6.00  
3 1 ILE A 141 ? ? 68.39 -62.02 
# 
loop_
_pdbx_unobs_or_zero_occ_atoms.id 
_pdbx_unobs_or_zero_occ_atoms.PDB_model_num 
_pdbx_unobs_or_zero_occ_atoms.polymer_flag 
_pdbx_unobs_or_zero_occ_atoms.occupancy_flag 
_pdbx_unobs_or_zero_occ_atoms.auth_asym_id 
_pdbx_unobs_or_zero_occ_atoms.auth_comp_id 
_pdbx_unobs_or_zero_occ_atoms.auth_seq_id 
_pdbx_unobs_or_zero_occ_atoms.PDB_ins_code 
_pdbx_unobs_or_zero_occ_atoms.auth_atom_id 
_pdbx_unobs_or_zero_occ_atoms.label_alt_id 
_pdbx_unobs_or_zero_occ_atoms.label_asym_id 
_pdbx_unobs_or_zero_occ_atoms.label_comp_id 
_pdbx_unobs_or_zero_occ_atoms.label_seq_id 
_pdbx_unobs_or_zero_occ_atoms.label_atom_id 
1 1 Y 0 A ASN 67 ? CA  B A ASN 70 CA  
2 1 Y 0 A ASN 67 ? CB  B A ASN 70 CB  
3 1 Y 0 A ASN 67 ? CG  B A ASN 70 CG  
4 1 Y 0 A ASN 67 ? OD1 B A ASN 70 OD1 
5 1 Y 0 A ASN 67 ? ND2 B A ASN 70 ND2 
# 
loop_
_pdbx_unobs_or_zero_occ_residues.id 
_pdbx_unobs_or_zero_occ_residues.PDB_model_num 
_pdbx_unobs_or_zero_occ_residues.polymer_flag 
_pdbx_unobs_or_zero_occ_residues.occupancy_flag 
_pdbx_unobs_or_zero_occ_residues.auth_asym_id 
_pdbx_unobs_or_zero_occ_residues.auth_comp_id 
_pdbx_unobs_or_zero_occ_residues.auth_seq_id 
_pdbx_unobs_or_zero_occ_residues.PDB_ins_code 
_pdbx_unobs_or_zero_occ_residues.label_asym_id 
_pdbx_unobs_or_zero_occ_residues.label_comp_id 
_pdbx_unobs_or_zero_occ_residues.label_seq_id 
1  1 Y 1 A GLY -2 ? A GLY 1  
2  1 Y 1 A PRO -1 ? A PRO 2  
3  1 Y 1 A GLY 0  ? A GLY 3  
4  1 Y 1 A SER 1  ? A SER 4  
5  1 Y 1 A ASP 2  ? A ASP 5  
6  1 Y 1 A LYS 3  ? A LYS 6  
7  1 Y 1 A LYS 36 ? A LYS 39 
8  1 Y 1 A GLY 37 ? A GLY 40 
9  1 Y 1 A THR 38 ? A THR 41 
10 1 Y 1 A SER 39 ? A SER 42 
11 1 Y 1 A ALA 40 ? A ALA 43 
12 1 Y 1 A ALA 41 ? A ALA 44 
13 1 Y 1 A ASP 42 ? A ASP 45 
14 1 Y 1 A ALA 43 ? A ALA 46 
15 1 Y 1 A VAL 44 ? A VAL 47 
16 1 Y 1 A GLU 45 ? A GLU 48 
17 1 Y 1 A VAL 46 ? A VAL 49 
18 1 Y 1 A PRO 47 ? A PRO 50 
19 1 Y 1 A ALA 48 ? A ALA 51 
20 1 Y 1 A PRO 49 ? A PRO 52 
21 1 Y 1 A ALA 50 ? A ALA 53 
22 1 Y 1 A ALA 51 ? A ALA 54 
23 1 Y 1 A VAL 52 ? A VAL 55 
24 1 Y 1 A LEU 53 ? A LEU 56 
# 
loop_
_chem_comp_atom.comp_id 
_chem_comp_atom.atom_id 
_chem_comp_atom.type_symbol 
_chem_comp_atom.pdbx_aromatic_flag 
_chem_comp_atom.pdbx_stereo_config 
_chem_comp_atom.pdbx_ordinal 
ALA N    N  N N 1   
ALA CA   C  N S 2   
ALA C    C  N N 3   
ALA O    O  N N 4   
ALA CB   C  N N 5   
ALA OXT  O  N N 6   
ALA H    H  N N 7   
ALA H2   H  N N 8   
ALA HA   H  N N 9   
ALA HB1  H  N N 10  
ALA HB2  H  N N 11  
ALA HB3  H  N N 12  
ALA HXT  H  N N 13  
ARG N    N  N N 14  
ARG CA   C  N S 15  
ARG C    C  N N 16  
ARG O    O  N N 17  
ARG CB   C  N N 18  
ARG CG   C  N N 19  
ARG CD   C  N N 20  
ARG NE   N  N N 21  
ARG CZ   C  N N 22  
ARG NH1  N  N N 23  
ARG NH2  N  N N 24  
ARG OXT  O  N N 25  
ARG H    H  N N 26  
ARG H2   H  N N 27  
ARG HA   H  N N 28  
ARG HB2  H  N N 29  
ARG HB3  H  N N 30  
ARG HG2  H  N N 31  
ARG HG3  H  N N 32  
ARG HD2  H  N N 33  
ARG HD3  H  N N 34  
ARG HE   H  N N 35  
ARG HH11 H  N N 36  
ARG HH12 H  N N 37  
ARG HH21 H  N N 38  
ARG HH22 H  N N 39  
ARG HXT  H  N N 40  
ASN N    N  N N 41  
ASN CA   C  N S 42  
ASN C    C  N N 43  
ASN O    O  N N 44  
ASN CB   C  N N 45  
ASN CG   C  N N 46  
ASN OD1  O  N N 47  
ASN ND2  N  N N 48  
ASN OXT  O  N N 49  
ASN H    H  N N 50  
ASN H2   H  N N 51  
ASN HA   H  N N 52  
ASN HB2  H  N N 53  
ASN HB3  H  N N 54  
ASN HD21 H  N N 55  
ASN HD22 H  N N 56  
ASN HXT  H  N N 57  
ASP N    N  N N 58  
ASP CA   C  N S 59  
ASP C    C  N N 60  
ASP O    O  N N 61  
ASP CB   C  N N 62  
ASP CG   C  N N 63  
ASP OD1  O  N N 64  
ASP OD2  O  N N 65  
ASP OXT  O  N N 66  
ASP H    H  N N 67  
ASP H2   H  N N 68  
ASP HA   H  N N 69  
ASP HB2  H  N N 70  
ASP HB3  H  N N 71  
ASP HD2  H  N N 72  
ASP HXT  H  N N 73  
CYS N    N  N N 74  
CYS CA   C  N R 75  
CYS C    C  N N 76  
CYS O    O  N N 77  
CYS CB   C  N N 78  
CYS SG   S  N N 79  
CYS OXT  O  N N 80  
CYS H    H  N N 81  
CYS H2   H  N N 82  
CYS HA   H  N N 83  
CYS HB2  H  N N 84  
CYS HB3  H  N N 85  
CYS HG   H  N N 86  
CYS HXT  H  N N 87  
GLN N    N  N N 88  
GLN CA   C  N S 89  
GLN C    C  N N 90  
GLN O    O  N N 91  
GLN CB   C  N N 92  
GLN CG   C  N N 93  
GLN CD   C  N N 94  
GLN OE1  O  N N 95  
GLN NE2  N  N N 96  
GLN OXT  O  N N 97  
GLN H    H  N N 98  
GLN H2   H  N N 99  
GLN HA   H  N N 100 
GLN HB2  H  N N 101 
GLN HB3  H  N N 102 
GLN HG2  H  N N 103 
GLN HG3  H  N N 104 
GLN HE21 H  N N 105 
GLN HE22 H  N N 106 
GLN HXT  H  N N 107 
GLU N    N  N N 108 
GLU CA   C  N S 109 
GLU C    C  N N 110 
GLU O    O  N N 111 
GLU CB   C  N N 112 
GLU CG   C  N N 113 
GLU CD   C  N N 114 
GLU OE1  O  N N 115 
GLU OE2  O  N N 116 
GLU OXT  O  N N 117 
GLU H    H  N N 118 
GLU H2   H  N N 119 
GLU HA   H  N N 120 
GLU HB2  H  N N 121 
GLU HB3  H  N N 122 
GLU HG2  H  N N 123 
GLU HG3  H  N N 124 
GLU HE2  H  N N 125 
GLU HXT  H  N N 126 
GLY N    N  N N 127 
GLY CA   C  N N 128 
GLY C    C  N N 129 
GLY O    O  N N 130 
GLY OXT  O  N N 131 
GLY H    H  N N 132 
GLY H2   H  N N 133 
GLY HA2  H  N N 134 
GLY HA3  H  N N 135 
GLY HXT  H  N N 136 
HIS N    N  N N 137 
HIS CA   C  N S 138 
HIS C    C  N N 139 
HIS O    O  N N 140 
HIS CB   C  N N 141 
HIS CG   C  Y N 142 
HIS ND1  N  Y N 143 
HIS CD2  C  Y N 144 
HIS CE1  C  Y N 145 
HIS NE2  N  Y N 146 
HIS OXT  O  N N 147 
HIS H    H  N N 148 
HIS H2   H  N N 149 
HIS HA   H  N N 150 
HIS HB2  H  N N 151 
HIS HB3  H  N N 152 
HIS HD1  H  N N 153 
HIS HD2  H  N N 154 
HIS HE1  H  N N 155 
HIS HE2  H  N N 156 
HIS HXT  H  N N 157 
HOH O    O  N N 158 
HOH H1   H  N N 159 
HOH H2   H  N N 160 
ILE N    N  N N 161 
ILE CA   C  N S 162 
ILE C    C  N N 163 
ILE O    O  N N 164 
ILE CB   C  N S 165 
ILE CG1  C  N N 166 
ILE CG2  C  N N 167 
ILE CD1  C  N N 168 
ILE OXT  O  N N 169 
ILE H    H  N N 170 
ILE H2   H  N N 171 
ILE HA   H  N N 172 
ILE HB   H  N N 173 
ILE HG12 H  N N 174 
ILE HG13 H  N N 175 
ILE HG21 H  N N 176 
ILE HG22 H  N N 177 
ILE HG23 H  N N 178 
ILE HD11 H  N N 179 
ILE HD12 H  N N 180 
ILE HD13 H  N N 181 
ILE HXT  H  N N 182 
LEU N    N  N N 183 
LEU CA   C  N S 184 
LEU C    C  N N 185 
LEU O    O  N N 186 
LEU CB   C  N N 187 
LEU CG   C  N N 188 
LEU CD1  C  N N 189 
LEU CD2  C  N N 190 
LEU OXT  O  N N 191 
LEU H    H  N N 192 
LEU H2   H  N N 193 
LEU HA   H  N N 194 
LEU HB2  H  N N 195 
LEU HB3  H  N N 196 
LEU HG   H  N N 197 
LEU HD11 H  N N 198 
LEU HD12 H  N N 199 
LEU HD13 H  N N 200 
LEU HD21 H  N N 201 
LEU HD22 H  N N 202 
LEU HD23 H  N N 203 
LEU HXT  H  N N 204 
LYS N    N  N N 205 
LYS CA   C  N S 206 
LYS C    C  N N 207 
LYS O    O  N N 208 
LYS CB   C  N N 209 
LYS CG   C  N N 210 
LYS CD   C  N N 211 
LYS CE   C  N N 212 
LYS NZ   N  N N 213 
LYS OXT  O  N N 214 
LYS H    H  N N 215 
LYS H2   H  N N 216 
LYS HA   H  N N 217 
LYS HB2  H  N N 218 
LYS HB3  H  N N 219 
LYS HG2  H  N N 220 
LYS HG3  H  N N 221 
LYS HD2  H  N N 222 
LYS HD3  H  N N 223 
LYS HE2  H  N N 224 
LYS HE3  H  N N 225 
LYS HZ1  H  N N 226 
LYS HZ2  H  N N 227 
LYS HZ3  H  N N 228 
LYS HXT  H  N N 229 
MET N    N  N N 230 
MET CA   C  N S 231 
MET C    C  N N 232 
MET O    O  N N 233 
MET CB   C  N N 234 
MET CG   C  N N 235 
MET SD   S  N N 236 
MET CE   C  N N 237 
MET OXT  O  N N 238 
MET H    H  N N 239 
MET H2   H  N N 240 
MET HA   H  N N 241 
MET HB2  H  N N 242 
MET HB3  H  N N 243 
MET HG2  H  N N 244 
MET HG3  H  N N 245 
MET HE1  H  N N 246 
MET HE2  H  N N 247 
MET HE3  H  N N 248 
MET HXT  H  N N 249 
OBG C1   C  Y N 250 
OBG N1   N  N N 251 
OBG O1   O  N N 252 
OBG C2   C  Y N 253 
OBG N2   N  Y N 254 
OBG C3   C  N N 255 
OBG N3   N  Y N 256 
OBG C4   C  Y N 257 
OBG N4   N  Y N 258 
OBG C5   C  Y N 259 
OBG N5   N  Y N 260 
OBG C6   C  Y N 261 
OBG C7   C  Y N 262 
OBG C8   C  Y N 263 
OBG C9   C  Y N 264 
OBG C10  C  Y N 265 
OBG C11  C  Y N 266 
OBG C12  C  Y N 267 
OBG HN1  H  N N 268 
OBG HN1A H  N N 269 
OBG H3   H  N N 270 
OBG H3A  H  N N 271 
OBG HN4  H  N N 272 
OBG H5   H  N N 273 
OBG H6   H  N N 274 
OBG H7   H  N N 275 
OBG H8   H  N N 276 
OBG H9   H  N N 277 
OBG H11  H  N N 278 
PHE N    N  N N 279 
PHE CA   C  N S 280 
PHE C    C  N N 281 
PHE O    O  N N 282 
PHE CB   C  N N 283 
PHE CG   C  Y N 284 
PHE CD1  C  Y N 285 
PHE CD2  C  Y N 286 
PHE CE1  C  Y N 287 
PHE CE2  C  Y N 288 
PHE CZ   C  Y N 289 
PHE OXT  O  N N 290 
PHE H    H  N N 291 
PHE H2   H  N N 292 
PHE HA   H  N N 293 
PHE HB2  H  N N 294 
PHE HB3  H  N N 295 
PHE HD1  H  N N 296 
PHE HD2  H  N N 297 
PHE HE1  H  N N 298 
PHE HE2  H  N N 299 
PHE HZ   H  N N 300 
PHE HXT  H  N N 301 
PRO N    N  N N 302 
PRO CA   C  N S 303 
PRO C    C  N N 304 
PRO O    O  N N 305 
PRO CB   C  N N 306 
PRO CG   C  N N 307 
PRO CD   C  N N 308 
PRO OXT  O  N N 309 
PRO H    H  N N 310 
PRO HA   H  N N 311 
PRO HB2  H  N N 312 
PRO HB3  H  N N 313 
PRO HG2  H  N N 314 
PRO HG3  H  N N 315 
PRO HD2  H  N N 316 
PRO HD3  H  N N 317 
PRO HXT  H  N N 318 
SER N    N  N N 319 
SER CA   C  N S 320 
SER C    C  N N 321 
SER O    O  N N 322 
SER CB   C  N N 323 
SER OG   O  N N 324 
SER OXT  O  N N 325 
SER H    H  N N 326 
SER H2   H  N N 327 
SER HA   H  N N 328 
SER HB2  H  N N 329 
SER HB3  H  N N 330 
SER HG   H  N N 331 
SER HXT  H  N N 332 
THR N    N  N N 333 
THR CA   C  N S 334 
THR C    C  N N 335 
THR O    O  N N 336 
THR CB   C  N R 337 
THR OG1  O  N N 338 
THR CG2  C  N N 339 
THR OXT  O  N N 340 
THR H    H  N N 341 
THR H2   H  N N 342 
THR HA   H  N N 343 
THR HB   H  N N 344 
THR HG1  H  N N 345 
THR HG21 H  N N 346 
THR HG22 H  N N 347 
THR HG23 H  N N 348 
THR HXT  H  N N 349 
TRP N    N  N N 350 
TRP CA   C  N S 351 
TRP C    C  N N 352 
TRP O    O  N N 353 
TRP CB   C  N N 354 
TRP CG   C  Y N 355 
TRP CD1  C  Y N 356 
TRP CD2  C  Y N 357 
TRP NE1  N  Y N 358 
TRP CE2  C  Y N 359 
TRP CE3  C  Y N 360 
TRP CZ2  C  Y N 361 
TRP CZ3  C  Y N 362 
TRP CH2  C  Y N 363 
TRP OXT  O  N N 364 
TRP H    H  N N 365 
TRP H2   H  N N 366 
TRP HA   H  N N 367 
TRP HB2  H  N N 368 
TRP HB3  H  N N 369 
TRP HD1  H  N N 370 
TRP HE1  H  N N 371 
TRP HE3  H  N N 372 
TRP HZ2  H  N N 373 
TRP HZ3  H  N N 374 
TRP HH2  H  N N 375 
TRP HXT  H  N N 376 
TYR N    N  N N 377 
TYR CA   C  N S 378 
TYR C    C  N N 379 
TYR O    O  N N 380 
TYR CB   C  N N 381 
TYR CG   C  Y N 382 
TYR CD1  C  Y N 383 
TYR CD2  C  Y N 384 
TYR CE1  C  Y N 385 
TYR CE2  C  Y N 386 
TYR CZ   C  Y N 387 
TYR OH   O  N N 388 
TYR OXT  O  N N 389 
TYR H    H  N N 390 
TYR H2   H  N N 391 
TYR HA   H  N N 392 
TYR HB2  H  N N 393 
TYR HB3  H  N N 394 
TYR HD1  H  N N 395 
TYR HD2  H  N N 396 
TYR HE1  H  N N 397 
TYR HE2  H  N N 398 
TYR HH   H  N N 399 
TYR HXT  H  N N 400 
VAL N    N  N N 401 
VAL CA   C  N S 402 
VAL C    C  N N 403 
VAL O    O  N N 404 
VAL CB   C  N N 405 
VAL CG1  C  N N 406 
VAL CG2  C  N N 407 
VAL OXT  O  N N 408 
VAL H    H  N N 409 
VAL H2   H  N N 410 
VAL HA   H  N N 411 
VAL HB   H  N N 412 
VAL HG11 H  N N 413 
VAL HG12 H  N N 414 
VAL HG13 H  N N 415 
VAL HG21 H  N N 416 
VAL HG22 H  N N 417 
VAL HG23 H  N N 418 
VAL HXT  H  N N 419 
ZN  ZN   ZN N N 420 
# 
loop_
_chem_comp_bond.comp_id 
_chem_comp_bond.atom_id_1 
_chem_comp_bond.atom_id_2 
_chem_comp_bond.value_order 
_chem_comp_bond.pdbx_aromatic_flag 
_chem_comp_bond.pdbx_stereo_config 
_chem_comp_bond.pdbx_ordinal 
ALA N   CA   sing N N 1   
ALA N   H    sing N N 2   
ALA N   H2   sing N N 3   
ALA CA  C    sing N N 4   
ALA CA  CB   sing N N 5   
ALA CA  HA   sing N N 6   
ALA C   O    doub N N 7   
ALA C   OXT  sing N N 8   
ALA CB  HB1  sing N N 9   
ALA CB  HB2  sing N N 10  
ALA CB  HB3  sing N N 11  
ALA OXT HXT  sing N N 12  
ARG N   CA   sing N N 13  
ARG N   H    sing N N 14  
ARG N   H2   sing N N 15  
ARG CA  C    sing N N 16  
ARG CA  CB   sing N N 17  
ARG CA  HA   sing N N 18  
ARG C   O    doub N N 19  
ARG C   OXT  sing N N 20  
ARG CB  CG   sing N N 21  
ARG CB  HB2  sing N N 22  
ARG CB  HB3  sing N N 23  
ARG CG  CD   sing N N 24  
ARG CG  HG2  sing N N 25  
ARG CG  HG3  sing N N 26  
ARG CD  NE   sing N N 27  
ARG CD  HD2  sing N N 28  
ARG CD  HD3  sing N N 29  
ARG NE  CZ   sing N N 30  
ARG NE  HE   sing N N 31  
ARG CZ  NH1  sing N N 32  
ARG CZ  NH2  doub N N 33  
ARG NH1 HH11 sing N N 34  
ARG NH1 HH12 sing N N 35  
ARG NH2 HH21 sing N N 36  
ARG NH2 HH22 sing N N 37  
ARG OXT HXT  sing N N 38  
ASN N   CA   sing N N 39  
ASN N   H    sing N N 40  
ASN N   H2   sing N N 41  
ASN CA  C    sing N N 42  
ASN CA  CB   sing N N 43  
ASN CA  HA   sing N N 44  
ASN C   O    doub N N 45  
ASN C   OXT  sing N N 46  
ASN CB  CG   sing N N 47  
ASN CB  HB2  sing N N 48  
ASN CB  HB3  sing N N 49  
ASN CG  OD1  doub N N 50  
ASN CG  ND2  sing N N 51  
ASN ND2 HD21 sing N N 52  
ASN ND2 HD22 sing N N 53  
ASN OXT HXT  sing N N 54  
ASP N   CA   sing N N 55  
ASP N   H    sing N N 56  
ASP N   H2   sing N N 57  
ASP CA  C    sing N N 58  
ASP CA  CB   sing N N 59  
ASP CA  HA   sing N N 60  
ASP C   O    doub N N 61  
ASP C   OXT  sing N N 62  
ASP CB  CG   sing N N 63  
ASP CB  HB2  sing N N 64  
ASP CB  HB3  sing N N 65  
ASP CG  OD1  doub N N 66  
ASP CG  OD2  sing N N 67  
ASP OD2 HD2  sing N N 68  
ASP OXT HXT  sing N N 69  
CYS N   CA   sing N N 70  
CYS N   H    sing N N 71  
CYS N   H2   sing N N 72  
CYS CA  C    sing N N 73  
CYS CA  CB   sing N N 74  
CYS CA  HA   sing N N 75  
CYS C   O    doub N N 76  
CYS C   OXT  sing N N 77  
CYS CB  SG   sing N N 78  
CYS CB  HB2  sing N N 79  
CYS CB  HB3  sing N N 80  
CYS SG  HG   sing N N 81  
CYS OXT HXT  sing N N 82  
GLN N   CA   sing N N 83  
GLN N   H    sing N N 84  
GLN N   H2   sing N N 85  
GLN CA  C    sing N N 86  
GLN CA  CB   sing N N 87  
GLN CA  HA   sing N N 88  
GLN C   O    doub N N 89  
GLN C   OXT  sing N N 90  
GLN CB  CG   sing N N 91  
GLN CB  HB2  sing N N 92  
GLN CB  HB3  sing N N 93  
GLN CG  CD   sing N N 94  
GLN CG  HG2  sing N N 95  
GLN CG  HG3  sing N N 96  
GLN CD  OE1  doub N N 97  
GLN CD  NE2  sing N N 98  
GLN NE2 HE21 sing N N 99  
GLN NE2 HE22 sing N N 100 
GLN OXT HXT  sing N N 101 
GLU N   CA   sing N N 102 
GLU N   H    sing N N 103 
GLU N   H2   sing N N 104 
GLU CA  C    sing N N 105 
GLU CA  CB   sing N N 106 
GLU CA  HA   sing N N 107 
GLU C   O    doub N N 108 
GLU C   OXT  sing N N 109 
GLU CB  CG   sing N N 110 
GLU CB  HB2  sing N N 111 
GLU CB  HB3  sing N N 112 
GLU CG  CD   sing N N 113 
GLU CG  HG2  sing N N 114 
GLU CG  HG3  sing N N 115 
GLU CD  OE1  doub N N 116 
GLU CD  OE2  sing N N 117 
GLU OE2 HE2  sing N N 118 
GLU OXT HXT  sing N N 119 
GLY N   CA   sing N N 120 
GLY N   H    sing N N 121 
GLY N   H2   sing N N 122 
GLY CA  C    sing N N 123 
GLY CA  HA2  sing N N 124 
GLY CA  HA3  sing N N 125 
GLY C   O    doub N N 126 
GLY C   OXT  sing N N 127 
GLY OXT HXT  sing N N 128 
HIS N   CA   sing N N 129 
HIS N   H    sing N N 130 
HIS N   H2   sing N N 131 
HIS CA  C    sing N N 132 
HIS CA  CB   sing N N 133 
HIS CA  HA   sing N N 134 
HIS C   O    doub N N 135 
HIS C   OXT  sing N N 136 
HIS CB  CG   sing N N 137 
HIS CB  HB2  sing N N 138 
HIS CB  HB3  sing N N 139 
HIS CG  ND1  sing Y N 140 
HIS CG  CD2  doub Y N 141 
HIS ND1 CE1  doub Y N 142 
HIS ND1 HD1  sing N N 143 
HIS CD2 NE2  sing Y N 144 
HIS CD2 HD2  sing N N 145 
HIS CE1 NE2  sing Y N 146 
HIS CE1 HE1  sing N N 147 
HIS NE2 HE2  sing N N 148 
HIS OXT HXT  sing N N 149 
HOH O   H1   sing N N 150 
HOH O   H2   sing N N 151 
ILE N   CA   sing N N 152 
ILE N   H    sing N N 153 
ILE N   H2   sing N N 154 
ILE CA  C    sing N N 155 
ILE CA  CB   sing N N 156 
ILE CA  HA   sing N N 157 
ILE C   O    doub N N 158 
ILE C   OXT  sing N N 159 
ILE CB  CG1  sing N N 160 
ILE CB  CG2  sing N N 161 
ILE CB  HB   sing N N 162 
ILE CG1 CD1  sing N N 163 
ILE CG1 HG12 sing N N 164 
ILE CG1 HG13 sing N N 165 
ILE CG2 HG21 sing N N 166 
ILE CG2 HG22 sing N N 167 
ILE CG2 HG23 sing N N 168 
ILE CD1 HD11 sing N N 169 
ILE CD1 HD12 sing N N 170 
ILE CD1 HD13 sing N N 171 
ILE OXT HXT  sing N N 172 
LEU N   CA   sing N N 173 
LEU N   H    sing N N 174 
LEU N   H2   sing N N 175 
LEU CA  C    sing N N 176 
LEU CA  CB   sing N N 177 
LEU CA  HA   sing N N 178 
LEU C   O    doub N N 179 
LEU C   OXT  sing N N 180 
LEU CB  CG   sing N N 181 
LEU CB  HB2  sing N N 182 
LEU CB  HB3  sing N N 183 
LEU CG  CD1  sing N N 184 
LEU CG  CD2  sing N N 185 
LEU CG  HG   sing N N 186 
LEU CD1 HD11 sing N N 187 
LEU CD1 HD12 sing N N 188 
LEU CD1 HD13 sing N N 189 
LEU CD2 HD21 sing N N 190 
LEU CD2 HD22 sing N N 191 
LEU CD2 HD23 sing N N 192 
LEU OXT HXT  sing N N 193 
LYS N   CA   sing N N 194 
LYS N   H    sing N N 195 
LYS N   H2   sing N N 196 
LYS CA  C    sing N N 197 
LYS CA  CB   sing N N 198 
LYS CA  HA   sing N N 199 
LYS C   O    doub N N 200 
LYS C   OXT  sing N N 201 
LYS CB  CG   sing N N 202 
LYS CB  HB2  sing N N 203 
LYS CB  HB3  sing N N 204 
LYS CG  CD   sing N N 205 
LYS CG  HG2  sing N N 206 
LYS CG  HG3  sing N N 207 
LYS CD  CE   sing N N 208 
LYS CD  HD2  sing N N 209 
LYS CD  HD3  sing N N 210 
LYS CE  NZ   sing N N 211 
LYS CE  HE2  sing N N 212 
LYS CE  HE3  sing N N 213 
LYS NZ  HZ1  sing N N 214 
LYS NZ  HZ2  sing N N 215 
LYS NZ  HZ3  sing N N 216 
LYS OXT HXT  sing N N 217 
MET N   CA   sing N N 218 
MET N   H    sing N N 219 
MET N   H2   sing N N 220 
MET CA  C    sing N N 221 
MET CA  CB   sing N N 222 
MET CA  HA   sing N N 223 
MET C   O    doub N N 224 
MET C   OXT  sing N N 225 
MET CB  CG   sing N N 226 
MET CB  HB2  sing N N 227 
MET CB  HB3  sing N N 228 
MET CG  SD   sing N N 229 
MET CG  HG2  sing N N 230 
MET CG  HG3  sing N N 231 
MET SD  CE   sing N N 232 
MET CE  HE1  sing N N 233 
MET CE  HE2  sing N N 234 
MET CE  HE3  sing N N 235 
MET OXT HXT  sing N N 236 
OBG C1  N1   sing N N 237 
OBG C1  N2   doub Y N 238 
OBG C1  N5   sing Y N 239 
OBG O1  C2   sing N N 240 
OBG O1  C3   sing N N 241 
OBG C2  N2   sing Y N 242 
OBG C2  C10  doub Y N 243 
OBG C3  C4   sing N N 244 
OBG N3  C10  sing Y N 245 
OBG N3  C11  doub Y N 246 
OBG C4  C5   doub Y N 247 
OBG C4  C9   sing Y N 248 
OBG N4  C11  sing Y N 249 
OBG N4  C12  sing Y N 250 
OBG C5  C6   sing Y N 251 
OBG N5  C12  doub Y N 252 
OBG C6  C7   doub Y N 253 
OBG C7  C8   sing Y N 254 
OBG C8  C9   doub Y N 255 
OBG C10 C12  sing Y N 256 
OBG N1  HN1  sing N N 257 
OBG N1  HN1A sing N N 258 
OBG C3  H3   sing N N 259 
OBG C3  H3A  sing N N 260 
OBG N4  HN4  sing N N 261 
OBG C5  H5   sing N N 262 
OBG C6  H6   sing N N 263 
OBG C7  H7   sing N N 264 
OBG C8  H8   sing N N 265 
OBG C9  H9   sing N N 266 
OBG C11 H11  sing N N 267 
PHE N   CA   sing N N 268 
PHE N   H    sing N N 269 
PHE N   H2   sing N N 270 
PHE CA  C    sing N N 271 
PHE CA  CB   sing N N 272 
PHE CA  HA   sing N N 273 
PHE C   O    doub N N 274 
PHE C   OXT  sing N N 275 
PHE CB  CG   sing N N 276 
PHE CB  HB2  sing N N 277 
PHE CB  HB3  sing N N 278 
PHE CG  CD1  doub Y N 279 
PHE CG  CD2  sing Y N 280 
PHE CD1 CE1  sing Y N 281 
PHE CD1 HD1  sing N N 282 
PHE CD2 CE2  doub Y N 283 
PHE CD2 HD2  sing N N 284 
PHE CE1 CZ   doub Y N 285 
PHE CE1 HE1  sing N N 286 
PHE CE2 CZ   sing Y N 287 
PHE CE2 HE2  sing N N 288 
PHE CZ  HZ   sing N N 289 
PHE OXT HXT  sing N N 290 
PRO N   CA   sing N N 291 
PRO N   CD   sing N N 292 
PRO N   H    sing N N 293 
PRO CA  C    sing N N 294 
PRO CA  CB   sing N N 295 
PRO CA  HA   sing N N 296 
PRO C   O    doub N N 297 
PRO C   OXT  sing N N 298 
PRO CB  CG   sing N N 299 
PRO CB  HB2  sing N N 300 
PRO CB  HB3  sing N N 301 
PRO CG  CD   sing N N 302 
PRO CG  HG2  sing N N 303 
PRO CG  HG3  sing N N 304 
PRO CD  HD2  sing N N 305 
PRO CD  HD3  sing N N 306 
PRO OXT HXT  sing N N 307 
SER N   CA   sing N N 308 
SER N   H    sing N N 309 
SER N   H2   sing N N 310 
SER CA  C    sing N N 311 
SER CA  CB   sing N N 312 
SER CA  HA   sing N N 313 
SER C   O    doub N N 314 
SER C   OXT  sing N N 315 
SER CB  OG   sing N N 316 
SER CB  HB2  sing N N 317 
SER CB  HB3  sing N N 318 
SER OG  HG   sing N N 319 
SER OXT HXT  sing N N 320 
THR N   CA   sing N N 321 
THR N   H    sing N N 322 
THR N   H2   sing N N 323 
THR CA  C    sing N N 324 
THR CA  CB   sing N N 325 
THR CA  HA   sing N N 326 
THR C   O    doub N N 327 
THR C   OXT  sing N N 328 
THR CB  OG1  sing N N 329 
THR CB  CG2  sing N N 330 
THR CB  HB   sing N N 331 
THR OG1 HG1  sing N N 332 
THR CG2 HG21 sing N N 333 
THR CG2 HG22 sing N N 334 
THR CG2 HG23 sing N N 335 
THR OXT HXT  sing N N 336 
TRP N   CA   sing N N 337 
TRP N   H    sing N N 338 
TRP N   H2   sing N N 339 
TRP CA  C    sing N N 340 
TRP CA  CB   sing N N 341 
TRP CA  HA   sing N N 342 
TRP C   O    doub N N 343 
TRP C   OXT  sing N N 344 
TRP CB  CG   sing N N 345 
TRP CB  HB2  sing N N 346 
TRP CB  HB3  sing N N 347 
TRP CG  CD1  doub Y N 348 
TRP CG  CD2  sing Y N 349 
TRP CD1 NE1  sing Y N 350 
TRP CD1 HD1  sing N N 351 
TRP CD2 CE2  doub Y N 352 
TRP CD2 CE3  sing Y N 353 
TRP NE1 CE2  sing Y N 354 
TRP NE1 HE1  sing N N 355 
TRP CE2 CZ2  sing Y N 356 
TRP CE3 CZ3  doub Y N 357 
TRP CE3 HE3  sing N N 358 
TRP CZ2 CH2  doub Y N 359 
TRP CZ2 HZ2  sing N N 360 
TRP CZ3 CH2  sing Y N 361 
TRP CZ3 HZ3  sing N N 362 
TRP CH2 HH2  sing N N 363 
TRP OXT HXT  sing N N 364 
TYR N   CA   sing N N 365 
TYR N   H    sing N N 366 
TYR N   H2   sing N N 367 
TYR CA  C    sing N N 368 
TYR CA  CB   sing N N 369 
TYR CA  HA   sing N N 370 
TYR C   O    doub N N 371 
TYR C   OXT  sing N N 372 
TYR CB  CG   sing N N 373 
TYR CB  HB2  sing N N 374 
TYR CB  HB3  sing N N 375 
TYR CG  CD1  doub Y N 376 
TYR CG  CD2  sing Y N 377 
TYR CD1 CE1  sing Y N 378 
TYR CD1 HD1  sing N N 379 
TYR CD2 CE2  doub Y N 380 
TYR CD2 HD2  sing N N 381 
TYR CE1 CZ   doub Y N 382 
TYR CE1 HE1  sing N N 383 
TYR CE2 CZ   sing Y N 384 
TYR CE2 HE2  sing N N 385 
TYR CZ  OH   sing N N 386 
TYR OH  HH   sing N N 387 
TYR OXT HXT  sing N N 388 
VAL N   CA   sing N N 389 
VAL N   H    sing N N 390 
VAL N   H2   sing N N 391 
VAL CA  C    sing N N 392 
VAL CA  CB   sing N N 393 
VAL CA  HA   sing N N 394 
VAL C   O    doub N N 395 
VAL C   OXT  sing N N 396 
VAL CB  CG1  sing N N 397 
VAL CB  CG2  sing N N 398 
VAL CB  HB   sing N N 399 
VAL CG1 HG11 sing N N 400 
VAL CG1 HG12 sing N N 401 
VAL CG1 HG13 sing N N 402 
VAL CG2 HG21 sing N N 403 
VAL CG2 HG22 sing N N 404 
VAL CG2 HG23 sing N N 405 
VAL OXT HXT  sing N N 406 
# 
loop_
_pdbx_entity_nonpoly.entity_id 
_pdbx_entity_nonpoly.name 
_pdbx_entity_nonpoly.comp_id 
2 'ZINC ION'                       ZN  
3 '6-(benzyloxy)-9H-purin-2-amine' OBG 
4 water                            HOH 
# 
_pdbx_initial_refinement_model.id               1 
_pdbx_initial_refinement_model.entity_id_list   ? 
_pdbx_initial_refinement_model.type             'experimental model' 
_pdbx_initial_refinement_model.source_name      PDB 
_pdbx_initial_refinement_model.accession_code   3KZY 
_pdbx_initial_refinement_model.details          'PDB ENTRY 3KZY' 
# 
